data_5JJ4
#
_entry.id   5JJ4
#
_cell.length_a   106.793
_cell.length_b   96.806
_cell.length_c   108.692
_cell.angle_alpha   90.00
_cell.angle_beta   102.86
_cell.angle_gamma   90.00
#
_symmetry.space_group_name_H-M   'P 1 21 1'
#
loop_
_entity.id
_entity.type
_entity.pdbx_description
1 polymer 'Maltose-binding periplasmic protein,Single-stranded DNA cytosine deaminase'
2 branched alpha-D-glucopyranose-(1-4)-alpha-D-glucopyranose-(1-4)-alpha-D-glucopyranose-(1-4)-alpha-D-glucopyranose
3 non-polymer 'ZINC ION'
4 non-polymer 'CALCIUM ION'
5 water water
#
_entity_poly.entity_id   1
_entity_poly.type   'polypeptide(L)'
_entity_poly.pdbx_seq_one_letter_code
;KIEEGKLVIWINGDKGYNGLAEVGKKFEKDTGIKVTVEHPDKLEEKFPQVAATGDGPDIIFWAHDRFGGYAQSGLLAEIT
PDKAFQDKLYPFTWDAVRYNGKLIAYPIAVEALSLIYNKDLLPNPPKTWEEIPALDKELKAKGKSALMFNLQEPYFTWPL
IAADGGYAFKYENGKYDIKDVGVDNAGAKAGLTFLVDLIKNKHMNADTDYSIAEAAFNKGETAMTINGPWAWSNIDTSKV
NYGVTVLPTFKGQPSKPFVGVLSAGINAASPNKELAKEFLENYLLTDEGLEAVNKDKPLGAVALKSYEEELAKDPRIAAT
MENAQKGEIMPNIPQMSAFWYAVRTAVINAASGRQTVDAALAAAQTNAAALMDPHIFTSNFNNGIGRHKTYLCYEVERLD
SATSFSLDFGYLRNKNGCHVELLFLRYISDWDLDPGRCYRVTWFTSWSPCYDCARHVADFLRGNPNLSLRIFTARLYFCE
DRKAEPEGLRRLHRAGVQIAIMTFKDYFYCWNTFVENHERTFKAWEGLHENSVRLSRQLRRILLPL
;
_entity_poly.pdbx_strand_id   C,A,B
#
# COMPACT_ATOMS: atom_id res chain seq x y z
N LYS A 1 29.06 18.91 15.54
CA LYS A 1 28.82 18.64 16.98
C LYS A 1 29.89 17.70 17.54
N ILE A 2 31.12 17.85 17.04
CA ILE A 2 32.25 17.07 17.50
C ILE A 2 33.26 18.00 18.17
N GLU A 3 33.65 17.67 19.40
CA GLU A 3 34.54 18.52 20.18
C GLU A 3 35.94 18.64 19.56
N GLU A 4 36.45 19.87 19.53
CA GLU A 4 37.79 20.13 19.01
C GLU A 4 38.86 19.91 20.09
N GLY A 5 40.05 19.52 19.66
CA GLY A 5 41.17 19.33 20.56
C GLY A 5 41.00 18.11 21.44
N LYS A 6 40.25 17.13 20.93
CA LYS A 6 39.99 15.89 21.64
C LYS A 6 39.76 14.80 20.62
N LEU A 7 40.01 13.54 21.02
CA LEU A 7 39.68 12.41 20.18
C LEU A 7 38.71 11.47 20.87
N VAL A 8 37.61 11.17 20.18
CA VAL A 8 36.72 10.09 20.58
C VAL A 8 36.90 8.97 19.58
N ILE A 9 37.00 7.75 20.09
CA ILE A 9 37.20 6.57 19.27
C ILE A 9 36.06 5.58 19.49
N TRP A 10 35.57 4.98 18.41
CA TRP A 10 34.62 3.89 18.49
C TRP A 10 35.27 2.61 18.01
N ILE A 11 35.26 1.59 18.86
CA ILE A 11 35.72 0.26 18.51
C ILE A 11 34.70 -0.74 19.01
N ASN A 12 34.65 -1.93 18.42
CA ASN A 12 33.69 -2.92 18.86
C ASN A 12 34.10 -3.53 20.19
N GLY A 13 33.11 -3.99 20.96
CA GLY A 13 33.33 -4.47 22.31
C GLY A 13 34.13 -5.75 22.41
N ASP A 14 34.21 -6.51 21.32
CA ASP A 14 34.93 -7.78 21.35
C ASP A 14 36.44 -7.59 21.13
N LYS A 15 36.86 -6.36 20.84
CA LYS A 15 38.27 -6.05 20.66
C LYS A 15 38.89 -5.57 21.97
N GLY A 16 40.20 -5.37 21.95
CA GLY A 16 40.93 -4.95 23.14
C GLY A 16 40.85 -3.45 23.36
N TYR A 17 39.65 -2.97 23.69
CA TYR A 17 39.42 -1.53 23.81
C TYR A 17 40.09 -0.90 25.03
N ASN A 18 40.43 -1.71 26.03
CA ASN A 18 41.18 -1.19 27.18
C ASN A 18 42.64 -0.99 26.82
N GLY A 19 43.22 -1.98 26.14
CA GLY A 19 44.55 -1.86 25.61
C GLY A 19 44.70 -0.62 24.76
N LEU A 20 43.66 -0.31 24.00
CA LEU A 20 43.67 0.88 23.15
C LEU A 20 43.58 2.15 23.99
N ALA A 21 42.79 2.12 25.05
CA ALA A 21 42.60 3.30 25.90
C ALA A 21 43.91 3.71 26.55
N GLU A 22 44.81 2.74 26.76
CA GLU A 22 46.13 3.01 27.32
C GLU A 22 46.98 3.78 26.32
N VAL A 23 46.90 3.39 25.06
CA VAL A 23 47.62 4.10 24.00
C VAL A 23 47.10 5.53 23.94
N GLY A 24 45.83 5.71 24.28
CA GLY A 24 45.25 7.05 24.36
C GLY A 24 45.80 7.79 25.55
N LYS A 25 46.19 7.05 26.59
CA LYS A 25 46.78 7.64 27.79
C LYS A 25 48.22 8.08 27.52
N LYS A 26 49.01 7.21 26.92
CA LYS A 26 50.37 7.55 26.50
C LYS A 26 50.30 8.77 25.60
N PHE A 27 49.35 8.75 24.68
CA PHE A 27 49.15 9.85 23.74
C PHE A 27 48.77 11.13 24.48
N GLU A 28 47.96 10.98 25.53
CA GLU A 28 47.51 12.12 26.32
C GLU A 28 48.66 12.72 27.13
N LYS A 29 49.53 11.86 27.63
CA LYS A 29 50.67 12.30 28.42
C LYS A 29 51.71 13.02 27.56
N ASP A 30 51.82 12.64 26.30
CA ASP A 30 52.82 13.23 25.40
C ASP A 30 52.28 14.40 24.58
N THR A 31 51.03 14.77 24.78
CA THR A 31 50.41 15.81 23.97
C THR A 31 49.37 16.65 24.73
N GLY A 32 48.85 16.11 25.82
CA GLY A 32 47.84 16.80 26.60
C GLY A 32 46.42 16.57 26.11
N ILE A 33 46.28 15.93 24.95
CA ILE A 33 44.97 15.70 24.33
C ILE A 33 44.27 14.46 24.89
N LYS A 34 43.11 14.65 25.49
CA LYS A 34 42.30 13.53 25.99
C LYS A 34 41.83 12.61 24.86
N VAL A 35 41.83 11.31 25.14
CA VAL A 35 41.34 10.31 24.18
C VAL A 35 40.30 9.41 24.84
N THR A 36 39.03 9.65 24.53
CA THR A 36 37.94 8.80 24.98
C THR A 36 37.77 7.61 24.03
N VAL A 37 37.60 6.41 24.61
CA VAL A 37 37.36 5.20 23.83
C VAL A 37 36.04 4.55 24.22
N GLU A 38 35.05 4.73 23.36
CA GLU A 38 33.71 4.18 23.57
C GLU A 38 33.53 2.95 22.69
N HIS A 39 32.62 2.06 23.10
CA HIS A 39 32.31 0.87 22.31
C HIS A 39 30.81 0.60 22.32
N PRO A 40 30.03 1.45 21.65
CA PRO A 40 28.56 1.29 21.60
C PRO A 40 28.14 0.04 20.83
N ASP A 41 26.97 -0.49 21.17
CA ASP A 41 26.40 -1.59 20.40
C ASP A 41 26.05 -1.07 19.01
N LYS A 42 26.23 -1.91 18.00
CA LYS A 42 25.83 -1.57 16.64
C LYS A 42 26.51 -0.29 16.16
N LEU A 43 27.74 -0.08 16.60
CA LEU A 43 28.49 1.13 16.24
C LEU A 43 28.62 1.23 14.72
N GLU A 44 28.67 0.07 14.07
CA GLU A 44 28.80 0.03 12.61
C GLU A 44 27.52 0.54 11.94
N GLU A 45 26.39 0.39 12.63
CA GLU A 45 25.12 0.91 12.15
C GLU A 45 24.92 2.35 12.60
N LYS A 46 25.37 2.68 13.80
CA LYS A 46 25.16 4.01 14.36
C LYS A 46 25.98 5.07 13.64
N PHE A 47 27.20 4.70 13.24
CA PHE A 47 28.12 5.65 12.65
C PHE A 47 27.55 6.41 11.45
N PRO A 48 27.08 5.71 10.41
CA PRO A 48 26.56 6.42 9.23
C PRO A 48 25.41 7.38 9.53
N GLN A 49 24.62 7.05 10.56
CA GLN A 49 23.47 7.87 10.95
C GLN A 49 23.90 9.19 11.56
N VAL A 50 24.82 9.12 12.52
CA VAL A 50 25.30 10.32 13.20
C VAL A 50 26.29 11.09 12.34
N ALA A 51 27.13 10.37 11.60
CA ALA A 51 28.19 10.98 10.81
C ALA A 51 27.64 11.82 9.67
N ALA A 52 26.40 11.54 9.26
CA ALA A 52 25.79 12.20 8.12
C ALA A 52 25.35 13.62 8.47
N THR A 53 25.37 13.94 9.76
CA THR A 53 24.90 15.23 10.24
C THR A 53 26.02 16.01 10.94
N GLY A 54 27.24 15.51 10.84
CA GLY A 54 28.39 16.18 11.43
C GLY A 54 28.67 15.81 12.89
N ASP A 55 28.12 14.68 13.32
CA ASP A 55 28.41 14.14 14.65
C ASP A 55 29.15 12.81 14.52
N GLY A 56 29.28 12.10 15.63
CA GLY A 56 30.00 10.82 15.64
C GLY A 56 31.37 10.96 16.26
N PRO A 57 32.15 9.88 16.24
CA PRO A 57 33.52 9.87 16.77
C PRO A 57 34.52 10.44 15.75
N ASP A 58 35.77 10.59 16.16
CA ASP A 58 36.80 11.07 15.24
C ASP A 58 37.39 9.89 14.48
N ILE A 59 37.45 8.75 15.15
CA ILE A 59 38.00 7.53 14.55
C ILE A 59 37.03 6.39 14.80
N ILE A 60 36.77 5.61 13.75
CA ILE A 60 35.94 4.42 13.88
C ILE A 60 36.75 3.17 13.52
N PHE A 61 36.68 2.15 14.37
CA PHE A 61 37.31 0.87 14.12
C PHE A 61 36.27 -0.19 13.77
N TRP A 62 36.48 -0.83 12.63
CA TRP A 62 35.67 -1.97 12.23
C TRP A 62 36.44 -2.71 11.15
N ALA A 63 36.01 -3.92 10.83
CA ALA A 63 36.57 -4.64 9.70
C ALA A 63 36.36 -3.80 8.44
N HIS A 64 37.16 -4.05 7.41
CA HIS A 64 37.22 -3.15 6.26
C HIS A 64 36.04 -3.32 5.31
N ASP A 65 35.27 -4.39 5.50
CA ASP A 65 34.18 -4.72 4.58
C ASP A 65 33.07 -3.65 4.59
N ARG A 66 33.02 -2.85 5.65
CA ARG A 66 31.98 -1.84 5.77
C ARG A 66 32.39 -0.43 5.34
N PHE A 67 33.64 -0.26 4.94
CA PHE A 67 34.17 1.08 4.70
C PHE A 67 33.84 1.66 3.31
N GLY A 68 33.67 0.81 2.30
CA GLY A 68 33.24 1.29 1.00
C GLY A 68 31.92 2.03 1.09
N GLY A 69 31.02 1.50 1.91
CA GLY A 69 29.74 2.15 2.14
C GLY A 69 29.92 3.52 2.76
N TYR A 70 30.70 3.59 3.83
CA TYR A 70 30.95 4.85 4.51
C TYR A 70 31.54 5.87 3.55
N ALA A 71 32.43 5.40 2.67
CA ALA A 71 33.11 6.26 1.71
C ALA A 71 32.15 6.78 0.64
N GLN A 72 31.24 5.93 0.17
CA GLN A 72 30.27 6.33 -0.82
C GLN A 72 29.38 7.45 -0.28
N SER A 73 29.06 7.36 1.00
CA SER A 73 28.19 8.35 1.64
C SER A 73 28.93 9.66 1.96
N GLY A 74 30.25 9.66 1.81
CA GLY A 74 31.04 10.87 2.02
C GLY A 74 31.32 11.12 3.50
N LEU A 75 31.48 10.04 4.25
CA LEU A 75 31.62 10.13 5.70
C LEU A 75 33.07 10.03 6.18
N LEU A 76 33.97 9.63 5.29
CA LEU A 76 35.36 9.42 5.65
C LEU A 76 36.27 10.50 5.10
N ALA A 77 37.25 10.90 5.91
CA ALA A 77 38.30 11.79 5.45
C ALA A 77 39.29 10.97 4.66
N GLU A 78 39.95 11.59 3.69
CA GLU A 78 40.98 10.90 2.94
C GLU A 78 42.25 10.86 3.78
N ILE A 79 42.72 9.64 4.09
CA ILE A 79 43.99 9.48 4.77
C ILE A 79 45.10 9.60 3.74
N THR A 80 46.23 10.16 4.17
CA THR A 80 47.33 10.43 3.25
C THR A 80 48.66 10.21 3.94
N PRO A 81 49.09 8.93 4.05
CA PRO A 81 50.38 8.59 4.63
C PRO A 81 51.50 8.61 3.60
N ASP A 82 52.65 9.17 3.97
CA ASP A 82 53.80 9.25 3.08
C ASP A 82 54.27 7.86 2.67
N LYS A 83 55.12 7.80 1.64
CA LYS A 83 55.62 6.54 1.11
C LYS A 83 56.40 5.79 2.18
N ALA A 84 57.01 6.55 3.09
CA ALA A 84 57.77 5.96 4.18
C ALA A 84 56.85 5.11 5.06
N PHE A 85 55.69 5.65 5.42
CA PHE A 85 54.77 4.94 6.31
C PHE A 85 54.12 3.73 5.63
N GLN A 86 53.79 3.85 4.36
CA GLN A 86 53.16 2.76 3.64
C GLN A 86 54.05 1.53 3.56
N ASP A 87 55.36 1.74 3.71
CA ASP A 87 56.32 0.63 3.72
C ASP A 87 56.25 -0.13 5.03
N LYS A 88 55.92 0.56 6.11
CA LYS A 88 55.86 -0.05 7.43
C LYS A 88 54.82 -1.17 7.48
N LEU A 89 53.81 -1.08 6.61
CA LEU A 89 52.69 -2.03 6.61
C LEU A 89 52.71 -2.93 5.40
N TYR A 90 52.26 -4.18 5.59
CA TYR A 90 52.20 -5.16 4.50
C TYR A 90 51.39 -4.61 3.32
N PRO A 91 51.88 -4.81 2.08
CA PRO A 91 51.17 -4.29 0.90
C PRO A 91 49.72 -4.74 0.79
N PHE A 92 49.43 -6.01 1.04
CA PHE A 92 48.09 -6.55 0.80
C PHE A 92 47.05 -5.97 1.76
N THR A 93 47.49 -5.51 2.92
CA THR A 93 46.57 -4.91 3.88
C THR A 93 46.18 -3.49 3.44
N TRP A 94 47.07 -2.82 2.71
CA TRP A 94 46.73 -1.52 2.15
C TRP A 94 45.68 -1.68 1.06
N ASP A 95 45.74 -2.81 0.35
CA ASP A 95 44.81 -3.08 -0.75
C ASP A 95 43.39 -3.30 -0.23
N ALA A 96 43.28 -3.72 1.03
CA ALA A 96 41.99 -3.97 1.65
C ALA A 96 41.23 -2.67 1.96
N VAL A 97 41.96 -1.55 2.05
CA VAL A 97 41.35 -0.25 2.34
C VAL A 97 41.50 0.70 1.16
N ARG A 98 41.69 0.16 -0.03
CA ARG A 98 41.72 0.96 -1.24
C ARG A 98 40.35 0.95 -1.91
N TYR A 99 39.77 2.13 -2.09
CA TYR A 99 38.48 2.28 -2.74
C TYR A 99 38.39 3.61 -3.46
N ASN A 100 37.81 3.60 -4.65
CA ASN A 100 37.59 4.82 -5.42
C ASN A 100 38.90 5.58 -5.64
N GLY A 101 39.99 4.85 -5.82
CA GLY A 101 41.29 5.44 -6.12
C GLY A 101 42.01 6.07 -4.94
N LYS A 102 41.34 6.12 -3.79
CA LYS A 102 41.92 6.73 -2.59
C LYS A 102 42.20 5.67 -1.55
N LEU A 103 42.91 6.06 -0.50
CA LEU A 103 43.00 5.28 0.73
C LEU A 103 42.01 5.89 1.73
N ILE A 104 41.21 5.03 2.35
CA ILE A 104 40.08 5.49 3.14
C ILE A 104 40.23 5.12 4.62
N ALA A 105 41.20 4.26 4.94
CA ALA A 105 41.39 3.81 6.31
C ALA A 105 42.80 3.23 6.55
N TYR A 106 43.20 3.17 7.80
CA TYR A 106 44.47 2.55 8.19
C TYR A 106 44.23 1.10 8.58
N PRO A 107 44.91 0.15 7.92
CA PRO A 107 44.75 -1.24 8.36
C PRO A 107 45.52 -1.50 9.65
N ILE A 108 44.93 -2.28 10.55
CA ILE A 108 45.52 -2.57 11.84
C ILE A 108 45.98 -4.02 11.94
N ALA A 109 45.11 -4.96 11.58
CA ALA A 109 45.41 -6.37 11.76
C ALA A 109 44.49 -7.26 10.93
N VAL A 110 44.98 -8.47 10.63
CA VAL A 110 44.24 -9.44 9.85
C VAL A 110 43.57 -10.45 10.76
N GLU A 111 42.25 -10.57 10.60
CA GLU A 111 41.44 -11.48 11.42
C GLU A 111 40.95 -12.63 10.54
N ALA A 112 41.00 -13.84 11.08
CA ALA A 112 40.40 -14.99 10.40
C ALA A 112 39.98 -16.06 11.40
N LEU A 113 38.90 -16.77 11.08
CA LEU A 113 38.33 -17.76 11.98
C LEU A 113 39.10 -19.08 11.94
N SER A 114 39.29 -19.68 13.10
CA SER A 114 39.97 -20.97 13.21
C SER A 114 39.16 -21.95 14.05
N LEU A 115 39.42 -23.24 13.85
CA LEU A 115 38.84 -24.29 14.69
C LEU A 115 39.62 -24.37 15.99
N ILE A 116 38.90 -24.25 17.11
CA ILE A 116 39.50 -24.27 18.44
C ILE A 116 39.03 -25.51 19.19
N TYR A 117 39.96 -26.41 19.49
CA TYR A 117 39.62 -27.68 20.13
C TYR A 117 40.18 -27.81 21.54
N ASN A 118 39.54 -28.66 22.33
CA ASN A 118 39.95 -28.97 23.69
C ASN A 118 40.77 -30.24 23.69
N LYS A 119 42.07 -30.11 23.97
CA LYS A 119 42.99 -31.24 23.89
C LYS A 119 42.64 -32.36 24.86
N ASP A 120 42.01 -32.00 25.97
CA ASP A 120 41.68 -32.97 27.02
C ASP A 120 40.50 -33.85 26.62
N LEU A 121 39.57 -33.29 25.85
CA LEU A 121 38.37 -33.99 25.41
C LEU A 121 38.51 -34.51 23.98
N LEU A 122 39.47 -33.97 23.23
CA LEU A 122 39.62 -34.29 21.83
C LEU A 122 41.06 -34.00 21.39
N PRO A 123 41.99 -34.90 21.72
CA PRO A 123 43.41 -34.73 21.40
C PRO A 123 43.67 -34.61 19.89
N ASN A 124 42.82 -35.21 19.08
CA ASN A 124 42.95 -35.15 17.63
C ASN A 124 41.71 -34.52 17.00
N PRO A 125 41.77 -33.22 16.68
CA PRO A 125 40.59 -32.58 16.09
C PRO A 125 40.26 -33.14 14.72
N PRO A 126 38.96 -33.22 14.36
CA PRO A 126 38.56 -33.79 13.07
C PRO A 126 39.07 -32.96 11.90
N LYS A 127 39.42 -33.64 10.82
CA LYS A 127 39.92 -32.98 9.62
C LYS A 127 38.78 -32.63 8.67
N THR A 128 37.63 -33.30 8.85
CA THR A 128 36.44 -33.03 8.06
C THR A 128 35.24 -32.70 8.95
N TRP A 129 34.23 -32.07 8.36
CA TRP A 129 32.99 -31.76 9.05
C TRP A 129 32.17 -33.04 9.30
N GLU A 130 32.35 -34.01 8.40
CA GLU A 130 31.51 -35.21 8.38
C GLU A 130 31.73 -36.11 9.59
N GLU A 131 32.85 -35.91 10.29
CA GLU A 131 33.14 -36.69 11.49
C GLU A 131 32.37 -36.19 12.69
N ILE A 132 32.04 -34.91 12.68
CA ILE A 132 31.46 -34.23 13.83
C ILE A 132 30.20 -34.90 14.38
N PRO A 133 29.30 -35.37 13.51
CA PRO A 133 28.16 -36.14 14.01
C PRO A 133 28.59 -37.36 14.84
N ALA A 134 29.41 -38.22 14.25
CA ALA A 134 29.91 -39.41 14.95
C ALA A 134 30.69 -38.97 16.18
N LEU A 135 31.36 -37.83 16.07
CA LEU A 135 32.15 -37.32 17.17
C LEU A 135 31.23 -36.83 18.29
N ASP A 136 30.12 -36.21 17.89
CA ASP A 136 29.14 -35.71 18.85
C ASP A 136 28.41 -36.85 19.53
N LYS A 137 28.13 -37.92 18.78
CA LYS A 137 27.51 -39.10 19.36
C LYS A 137 28.44 -39.72 20.39
N GLU A 138 29.70 -39.91 20.00
CA GLU A 138 30.71 -40.46 20.88
C GLU A 138 30.89 -39.63 22.14
N LEU A 139 30.70 -38.31 22.01
CA LEU A 139 30.87 -37.40 23.14
C LEU A 139 29.60 -37.23 23.99
N LYS A 140 28.44 -37.22 23.34
CA LYS A 140 27.17 -37.06 24.04
C LYS A 140 27.00 -38.13 25.12
N ALA A 141 27.61 -39.28 24.89
CA ALA A 141 27.53 -40.39 25.83
C ALA A 141 28.30 -40.07 27.10
N LYS A 142 29.32 -39.21 26.98
CA LYS A 142 30.17 -38.86 28.12
C LYS A 142 29.67 -37.59 28.82
N GLY A 143 28.58 -37.02 28.30
CA GLY A 143 27.97 -35.85 28.92
C GLY A 143 28.41 -34.54 28.28
N LYS A 144 29.06 -34.63 27.12
CA LYS A 144 29.62 -33.46 26.45
C LYS A 144 29.10 -33.34 25.02
N SER A 145 29.19 -32.15 24.44
CA SER A 145 28.90 -31.94 23.03
C SER A 145 30.21 -31.83 22.26
N ALA A 146 30.14 -31.95 20.94
CA ALA A 146 31.34 -31.92 20.12
C ALA A 146 31.68 -30.49 19.67
N LEU A 147 30.67 -29.76 19.23
CA LEU A 147 30.89 -28.46 18.61
C LEU A 147 29.81 -27.45 18.97
N MET A 148 30.24 -26.22 19.26
CA MET A 148 29.33 -25.12 19.48
C MET A 148 29.95 -23.83 18.97
N PHE A 149 29.25 -23.14 18.06
CA PHE A 149 29.67 -21.82 17.64
C PHE A 149 28.46 -20.95 17.33
N ASN A 150 28.70 -19.66 17.14
CA ASN A 150 27.65 -18.67 16.96
C ASN A 150 26.93 -18.85 15.61
N LEU A 151 25.64 -19.16 15.68
CA LEU A 151 24.83 -19.38 14.49
C LEU A 151 23.94 -18.18 14.18
N GLN A 152 24.12 -17.10 14.93
CA GLN A 152 23.30 -15.90 14.75
C GLN A 152 23.98 -14.88 13.86
N GLU A 153 25.21 -15.17 13.45
CA GLU A 153 25.98 -14.26 12.60
C GLU A 153 26.53 -15.03 11.40
N PRO A 154 26.25 -14.55 10.18
CA PRO A 154 26.64 -15.33 8.99
C PRO A 154 28.15 -15.49 8.83
N TYR A 155 28.92 -14.61 9.47
CA TYR A 155 30.39 -14.67 9.43
C TYR A 155 30.91 -16.04 9.86
N PHE A 156 30.27 -16.62 10.87
CA PHE A 156 30.74 -17.87 11.47
C PHE A 156 30.34 -19.12 10.69
N THR A 157 29.29 -19.01 9.87
CA THR A 157 28.85 -20.14 9.05
C THR A 157 29.29 -19.98 7.60
N TRP A 158 29.75 -18.79 7.24
CA TRP A 158 30.21 -18.53 5.87
C TRP A 158 31.30 -19.49 5.40
N PRO A 159 32.25 -19.86 6.27
CA PRO A 159 33.30 -20.78 5.82
C PRO A 159 32.74 -22.09 5.27
N LEU A 160 31.66 -22.58 5.88
CA LEU A 160 31.05 -23.83 5.48
C LEU A 160 30.23 -23.67 4.20
N ILE A 161 29.62 -22.50 4.05
CA ILE A 161 28.81 -22.19 2.87
C ILE A 161 29.69 -21.98 1.66
N ALA A 162 30.84 -21.35 1.88
CA ALA A 162 31.73 -20.98 0.79
C ALA A 162 32.55 -22.17 0.27
N ALA A 163 32.67 -23.20 1.10
CA ALA A 163 33.56 -24.32 0.81
C ALA A 163 33.27 -25.01 -0.52
N ASP A 164 32.05 -25.53 -0.67
CA ASP A 164 31.71 -26.33 -1.84
C ASP A 164 31.67 -25.47 -3.12
N GLY A 165 31.58 -24.15 -2.96
CA GLY A 165 31.60 -23.25 -4.10
C GLY A 165 30.74 -22.01 -3.95
N GLY A 166 30.21 -21.78 -2.76
CA GLY A 166 29.45 -20.57 -2.50
C GLY A 166 30.37 -19.37 -2.47
N TYR A 167 29.85 -18.20 -2.85
CA TYR A 167 30.63 -16.97 -2.79
C TYR A 167 29.71 -15.75 -2.77
N ALA A 168 30.28 -14.59 -2.49
CA ALA A 168 29.51 -13.35 -2.42
C ALA A 168 29.33 -12.75 -3.81
N PHE A 169 30.37 -12.08 -4.30
CA PHE A 169 30.38 -11.53 -5.66
C PHE A 169 31.55 -12.12 -6.44
N LYS A 170 31.30 -12.49 -7.70
CA LYS A 170 32.34 -13.08 -8.53
C LYS A 170 33.46 -12.08 -8.78
N TYR A 171 34.69 -12.53 -8.55
CA TYR A 171 35.87 -11.71 -8.73
C TYR A 171 36.66 -12.23 -9.91
N GLU A 172 36.88 -11.36 -10.90
CA GLU A 172 37.57 -11.75 -12.12
C GLU A 172 38.23 -10.53 -12.76
N ASN A 173 39.52 -10.66 -13.05
CA ASN A 173 40.29 -9.58 -13.65
C ASN A 173 40.35 -8.37 -12.72
N GLY A 174 40.55 -8.63 -11.43
CA GLY A 174 40.82 -7.57 -10.47
C GLY A 174 39.60 -6.78 -10.02
N LYS A 175 38.44 -7.07 -10.61
CA LYS A 175 37.21 -6.33 -10.32
C LYS A 175 36.09 -7.26 -9.85
N TYR A 176 35.07 -6.67 -9.21
CA TYR A 176 33.92 -7.41 -8.69
C TYR A 176 32.68 -7.21 -9.56
N ASP A 177 32.06 -8.32 -9.96
CA ASP A 177 30.78 -8.28 -10.67
C ASP A 177 29.64 -8.24 -9.65
N ILE A 178 29.05 -7.06 -9.45
CA ILE A 178 28.01 -6.90 -8.44
C ILE A 178 26.69 -7.53 -8.87
N LYS A 179 26.62 -8.02 -10.11
CA LYS A 179 25.42 -8.66 -10.63
C LYS A 179 25.55 -10.19 -10.62
N ASP A 180 26.75 -10.69 -10.37
CA ASP A 180 26.99 -12.13 -10.22
C ASP A 180 27.14 -12.48 -8.75
N VAL A 181 26.02 -12.83 -8.12
CA VAL A 181 25.99 -13.20 -6.71
C VAL A 181 25.83 -14.72 -6.57
N GLY A 182 26.69 -15.32 -5.75
CA GLY A 182 26.76 -16.77 -5.65
C GLY A 182 26.35 -17.34 -4.31
N VAL A 183 25.33 -16.76 -3.69
CA VAL A 183 24.85 -17.25 -2.40
C VAL A 183 23.86 -18.40 -2.53
N ASP A 184 23.32 -18.59 -3.74
CA ASP A 184 22.29 -19.60 -3.98
C ASP A 184 22.75 -20.70 -4.95
N ASN A 185 24.01 -20.71 -5.32
CA ASN A 185 24.52 -21.72 -6.23
C ASN A 185 24.58 -23.10 -5.54
N ALA A 186 24.88 -24.12 -6.32
CA ALA A 186 24.87 -25.50 -5.83
C ALA A 186 25.72 -25.68 -4.58
N GLY A 187 26.91 -25.07 -4.57
CA GLY A 187 27.82 -25.18 -3.45
C GLY A 187 27.22 -24.65 -2.16
N ALA A 188 26.77 -23.40 -2.20
CA ALA A 188 26.17 -22.76 -1.05
C ALA A 188 25.12 -23.65 -0.39
N LYS A 189 24.21 -24.18 -1.21
CA LYS A 189 23.13 -25.02 -0.71
C LYS A 189 23.68 -26.26 -0.02
N ALA A 190 24.74 -26.84 -0.57
CA ALA A 190 25.31 -28.06 -0.02
C ALA A 190 25.86 -27.81 1.39
N GLY A 191 26.69 -26.79 1.52
CA GLY A 191 27.30 -26.45 2.79
C GLY A 191 26.28 -26.08 3.85
N LEU A 192 25.28 -25.29 3.46
CA LEU A 192 24.25 -24.88 4.39
C LEU A 192 23.36 -26.05 4.77
N THR A 193 23.14 -26.96 3.83
CA THR A 193 22.29 -28.12 4.10
C THR A 193 22.94 -28.98 5.15
N PHE A 194 24.26 -29.08 5.11
CA PHE A 194 24.99 -29.81 6.13
C PHE A 194 24.74 -29.18 7.49
N LEU A 195 24.81 -27.85 7.53
CA LEU A 195 24.59 -27.11 8.77
C LEU A 195 23.22 -27.40 9.35
N VAL A 196 22.19 -27.37 8.51
CA VAL A 196 20.84 -27.60 8.97
C VAL A 196 20.69 -29.04 9.45
N ASP A 197 21.27 -29.98 8.72
CA ASP A 197 21.17 -31.40 9.08
C ASP A 197 21.82 -31.63 10.45
N LEU A 198 22.85 -30.86 10.77
CA LEU A 198 23.45 -30.95 12.10
C LEU A 198 22.44 -30.51 13.15
N ILE A 199 21.64 -29.51 12.81
CA ILE A 199 20.65 -28.97 13.74
C ILE A 199 19.46 -29.92 13.87
N LYS A 200 19.03 -30.47 12.75
CA LYS A 200 17.94 -31.44 12.74
C LYS A 200 18.32 -32.67 13.58
N ASN A 201 19.56 -33.11 13.40
CA ASN A 201 20.04 -34.35 14.04
C ASN A 201 20.47 -34.15 15.48
N LYS A 202 20.24 -32.94 16.03
CA LYS A 202 20.53 -32.65 17.42
C LYS A 202 22.03 -32.72 17.74
N HIS A 203 22.85 -32.07 16.91
CA HIS A 203 24.28 -31.94 17.17
C HIS A 203 24.61 -30.47 17.41
N MET A 204 23.68 -29.60 17.04
CA MET A 204 23.77 -28.18 17.34
C MET A 204 22.36 -27.65 17.58
N ASN A 205 22.25 -26.65 18.44
CA ASN A 205 20.98 -25.97 18.65
C ASN A 205 20.97 -24.69 17.83
N ALA A 206 19.80 -24.28 17.36
CA ALA A 206 19.70 -23.16 16.44
C ALA A 206 19.87 -21.81 17.13
N ASP A 207 19.56 -21.76 18.42
CA ASP A 207 19.57 -20.50 19.16
C ASP A 207 20.94 -20.14 19.75
N THR A 208 21.95 -20.96 19.48
CA THR A 208 23.29 -20.74 20.03
C THR A 208 23.91 -19.45 19.48
N ASP A 209 24.14 -18.49 20.37
CA ASP A 209 24.73 -17.21 19.99
C ASP A 209 26.24 -17.21 20.27
N TYR A 210 26.83 -16.03 20.43
CA TYR A 210 28.26 -15.93 20.71
C TYR A 210 28.56 -16.27 22.16
N SER A 211 27.80 -15.67 23.07
CA SER A 211 28.07 -15.80 24.50
C SER A 211 27.81 -17.22 25.01
N ILE A 212 26.81 -17.88 24.43
CA ILE A 212 26.49 -19.25 24.82
C ILE A 212 27.63 -20.21 24.47
N ALA A 213 28.11 -20.11 23.23
CA ALA A 213 29.18 -20.99 22.77
C ALA A 213 30.48 -20.71 23.53
N GLU A 214 30.78 -19.43 23.74
CA GLU A 214 31.99 -19.03 24.45
C GLU A 214 31.99 -19.61 25.86
N ALA A 215 30.81 -19.64 26.47
CA ALA A 215 30.66 -20.13 27.84
C ALA A 215 30.75 -21.65 27.87
N ALA A 216 30.28 -22.31 26.82
CA ALA A 216 30.30 -23.76 26.74
C ALA A 216 31.74 -24.28 26.67
N PHE A 217 32.54 -23.67 25.80
CA PHE A 217 33.90 -24.11 25.58
C PHE A 217 34.81 -23.75 26.76
N ASN A 218 34.63 -22.56 27.31
CA ASN A 218 35.45 -22.09 28.41
C ASN A 218 35.14 -22.81 29.73
N LYS A 219 34.04 -23.55 29.77
CA LYS A 219 33.70 -24.39 30.92
C LYS A 219 33.89 -25.88 30.58
N GLY A 220 34.53 -26.16 29.45
CA GLY A 220 34.86 -27.52 29.06
C GLY A 220 33.65 -28.40 28.81
N GLU A 221 32.59 -27.82 28.25
CA GLU A 221 31.35 -28.56 27.98
C GLU A 221 31.27 -29.04 26.54
N THR A 222 31.93 -28.32 25.63
CA THR A 222 31.95 -28.68 24.21
C THR A 222 33.39 -28.85 23.74
N ALA A 223 33.63 -29.91 22.96
CA ALA A 223 34.98 -30.27 22.55
C ALA A 223 35.60 -29.27 21.58
N MET A 224 34.76 -28.58 20.81
CA MET A 224 35.25 -27.66 19.78
C MET A 224 34.44 -26.37 19.74
N THR A 225 35.01 -25.39 19.06
CA THR A 225 34.30 -24.16 18.74
C THR A 225 34.96 -23.52 17.52
N ILE A 226 34.41 -22.40 17.08
CA ILE A 226 34.92 -21.71 15.90
C ILE A 226 34.89 -20.21 16.17
N ASN A 227 36.07 -19.61 16.27
CA ASN A 227 36.17 -18.20 16.62
C ASN A 227 37.47 -17.57 16.11
N GLY A 228 37.63 -16.29 16.40
CA GLY A 228 38.80 -15.55 15.98
C GLY A 228 39.76 -15.28 17.14
N PRO A 229 40.89 -14.63 16.82
CA PRO A 229 41.92 -14.21 17.79
C PRO A 229 41.34 -13.56 19.06
N TRP A 230 40.46 -12.59 18.89
CA TRP A 230 39.88 -11.85 20.02
C TRP A 230 39.38 -12.75 21.15
N ALA A 231 39.04 -14.00 20.82
CA ALA A 231 38.47 -14.92 21.79
C ALA A 231 39.53 -15.57 22.69
N TRP A 232 40.78 -15.60 22.23
CA TRP A 232 41.84 -16.34 22.91
C TRP A 232 42.07 -15.91 24.36
N SER A 233 41.84 -14.63 24.65
CA SER A 233 42.10 -14.09 25.98
C SER A 233 41.27 -14.77 27.07
N ASN A 234 39.96 -14.89 26.85
CA ASN A 234 39.08 -15.47 27.84
C ASN A 234 39.26 -16.99 27.95
N ILE A 235 39.75 -17.61 26.89
CA ILE A 235 40.06 -19.04 26.94
C ILE A 235 41.28 -19.25 27.84
N ASP A 236 42.21 -18.30 27.82
CA ASP A 236 43.37 -18.35 28.70
C ASP A 236 42.92 -18.18 30.16
N THR A 237 42.08 -17.18 30.41
CA THR A 237 41.60 -16.89 31.76
C THR A 237 40.86 -18.07 32.36
N SER A 238 40.27 -18.91 31.51
CA SER A 238 39.49 -20.05 31.98
C SER A 238 40.37 -21.28 32.19
N LYS A 239 41.64 -21.17 31.83
CA LYS A 239 42.62 -22.24 32.03
C LYS A 239 42.19 -23.55 31.36
N VAL A 240 41.58 -23.44 30.19
CA VAL A 240 41.31 -24.60 29.36
C VAL A 240 42.55 -24.89 28.53
N ASN A 241 42.83 -26.17 28.30
CA ASN A 241 43.99 -26.59 27.52
C ASN A 241 43.64 -26.71 26.05
N TYR A 242 43.75 -25.60 25.33
CA TYR A 242 43.23 -25.50 23.96
C TYR A 242 44.32 -25.42 22.90
N GLY A 243 43.98 -25.90 21.71
CA GLY A 243 44.80 -25.71 20.52
C GLY A 243 43.98 -24.97 19.47
N VAL A 244 44.68 -24.38 18.49
CA VAL A 244 44.04 -23.61 17.44
C VAL A 244 44.52 -24.10 16.08
N THR A 245 43.71 -24.94 15.43
CA THR A 245 44.12 -25.57 14.18
C THR A 245 43.26 -25.12 12.99
N VAL A 246 43.29 -25.92 11.92
CA VAL A 246 42.63 -25.58 10.67
C VAL A 246 41.14 -25.92 10.73
N LEU A 247 40.33 -25.12 10.04
CA LEU A 247 38.92 -25.41 9.92
C LEU A 247 38.74 -26.71 9.14
N PRO A 248 37.77 -27.55 9.53
CA PRO A 248 37.61 -28.83 8.82
C PRO A 248 37.24 -28.63 7.35
N THR A 249 37.55 -29.63 6.52
CA THR A 249 37.21 -29.59 5.11
C THR A 249 35.79 -30.08 4.89
N PHE A 250 35.16 -29.63 3.81
CA PHE A 250 33.82 -30.05 3.45
C PHE A 250 33.80 -30.54 2.01
N LYS A 251 33.39 -31.79 1.82
CA LYS A 251 33.39 -32.44 0.52
C LYS A 251 34.79 -32.37 -0.11
N GLY A 252 35.80 -32.60 0.73
CA GLY A 252 37.18 -32.65 0.28
C GLY A 252 37.87 -31.29 0.27
N GLN A 253 37.10 -30.23 0.00
CA GLN A 253 37.67 -28.89 -0.15
C GLN A 253 37.75 -28.17 1.20
N PRO A 254 38.70 -27.24 1.34
CA PRO A 254 38.88 -26.54 2.62
C PRO A 254 37.77 -25.51 2.87
N SER A 255 37.52 -25.21 4.14
CA SER A 255 36.58 -24.15 4.51
C SER A 255 37.21 -22.81 4.20
N LYS A 256 36.43 -21.93 3.58
CA LYS A 256 36.93 -20.66 3.06
C LYS A 256 36.38 -19.46 3.84
N PRO A 257 36.95 -19.15 5.00
CA PRO A 257 36.46 -18.03 5.79
C PRO A 257 36.66 -16.68 5.11
N PHE A 258 35.77 -15.74 5.36
CA PHE A 258 35.95 -14.36 4.94
C PHE A 258 36.98 -13.72 5.87
N VAL A 259 38.02 -13.11 5.30
CA VAL A 259 39.07 -12.50 6.09
C VAL A 259 38.77 -11.02 6.30
N GLY A 260 38.74 -10.61 7.55
CA GLY A 260 38.58 -9.22 7.90
C GLY A 260 39.92 -8.55 8.17
N VAL A 261 39.95 -7.24 7.99
CA VAL A 261 41.13 -6.44 8.28
C VAL A 261 40.68 -5.28 9.16
N LEU A 262 40.92 -5.39 10.47
CA LEU A 262 40.52 -4.34 11.39
C LEU A 262 41.14 -3.03 10.92
N SER A 263 40.32 -1.99 10.84
CA SER A 263 40.73 -0.76 10.19
C SER A 263 40.19 0.46 10.90
N ALA A 264 41.03 1.49 11.01
CA ALA A 264 40.63 2.78 11.55
C ALA A 264 40.37 3.75 10.42
N GLY A 265 39.17 4.33 10.40
CA GLY A 265 38.83 5.37 9.44
C GLY A 265 38.52 6.66 10.19
N ILE A 266 38.67 7.80 9.51
CA ILE A 266 38.47 9.10 10.15
C ILE A 266 37.20 9.80 9.66
N ASN A 267 36.39 10.24 10.62
CA ASN A 267 35.17 10.98 10.33
C ASN A 267 35.48 12.27 9.57
N ALA A 268 34.89 12.41 8.38
CA ALA A 268 35.12 13.55 7.51
C ALA A 268 34.68 14.87 8.16
N ALA A 269 33.84 14.78 9.18
CA ALA A 269 33.31 15.95 9.86
C ALA A 269 34.22 16.36 11.02
N SER A 270 35.21 15.53 11.31
CA SER A 270 36.13 15.79 12.42
C SER A 270 36.90 17.09 12.18
N PRO A 271 37.03 17.93 13.22
CA PRO A 271 37.96 19.05 13.13
C PRO A 271 39.38 18.56 13.49
N ASN A 272 39.44 17.40 14.12
CA ASN A 272 40.69 16.85 14.63
C ASN A 272 41.33 15.83 13.70
N LYS A 273 41.31 16.10 12.39
CA LYS A 273 41.85 15.15 11.43
C LYS A 273 43.35 14.94 11.58
N GLU A 274 44.07 16.02 11.89
CA GLU A 274 45.52 15.92 12.13
C GLU A 274 45.83 15.10 13.37
N LEU A 275 45.15 15.41 14.48
CA LEU A 275 45.35 14.69 15.73
C LEU A 275 45.18 13.18 15.53
N ALA A 276 44.16 12.81 14.77
CA ALA A 276 43.86 11.41 14.52
C ALA A 276 44.99 10.73 13.75
N LYS A 277 45.49 11.40 12.72
CA LYS A 277 46.62 10.88 11.93
C LYS A 277 47.83 10.66 12.84
N GLU A 278 48.12 11.64 13.68
CA GLU A 278 49.26 11.57 14.59
C GLU A 278 49.10 10.40 15.56
N PHE A 279 47.87 10.21 16.05
CA PHE A 279 47.60 9.14 17.00
C PHE A 279 47.75 7.76 16.35
N LEU A 280 47.19 7.60 15.15
CA LEU A 280 47.20 6.30 14.50
C LEU A 280 48.57 5.92 13.96
N GLU A 281 49.28 6.88 13.38
CA GLU A 281 50.57 6.61 12.77
C GLU A 281 51.70 6.47 13.79
N ASN A 282 51.76 7.39 14.76
CA ASN A 282 52.90 7.47 15.67
C ASN A 282 52.69 6.91 17.08
N TYR A 283 51.50 6.38 17.35
CA TYR A 283 51.21 5.85 18.69
C TYR A 283 50.54 4.49 18.70
N LEU A 284 49.74 4.18 17.68
CA LEU A 284 49.05 2.89 17.62
C LEU A 284 49.77 1.93 16.66
N LEU A 285 50.02 2.38 15.44
CA LEU A 285 50.72 1.57 14.46
C LEU A 285 52.24 1.64 14.67
N THR A 286 52.64 1.32 15.89
CA THR A 286 54.04 1.19 16.27
C THR A 286 54.18 -0.20 16.88
N ASP A 287 55.33 -0.49 17.47
CA ASP A 287 55.48 -1.75 18.19
C ASP A 287 54.75 -1.65 19.52
N GLU A 288 54.96 -0.54 20.22
CA GLU A 288 54.43 -0.34 21.56
C GLU A 288 52.91 -0.27 21.56
N GLY A 289 52.34 0.39 20.56
CA GLY A 289 50.91 0.57 20.47
C GLY A 289 50.15 -0.74 20.29
N LEU A 290 50.54 -1.50 19.27
CA LEU A 290 49.86 -2.74 18.95
C LEU A 290 49.96 -3.77 20.07
N GLU A 291 51.07 -3.76 20.80
CA GLU A 291 51.25 -4.68 21.92
C GLU A 291 50.25 -4.38 23.03
N ALA A 292 50.11 -3.11 23.37
CA ALA A 292 49.17 -2.67 24.39
C ALA A 292 47.77 -3.21 24.10
N VAL A 293 47.40 -3.19 22.81
CA VAL A 293 46.10 -3.70 22.39
C VAL A 293 46.10 -5.23 22.38
N ASN A 294 47.13 -5.81 21.76
CA ASN A 294 47.18 -7.26 21.59
C ASN A 294 47.23 -8.02 22.91
N LYS A 295 47.59 -7.32 23.99
CA LYS A 295 47.63 -7.93 25.31
C LYS A 295 46.24 -7.96 25.93
N ASP A 296 45.46 -6.93 25.67
CA ASP A 296 44.08 -6.88 26.14
C ASP A 296 43.28 -8.00 25.47
N LYS A 297 43.26 -7.98 24.14
CA LYS A 297 42.68 -9.06 23.35
C LYS A 297 43.44 -9.19 22.01
N PRO A 298 43.87 -10.40 21.64
CA PRO A 298 44.67 -10.58 20.42
C PRO A 298 44.02 -10.04 19.16
N LEU A 299 44.82 -9.38 18.33
CA LEU A 299 44.35 -8.79 17.08
C LEU A 299 44.41 -9.78 15.93
N GLY A 300 45.23 -10.82 16.08
CA GLY A 300 45.56 -11.71 14.99
C GLY A 300 46.96 -11.39 14.48
N ALA A 301 47.09 -11.32 13.16
CA ALA A 301 48.37 -10.97 12.54
C ALA A 301 48.33 -9.51 12.13
N VAL A 302 49.01 -8.66 12.89
CA VAL A 302 48.95 -7.21 12.65
C VAL A 302 49.50 -6.83 11.27
N ALA A 303 49.16 -5.62 10.84
CA ALA A 303 49.57 -5.13 9.53
C ALA A 303 50.99 -4.57 9.57
N LEU A 304 51.52 -4.38 10.77
CA LEU A 304 52.83 -3.75 10.95
C LEU A 304 53.96 -4.77 10.87
N LYS A 305 54.69 -4.76 9.76
CA LYS A 305 55.75 -5.73 9.47
C LYS A 305 56.66 -6.01 10.66
N SER A 306 57.19 -4.95 11.26
CA SER A 306 58.13 -5.08 12.36
C SER A 306 57.57 -5.90 13.52
N TYR A 307 56.34 -5.59 13.92
CA TYR A 307 55.71 -6.28 15.06
C TYR A 307 55.12 -7.63 14.66
N GLU A 308 54.88 -7.83 13.37
CA GLU A 308 54.30 -9.09 12.91
C GLU A 308 55.32 -10.21 12.92
N GLU A 309 56.56 -9.89 12.55
CA GLU A 309 57.64 -10.87 12.56
C GLU A 309 57.76 -11.50 13.95
N GLU A 310 57.52 -10.69 14.97
CA GLU A 310 57.58 -11.15 16.35
C GLU A 310 56.39 -12.04 16.71
N LEU A 311 55.19 -11.65 16.29
CA LEU A 311 53.99 -12.39 16.64
C LEU A 311 53.85 -13.71 15.91
N ALA A 312 54.39 -13.80 14.70
CA ALA A 312 54.19 -14.96 13.84
C ALA A 312 54.89 -16.23 14.35
N LYS A 313 55.59 -16.11 15.48
CA LYS A 313 56.19 -17.27 16.13
C LYS A 313 55.14 -18.05 16.93
N ASP A 314 54.01 -17.40 17.21
CA ASP A 314 52.92 -18.02 17.96
C ASP A 314 52.21 -19.07 17.09
N PRO A 315 52.10 -20.31 17.59
CA PRO A 315 51.48 -21.34 16.73
C PRO A 315 50.01 -21.07 16.46
N ARG A 316 49.35 -20.33 17.34
CA ARG A 316 47.96 -19.95 17.15
C ARG A 316 47.84 -19.03 15.95
N ILE A 317 48.72 -18.04 15.88
CA ILE A 317 48.75 -17.09 14.76
C ILE A 317 49.03 -17.81 13.45
N ALA A 318 49.80 -18.89 13.51
CA ALA A 318 50.16 -19.66 12.32
C ALA A 318 48.91 -20.25 11.69
N ALA A 319 48.06 -20.81 12.53
CA ALA A 319 46.81 -21.43 12.08
C ALA A 319 45.89 -20.37 11.48
N THR A 320 45.83 -19.22 12.14
CA THR A 320 45.02 -18.10 11.66
C THR A 320 45.39 -17.77 10.21
N MET A 321 46.68 -17.62 9.97
CA MET A 321 47.17 -17.27 8.64
C MET A 321 46.94 -18.39 7.64
N GLU A 322 46.87 -19.62 8.13
CA GLU A 322 46.63 -20.77 7.27
C GLU A 322 45.19 -20.76 6.78
N ASN A 323 44.26 -20.48 7.69
CA ASN A 323 42.85 -20.35 7.34
C ASN A 323 42.62 -19.15 6.43
N ALA A 324 43.32 -18.05 6.70
CA ALA A 324 43.18 -16.83 5.92
C ALA A 324 43.57 -17.07 4.47
N GLN A 325 44.63 -17.84 4.25
CA GLN A 325 45.10 -18.15 2.91
C GLN A 325 44.06 -19.01 2.18
N LYS A 326 43.53 -19.99 2.89
CA LYS A 326 42.53 -20.89 2.33
C LYS A 326 41.27 -20.13 1.94
N GLY A 327 40.92 -19.13 2.76
CA GLY A 327 39.75 -18.32 2.50
C GLY A 327 40.05 -17.18 1.55
N GLU A 328 39.10 -16.26 1.44
CA GLU A 328 39.26 -15.06 0.62
C GLU A 328 39.18 -13.85 1.54
N ILE A 329 39.67 -12.71 1.06
CA ILE A 329 39.51 -11.46 1.78
C ILE A 329 38.17 -10.84 1.41
N MET A 330 37.51 -10.21 2.38
CA MET A 330 36.20 -9.61 2.15
C MET A 330 36.31 -8.47 1.14
N PRO A 331 35.35 -8.39 0.20
CA PRO A 331 35.28 -7.19 -0.63
C PRO A 331 34.99 -5.98 0.26
N ASN A 332 35.40 -4.79 -0.15
CA ASN A 332 35.11 -3.59 0.64
C ASN A 332 34.02 -2.73 0.02
N ILE A 333 33.31 -3.26 -0.97
CA ILE A 333 32.35 -2.47 -1.74
C ILE A 333 31.04 -2.25 -0.98
N PRO A 334 30.30 -1.17 -1.32
CA PRO A 334 29.08 -0.80 -0.58
C PRO A 334 28.01 -1.88 -0.53
N GLN A 335 28.05 -2.81 -1.49
CA GLN A 335 27.07 -3.90 -1.54
C GLN A 335 27.20 -4.86 -0.36
N MET A 336 28.29 -4.73 0.40
CA MET A 336 28.63 -5.75 1.39
C MET A 336 27.69 -5.82 2.59
N SER A 337 27.14 -4.69 3.04
CA SER A 337 26.26 -4.72 4.19
C SER A 337 24.92 -5.35 3.80
N ALA A 338 24.43 -5.00 2.61
CA ALA A 338 23.21 -5.60 2.09
C ALA A 338 23.39 -7.10 2.00
N PHE A 339 24.53 -7.52 1.47
CA PHE A 339 24.84 -8.92 1.34
C PHE A 339 24.83 -9.58 2.71
N TRP A 340 25.44 -8.92 3.69
CA TRP A 340 25.52 -9.47 5.05
C TRP A 340 24.15 -9.54 5.73
N TYR A 341 23.34 -8.49 5.58
CA TYR A 341 21.98 -8.53 6.12
C TYR A 341 21.16 -9.66 5.51
N ALA A 342 21.36 -9.88 4.21
CA ALA A 342 20.63 -10.93 3.48
C ALA A 342 21.04 -12.32 3.95
N VAL A 343 22.35 -12.61 3.94
CA VAL A 343 22.85 -13.93 4.30
C VAL A 343 22.48 -14.26 5.74
N ARG A 344 22.42 -13.24 6.58
CA ARG A 344 22.05 -13.41 7.98
C ARG A 344 20.65 -14.03 8.09
N THR A 345 19.70 -13.45 7.36
CA THR A 345 18.32 -13.93 7.39
C THR A 345 18.23 -15.38 6.91
N ALA A 346 19.05 -15.71 5.93
CA ALA A 346 19.00 -17.05 5.35
C ALA A 346 19.39 -18.10 6.37
N VAL A 347 20.53 -17.90 7.03
CA VAL A 347 21.05 -18.90 7.95
C VAL A 347 20.14 -19.07 9.16
N ILE A 348 19.62 -17.96 9.68
CA ILE A 348 18.68 -18.02 10.81
C ILE A 348 17.44 -18.84 10.44
N ASN A 349 16.77 -18.45 9.36
CA ASN A 349 15.55 -19.12 8.92
C ASN A 349 15.77 -20.59 8.55
N ALA A 350 16.85 -20.87 7.83
CA ALA A 350 17.16 -22.25 7.44
C ALA A 350 17.52 -23.08 8.68
N ALA A 351 18.18 -22.45 9.65
CA ALA A 351 18.62 -23.15 10.84
C ALA A 351 17.46 -23.45 11.78
N SER A 352 16.45 -22.59 11.77
CA SER A 352 15.30 -22.73 12.66
C SER A 352 14.14 -23.48 12.01
N GLY A 353 14.25 -23.74 10.70
CA GLY A 353 13.23 -24.49 10.00
C GLY A 353 12.19 -23.60 9.32
N ARG A 354 12.20 -22.32 9.67
CA ARG A 354 11.27 -21.34 9.09
C ARG A 354 11.29 -21.37 7.55
N GLN A 355 12.41 -21.83 6.99
CA GLN A 355 12.55 -21.98 5.55
C GLN A 355 13.47 -23.17 5.25
N THR A 356 13.43 -23.61 4.00
CA THR A 356 14.34 -24.64 3.53
C THR A 356 15.61 -23.96 3.06
N VAL A 357 16.70 -24.72 3.00
CA VAL A 357 17.97 -24.21 2.50
C VAL A 357 17.78 -23.56 1.14
N ASP A 358 17.17 -24.31 0.23
CA ASP A 358 16.98 -23.85 -1.14
C ASP A 358 16.17 -22.55 -1.17
N ALA A 359 15.14 -22.50 -0.33
CA ALA A 359 14.25 -21.36 -0.27
C ALA A 359 14.92 -20.14 0.35
N ALA A 360 15.63 -20.37 1.45
CA ALA A 360 16.29 -19.29 2.17
C ALA A 360 17.35 -18.62 1.32
N LEU A 361 18.19 -19.42 0.65
CA LEU A 361 19.28 -18.88 -0.15
C LEU A 361 18.77 -18.15 -1.39
N ALA A 362 17.62 -18.59 -1.89
CA ALA A 362 16.99 -17.91 -3.00
C ALA A 362 16.66 -16.48 -2.61
N ALA A 363 15.98 -16.33 -1.47
CA ALA A 363 15.56 -15.02 -1.00
C ALA A 363 16.76 -14.11 -0.71
N ALA A 364 17.87 -14.72 -0.31
CA ALA A 364 19.09 -13.97 0.02
C ALA A 364 19.65 -13.28 -1.22
N GLN A 365 19.78 -14.04 -2.30
CA GLN A 365 20.22 -13.51 -3.59
C GLN A 365 19.39 -12.30 -4.00
N THR A 366 18.09 -12.38 -3.70
CA THR A 366 17.14 -11.35 -4.08
C THR A 366 17.17 -10.15 -3.14
N ASN A 367 17.30 -10.42 -1.84
CA ASN A 367 17.32 -9.35 -0.85
C ASN A 367 18.58 -8.50 -0.89
N ALA A 368 19.73 -9.13 -1.17
CA ALA A 368 20.99 -8.40 -1.25
C ALA A 368 20.92 -7.26 -2.28
N ALA A 369 19.87 -7.30 -3.11
CA ALA A 369 19.61 -6.27 -4.11
C ALA A 369 18.63 -5.20 -3.63
N ALA A 370 18.72 -4.01 -4.24
CA ALA A 370 17.77 -2.94 -4.00
C ALA A 370 16.56 -3.17 -4.90
N LEU A 371 15.56 -3.85 -4.36
CA LEU A 371 14.45 -4.29 -5.18
C LEU A 371 13.13 -3.69 -4.73
N MET A 372 12.32 -3.33 -5.72
CA MET A 372 11.04 -2.67 -5.52
C MET A 372 9.92 -3.70 -5.38
N ASP A 373 8.85 -3.32 -4.67
CA ASP A 373 7.62 -4.08 -4.61
C ASP A 373 7.02 -4.09 -6.01
N PRO A 374 6.56 -5.26 -6.50
CA PRO A 374 6.07 -5.29 -7.89
C PRO A 374 4.83 -4.40 -8.06
N HIS A 375 4.05 -4.28 -6.99
CA HIS A 375 2.85 -3.45 -7.01
C HIS A 375 3.22 -1.99 -7.17
N ILE A 376 4.35 -1.60 -6.58
CA ILE A 376 4.83 -0.22 -6.64
C ILE A 376 5.35 0.12 -8.03
N PHE A 377 6.05 -0.82 -8.65
CA PHE A 377 6.55 -0.61 -10.01
C PHE A 377 5.40 -0.41 -11.00
N THR A 378 4.46 -1.36 -11.00
CA THR A 378 3.33 -1.30 -11.90
C THR A 378 2.48 -0.06 -11.62
N SER A 379 2.23 0.21 -10.35
CA SER A 379 1.45 1.38 -9.93
C SER A 379 2.05 2.70 -10.42
N ASN A 380 3.37 2.72 -10.63
CA ASN A 380 4.09 3.99 -10.86
C ASN A 380 4.68 4.17 -12.26
N PHE A 381 5.03 3.08 -12.92
CA PHE A 381 5.69 3.17 -14.23
C PHE A 381 4.75 2.94 -15.42
N ASN A 382 3.45 2.87 -15.13
CA ASN A 382 2.44 2.81 -16.18
C ASN A 382 2.43 4.12 -16.96
N ASN A 383 2.77 4.05 -18.25
CA ASN A 383 2.91 5.25 -19.06
C ASN A 383 1.60 5.96 -19.39
N GLY A 384 0.49 5.42 -18.90
CA GLY A 384 -0.83 5.99 -19.16
C GLY A 384 -1.45 6.67 -17.95
N ILE A 385 -1.06 6.22 -16.75
CA ILE A 385 -1.64 6.71 -15.50
C ILE A 385 -0.64 7.53 -14.70
N GLY A 386 -1.01 8.78 -14.40
CA GLY A 386 -0.10 9.70 -13.75
C GLY A 386 -0.28 9.77 -12.24
N ARG A 387 0.62 9.09 -11.53
CA ARG A 387 0.65 9.17 -10.07
C ARG A 387 1.32 10.46 -9.64
N HIS A 388 1.03 10.91 -8.42
CA HIS A 388 1.59 12.14 -7.90
C HIS A 388 2.79 11.87 -7.01
N LYS A 389 3.80 11.24 -7.61
CA LYS A 389 5.05 10.89 -6.95
C LYS A 389 5.96 10.38 -8.06
N THR A 390 7.27 10.50 -7.87
CA THR A 390 8.22 10.08 -8.89
C THR A 390 9.15 9.01 -8.34
N TYR A 391 9.40 8.00 -9.16
CA TYR A 391 10.36 6.96 -8.83
C TYR A 391 11.50 6.98 -9.82
N LEU A 392 12.70 6.73 -9.32
CA LEU A 392 13.91 6.77 -10.15
C LEU A 392 14.70 5.50 -9.91
N CYS A 393 14.88 4.72 -10.96
CA CYS A 393 15.81 3.59 -10.94
C CYS A 393 17.09 4.06 -11.62
N TYR A 394 18.23 3.67 -11.07
CA TYR A 394 19.51 4.12 -11.62
C TYR A 394 20.57 3.04 -11.67
N GLU A 395 21.46 3.17 -12.64
CA GLU A 395 22.66 2.34 -12.73
C GLU A 395 23.84 3.28 -12.92
N VAL A 396 24.94 3.00 -12.24
CA VAL A 396 26.17 3.79 -12.38
C VAL A 396 27.30 2.90 -12.84
N GLU A 397 27.75 3.13 -14.08
CA GLU A 397 28.77 2.29 -14.70
C GLU A 397 30.07 3.05 -14.88
N ARG A 398 31.15 2.29 -15.02
CA ARG A 398 32.47 2.84 -15.26
C ARG A 398 32.95 2.40 -16.63
N LEU A 399 33.36 3.36 -17.45
CA LEU A 399 33.84 3.08 -18.79
C LEU A 399 35.35 2.83 -18.78
N ASP A 400 35.74 1.56 -18.82
CA ASP A 400 37.15 1.17 -18.85
C ASP A 400 37.54 0.62 -20.21
N SER A 404 32.61 -1.94 -20.40
CA SER A 404 32.23 -1.16 -19.24
C SER A 404 31.92 -2.06 -18.04
N PHE A 405 31.71 -1.44 -16.88
CA PHE A 405 31.74 -2.15 -15.60
C PHE A 405 30.92 -1.37 -14.57
N SER A 406 29.96 -2.04 -13.93
CA SER A 406 28.96 -1.35 -13.09
C SER A 406 29.32 -1.33 -11.59
N LEU A 407 29.16 -0.14 -11.00
CA LEU A 407 29.55 0.11 -9.61
C LEU A 407 28.37 0.02 -8.63
N ASP A 408 27.18 0.39 -9.09
CA ASP A 408 26.02 0.42 -8.20
C ASP A 408 24.69 0.55 -8.95
N PHE A 409 23.65 -0.13 -8.48
N PHE A 409 23.69 -0.16 -8.46
CA PHE A 409 22.30 0.09 -9.00
CA PHE A 409 22.31 -0.03 -8.90
C PHE A 409 21.28 0.09 -7.87
C PHE A 409 21.47 0.51 -7.74
N GLY A 410 20.24 0.90 -8.04
CA GLY A 410 19.27 1.14 -6.99
C GLY A 410 18.09 1.95 -7.46
N TYR A 411 17.21 2.27 -6.52
CA TYR A 411 16.04 3.10 -6.83
C TYR A 411 15.73 4.02 -5.66
N LEU A 412 15.13 5.17 -5.95
CA LEU A 412 14.69 6.09 -4.92
C LEU A 412 13.47 6.85 -5.38
N ARG A 413 12.71 7.39 -4.43
CA ARG A 413 11.52 8.16 -4.74
C ARG A 413 11.61 9.51 -4.05
N ASN A 414 10.84 10.48 -4.54
CA ASN A 414 10.82 11.80 -3.91
C ASN A 414 10.38 11.70 -2.46
N LYS A 415 11.03 12.50 -1.61
CA LYS A 415 10.80 12.44 -0.17
C LYS A 415 10.99 13.81 0.45
N ASN A 416 10.14 14.13 1.43
CA ASN A 416 10.29 15.35 2.21
C ASN A 416 10.25 16.61 1.35
N GLY A 417 9.45 16.58 0.29
CA GLY A 417 9.35 17.70 -0.62
C GLY A 417 10.61 17.89 -1.44
N CYS A 418 11.38 16.81 -1.60
CA CYS A 418 12.64 16.85 -2.33
C CYS A 418 12.58 15.94 -3.55
N HIS A 419 12.66 16.56 -4.73
CA HIS A 419 12.56 15.83 -5.99
C HIS A 419 13.66 14.80 -6.18
N VAL A 420 13.34 13.68 -6.82
CA VAL A 420 14.28 12.57 -7.00
C VAL A 420 15.56 12.98 -7.71
N GLU A 421 15.48 13.99 -8.55
CA GLU A 421 16.64 14.42 -9.32
C GLU A 421 17.71 14.98 -8.40
N LEU A 422 17.30 15.87 -7.49
CA LEU A 422 18.23 16.48 -6.56
C LEU A 422 18.73 15.47 -5.53
N LEU A 423 17.94 14.44 -5.27
CA LEU A 423 18.37 13.38 -4.36
C LEU A 423 19.47 12.56 -4.99
N PHE A 424 19.37 12.33 -6.30
CA PHE A 424 20.40 11.56 -6.98
C PHE A 424 21.69 12.37 -7.07
N LEU A 425 21.55 13.68 -7.24
CA LEU A 425 22.71 14.56 -7.31
C LEU A 425 23.51 14.53 -6.01
N ARG A 426 22.82 14.47 -4.87
CA ARG A 426 23.54 14.42 -3.60
C ARG A 426 24.26 13.08 -3.48
N TYR A 427 23.55 12.01 -3.81
CA TYR A 427 24.11 10.66 -3.70
C TYR A 427 25.39 10.50 -4.51
N ILE A 428 25.43 11.10 -5.70
CA ILE A 428 26.57 10.94 -6.58
C ILE A 428 27.64 12.01 -6.32
N SER A 429 27.25 13.14 -5.74
CA SER A 429 28.22 14.13 -5.28
C SER A 429 29.00 13.58 -4.09
N ASP A 430 28.28 13.18 -3.06
CA ASP A 430 28.87 12.58 -1.85
C ASP A 430 29.88 11.50 -2.20
N TRP A 431 29.59 10.75 -3.26
CA TRP A 431 30.45 9.63 -3.65
C TRP A 431 31.83 10.13 -4.06
N ASP A 432 31.87 11.30 -4.69
CA ASP A 432 33.14 11.90 -5.11
C ASP A 432 33.95 10.91 -5.94
N LEU A 433 33.42 10.58 -7.12
CA LEU A 433 34.03 9.60 -7.99
C LEU A 433 35.40 10.06 -8.48
N ASP A 434 36.34 9.12 -8.56
CA ASP A 434 37.68 9.38 -9.07
C ASP A 434 37.60 10.08 -10.44
N PRO A 435 38.02 11.35 -10.52
CA PRO A 435 37.87 12.07 -11.79
C PRO A 435 38.83 11.60 -12.87
N GLY A 436 39.69 10.65 -12.53
CA GLY A 436 40.66 10.13 -13.49
C GLY A 436 40.05 9.10 -14.43
N ARG A 437 38.83 8.68 -14.13
CA ARG A 437 38.12 7.71 -14.96
C ARG A 437 36.80 8.30 -15.47
N CYS A 438 36.12 7.58 -16.34
CA CYS A 438 34.87 8.05 -16.94
C CYS A 438 33.71 7.15 -16.50
N TYR A 439 32.55 7.75 -16.25
CA TYR A 439 31.37 7.00 -15.83
C TYR A 439 30.14 7.35 -16.66
N ARG A 440 29.17 6.44 -16.65
CA ARG A 440 27.90 6.64 -17.34
C ARG A 440 26.74 6.37 -16.40
N VAL A 441 25.97 7.40 -16.08
CA VAL A 441 24.77 7.25 -15.26
C VAL A 441 23.56 7.00 -16.16
N THR A 442 22.78 5.98 -15.82
CA THR A 442 21.53 5.67 -16.53
C THR A 442 20.35 5.77 -15.58
N TRP A 443 19.41 6.65 -15.88
CA TRP A 443 18.16 6.73 -15.14
C TRP A 443 17.02 6.02 -15.86
N PHE A 444 16.21 5.29 -15.10
CA PHE A 444 14.89 4.85 -15.56
C PHE A 444 13.84 5.49 -14.65
N THR A 445 13.29 6.61 -15.11
CA THR A 445 12.41 7.44 -14.28
C THR A 445 10.95 7.36 -14.74
N SER A 446 10.03 7.60 -13.82
CA SER A 446 8.60 7.47 -14.09
C SER A 446 7.98 8.78 -14.57
N TRP A 447 8.64 9.90 -14.26
CA TRP A 447 8.25 11.21 -14.77
C TRP A 447 9.48 11.88 -15.35
N SER A 448 9.28 12.75 -16.34
CA SER A 448 10.38 13.57 -16.83
C SER A 448 10.69 14.60 -15.75
N PRO A 449 11.90 15.20 -15.79
CA PRO A 449 12.25 16.14 -14.72
C PRO A 449 11.59 17.51 -14.88
N CYS A 450 11.24 18.13 -13.76
CA CYS A 450 10.68 19.47 -13.77
C CYS A 450 11.73 20.47 -14.25
N TYR A 451 11.33 21.71 -14.48
CA TYR A 451 12.23 22.70 -15.07
C TYR A 451 13.43 23.00 -14.20
N ASP A 452 13.20 23.22 -12.90
CA ASP A 452 14.28 23.50 -11.97
C ASP A 452 15.33 22.38 -11.97
N CYS A 453 14.89 21.16 -11.68
CA CYS A 453 15.79 20.02 -11.66
C CYS A 453 16.58 19.89 -12.97
N ALA A 454 15.99 20.36 -14.06
CA ALA A 454 16.67 20.31 -15.35
C ALA A 454 17.85 21.30 -15.39
N ARG A 455 17.78 22.35 -14.58
CA ARG A 455 18.93 23.25 -14.42
C ARG A 455 20.06 22.48 -13.76
N HIS A 456 19.77 22.05 -12.53
CA HIS A 456 20.75 21.46 -11.64
C HIS A 456 21.43 20.24 -12.26
N VAL A 457 20.67 19.45 -13.01
CA VAL A 457 21.25 18.28 -13.66
C VAL A 457 22.14 18.75 -14.82
N ALA A 458 21.77 19.86 -15.46
CA ALA A 458 22.56 20.40 -16.56
C ALA A 458 23.82 21.06 -16.01
N ASP A 459 23.66 21.84 -14.94
CA ASP A 459 24.78 22.46 -14.26
C ASP A 459 25.77 21.38 -13.84
N PHE A 460 25.27 20.41 -13.10
CA PHE A 460 26.09 19.34 -12.55
C PHE A 460 26.86 18.57 -13.64
N LEU A 461 26.28 18.48 -14.83
CA LEU A 461 26.88 17.72 -15.92
C LEU A 461 27.96 18.50 -16.66
N ARG A 462 27.82 19.82 -16.70
CA ARG A 462 28.88 20.67 -17.27
C ARG A 462 29.98 20.83 -16.24
N GLY A 463 29.65 20.55 -14.98
CA GLY A 463 30.63 20.57 -13.90
C GLY A 463 31.45 19.29 -13.84
N ASN A 464 30.98 18.24 -14.51
CA ASN A 464 31.62 16.93 -14.47
C ASN A 464 31.71 16.29 -15.85
N PRO A 465 32.63 16.78 -16.69
CA PRO A 465 32.79 16.32 -18.09
C PRO A 465 32.96 14.81 -18.26
N ASN A 466 33.34 14.10 -17.20
CA ASN A 466 33.60 12.66 -17.30
C ASN A 466 32.38 11.79 -16.99
N LEU A 467 31.21 12.42 -16.82
CA LEU A 467 29.96 11.70 -16.61
C LEU A 467 29.03 11.81 -17.82
N SER A 468 28.47 10.68 -18.23
CA SER A 468 27.41 10.64 -19.23
C SER A 468 26.09 10.30 -18.54
N LEU A 469 25.03 11.02 -18.90
CA LEU A 469 23.70 10.74 -18.37
C LEU A 469 22.74 10.29 -19.47
N ARG A 470 22.08 9.17 -19.24
CA ARG A 470 21.01 8.68 -20.11
C ARG A 470 19.72 8.54 -19.30
N ILE A 471 18.72 9.35 -19.65
CA ILE A 471 17.41 9.28 -19.02
C ILE A 471 16.42 8.55 -19.91
N PHE A 472 15.84 7.47 -19.39
CA PHE A 472 14.71 6.80 -20.05
C PHE A 472 13.49 7.08 -19.19
N THR A 473 12.46 7.65 -19.79
CA THR A 473 11.30 8.07 -19.01
C THR A 473 10.02 7.31 -19.38
N ALA A 474 9.10 7.19 -18.42
CA ALA A 474 7.83 6.52 -18.63
C ALA A 474 6.80 7.50 -19.13
N ARG A 475 6.75 8.68 -18.51
CA ARG A 475 5.83 9.71 -18.94
C ARG A 475 6.56 11.05 -19.02
N LEU A 476 5.87 12.07 -19.49
CA LEU A 476 6.42 13.41 -19.57
C LEU A 476 5.62 14.33 -18.65
N TYR A 477 6.35 15.06 -17.82
CA TYR A 477 5.77 15.93 -16.80
C TYR A 477 5.64 17.37 -17.31
N PHE A 478 4.41 17.88 -17.32
CA PHE A 478 4.15 19.27 -17.71
C PHE A 478 4.74 19.67 -19.05
N CYS A 479 4.73 18.76 -20.02
CA CYS A 479 5.22 19.09 -21.36
C CYS A 479 4.13 19.76 -22.20
N GLU A 480 3.53 20.82 -21.64
CA GLU A 480 2.59 21.67 -22.35
C GLU A 480 3.31 22.96 -22.72
N ASP A 481 2.70 23.73 -23.61
CA ASP A 481 3.29 24.97 -24.10
C ASP A 481 3.11 26.11 -23.11
N ARG A 482 2.15 25.95 -22.21
CA ARG A 482 1.94 26.93 -21.14
C ARG A 482 2.75 26.51 -19.91
N LYS A 483 3.76 25.67 -20.13
CA LYS A 483 4.69 25.26 -19.09
C LYS A 483 6.11 25.43 -19.60
N ALA A 484 7.06 25.57 -18.67
CA ALA A 484 8.45 25.79 -19.05
C ALA A 484 9.20 24.48 -19.30
N GLU A 485 8.72 23.40 -18.67
CA GLU A 485 9.39 22.10 -18.68
C GLU A 485 9.96 21.64 -20.03
N PRO A 486 9.22 21.87 -21.13
CA PRO A 486 9.73 21.41 -22.43
C PRO A 486 11.12 21.95 -22.79
N GLU A 487 11.41 23.21 -22.45
CA GLU A 487 12.73 23.76 -22.74
C GLU A 487 13.77 23.11 -21.82
N GLY A 488 13.39 22.93 -20.56
CA GLY A 488 14.23 22.25 -19.60
C GLY A 488 14.74 20.91 -20.12
N LEU A 489 13.94 20.26 -20.96
CA LEU A 489 14.36 19.00 -21.57
C LEU A 489 15.30 19.25 -22.74
N ARG A 490 15.16 20.40 -23.39
CA ARG A 490 16.11 20.79 -24.43
C ARG A 490 17.45 21.18 -23.83
N ARG A 491 17.41 21.92 -22.72
CA ARG A 491 18.62 22.35 -22.04
C ARG A 491 19.42 21.17 -21.52
N LEU A 492 18.71 20.15 -21.06
CA LEU A 492 19.36 18.90 -20.67
C LEU A 492 19.97 18.22 -21.88
N HIS A 493 19.21 18.21 -22.98
CA HIS A 493 19.67 17.61 -24.23
C HIS A 493 20.92 18.31 -24.76
N ARG A 494 20.96 19.62 -24.60
CA ARG A 494 22.10 20.42 -25.06
C ARG A 494 23.32 20.23 -24.16
N ALA A 495 23.09 19.82 -22.92
CA ALA A 495 24.17 19.52 -21.99
C ALA A 495 24.75 18.14 -22.24
N GLY A 496 24.23 17.43 -23.24
CA GLY A 496 24.77 16.15 -23.67
C GLY A 496 23.97 14.94 -23.22
N VAL A 497 22.85 15.19 -22.54
CA VAL A 497 22.03 14.10 -22.01
C VAL A 497 21.16 13.45 -23.09
N GLN A 498 21.20 12.13 -23.14
CA GLN A 498 20.36 11.36 -24.06
C GLN A 498 19.00 11.08 -23.42
N ILE A 499 17.96 11.80 -23.85
CA ILE A 499 16.61 11.55 -23.37
C ILE A 499 15.88 10.62 -24.32
N ALA A 500 15.12 9.67 -23.77
CA ALA A 500 14.28 8.78 -24.57
C ALA A 500 13.06 8.35 -23.78
N ILE A 501 12.00 7.99 -24.49
CA ILE A 501 10.82 7.41 -23.87
C ILE A 501 11.05 5.92 -23.69
N MET A 502 10.56 5.37 -22.59
CA MET A 502 10.70 3.94 -22.33
C MET A 502 9.82 3.12 -23.26
N THR A 503 10.26 1.90 -23.57
CA THR A 503 9.52 0.98 -24.42
C THR A 503 9.53 -0.39 -23.75
N PHE A 504 8.89 -1.37 -24.40
CA PHE A 504 8.79 -2.70 -23.80
C PHE A 504 10.16 -3.25 -23.41
N LYS A 505 11.16 -3.00 -24.24
CA LYS A 505 12.51 -3.45 -23.96
C LYS A 505 12.97 -2.88 -22.62
N ASP A 506 12.69 -1.59 -22.43
CA ASP A 506 13.09 -0.88 -21.23
C ASP A 506 12.32 -1.35 -20.00
N TYR A 507 10.99 -1.47 -20.12
CA TYR A 507 10.17 -1.95 -19.02
C TYR A 507 10.55 -3.40 -18.67
N PHE A 508 10.88 -4.17 -19.69
CA PHE A 508 11.28 -5.56 -19.48
C PHE A 508 12.59 -5.62 -18.68
N TYR A 509 13.55 -4.77 -19.06
CA TYR A 509 14.83 -4.73 -18.36
C TYR A 509 14.65 -4.32 -16.91
N CYS A 510 13.96 -3.21 -16.68
CA CYS A 510 13.68 -2.72 -15.34
C CYS A 510 13.00 -3.77 -14.47
N TRP A 511 12.05 -4.48 -15.06
CA TRP A 511 11.32 -5.52 -14.33
C TRP A 511 12.27 -6.58 -13.80
N ASN A 512 13.31 -6.88 -14.56
CA ASN A 512 14.26 -7.93 -14.21
C ASN A 512 15.44 -7.43 -13.39
N THR A 513 15.54 -6.11 -13.22
CA THR A 513 16.72 -5.50 -12.61
C THR A 513 16.43 -4.80 -11.28
N PHE A 514 15.32 -4.07 -11.21
CA PHE A 514 15.01 -3.23 -10.05
C PHE A 514 13.79 -3.69 -9.26
N VAL A 515 13.21 -4.83 -9.64
CA VAL A 515 11.95 -5.29 -9.06
C VAL A 515 12.08 -6.68 -8.43
N GLU A 516 11.42 -6.86 -7.29
CA GLU A 516 11.35 -8.16 -6.61
C GLU A 516 10.19 -8.96 -7.21
N ASN A 517 10.42 -9.49 -8.40
CA ASN A 517 9.34 -10.02 -9.24
C ASN A 517 8.90 -11.46 -8.95
N HIS A 518 9.70 -12.19 -8.16
CA HIS A 518 9.40 -13.58 -7.83
C HIS A 518 9.26 -14.45 -9.08
N GLU A 519 10.09 -14.16 -10.08
CA GLU A 519 10.15 -14.96 -11.32
C GLU A 519 8.93 -14.80 -12.22
N ARG A 520 7.86 -14.18 -11.72
CA ARG A 520 6.68 -13.92 -12.53
C ARG A 520 7.09 -13.04 -13.71
N THR A 521 6.69 -13.45 -14.91
CA THR A 521 7.10 -12.75 -16.12
C THR A 521 6.39 -11.40 -16.23
N PHE A 522 7.04 -10.44 -16.87
CA PHE A 522 6.48 -9.11 -17.02
C PHE A 522 5.26 -9.10 -17.94
N LYS A 523 4.11 -8.79 -17.39
CA LYS A 523 2.88 -8.66 -18.16
C LYS A 523 2.67 -7.20 -18.53
N ALA A 524 2.67 -6.91 -19.84
CA ALA A 524 2.43 -5.56 -20.32
C ALA A 524 0.96 -5.17 -20.14
N TRP A 525 0.73 -3.90 -19.83
CA TRP A 525 -0.62 -3.38 -19.61
C TRP A 525 -1.22 -2.87 -20.91
N GLU A 526 -2.55 -2.93 -21.00
CA GLU A 526 -3.26 -2.47 -22.19
C GLU A 526 -3.00 -0.98 -22.44
N GLY A 527 -2.31 -0.68 -23.54
CA GLY A 527 -2.03 0.68 -23.93
C GLY A 527 -0.58 1.04 -23.79
N LEU A 528 0.25 0.06 -23.45
CA LEU A 528 1.69 0.29 -23.32
C LEU A 528 2.30 0.71 -24.65
N HIS A 529 2.19 -0.15 -25.65
CA HIS A 529 2.84 0.09 -26.94
C HIS A 529 2.31 1.33 -27.64
N GLU A 530 1.02 1.62 -27.45
CA GLU A 530 0.43 2.83 -28.02
C GLU A 530 0.97 4.08 -27.33
N ASN A 531 0.94 4.08 -26.00
CA ASN A 531 1.42 5.22 -25.22
C ASN A 531 2.89 5.51 -25.47
N SER A 532 3.69 4.45 -25.57
CA SER A 532 5.11 4.59 -25.86
C SER A 532 5.34 5.30 -27.20
N VAL A 533 4.62 4.85 -28.23
CA VAL A 533 4.75 5.43 -29.56
C VAL A 533 4.33 6.89 -29.60
N ARG A 534 3.17 7.19 -29.03
CA ARG A 534 2.66 8.56 -28.98
C ARG A 534 3.68 9.50 -28.32
N LEU A 535 4.12 9.13 -27.12
CA LEU A 535 5.05 9.94 -26.35
C LEU A 535 6.40 10.12 -27.08
N SER A 536 6.88 9.06 -27.73
CA SER A 536 8.13 9.13 -28.48
C SER A 536 8.08 10.26 -29.49
N ARG A 537 6.95 10.47 -30.12
CA ARG A 537 6.83 11.54 -31.08
C ARG A 537 6.73 12.84 -30.39
N GLN A 538 5.96 12.88 -29.35
CA GLN A 538 5.78 14.12 -28.59
C GLN A 538 7.14 14.65 -28.11
N LEU A 539 8.05 13.74 -27.80
CA LEU A 539 9.39 14.11 -27.36
C LEU A 539 10.22 14.57 -28.56
N ARG A 540 10.17 13.78 -29.63
CA ARG A 540 10.84 14.11 -30.88
C ARG A 540 10.50 15.53 -31.32
N ARG A 541 9.27 15.96 -31.01
CA ARG A 541 8.81 17.30 -31.33
C ARG A 541 9.47 18.35 -30.44
N ILE A 542 9.84 17.96 -29.22
CA ILE A 542 10.43 18.88 -28.25
C ILE A 542 11.91 19.15 -28.55
N LEU A 543 12.61 18.15 -29.07
CA LEU A 543 14.05 18.24 -29.25
C LEU A 543 14.43 18.66 -30.68
N LEU A 544 13.56 19.42 -31.32
CA LEU A 544 13.83 19.95 -32.65
C LEU A 544 13.74 21.48 -32.64
N LYS B 1 -32.93 -6.78 3.98
CA LYS B 1 -31.91 -6.58 2.91
C LYS B 1 -32.25 -7.41 1.69
N ILE B 2 -32.78 -8.61 1.93
CA ILE B 2 -33.25 -9.49 0.86
C ILE B 2 -34.71 -9.16 0.56
N GLU B 3 -34.99 -8.85 -0.71
CA GLU B 3 -36.34 -8.50 -1.12
C GLU B 3 -37.28 -9.69 -0.97
N GLU B 4 -38.37 -9.47 -0.24
CA GLU B 4 -39.38 -10.51 -0.02
C GLU B 4 -40.31 -10.66 -1.22
N GLY B 5 -40.88 -11.85 -1.38
CA GLY B 5 -41.85 -12.11 -2.43
C GLY B 5 -41.19 -12.54 -3.74
N LYS B 6 -39.87 -12.69 -3.71
CA LYS B 6 -39.10 -13.05 -4.89
C LYS B 6 -38.07 -14.13 -4.53
N LEU B 7 -37.67 -14.92 -5.54
CA LEU B 7 -36.57 -15.87 -5.36
C LEU B 7 -35.39 -15.48 -6.23
N VAL B 8 -34.26 -15.22 -5.58
CA VAL B 8 -33.01 -15.02 -6.29
C VAL B 8 -32.15 -16.27 -6.11
N ILE B 9 -31.71 -16.84 -7.22
CA ILE B 9 -30.88 -18.04 -7.19
C ILE B 9 -29.48 -17.73 -7.73
N TRP B 10 -28.47 -18.32 -7.10
CA TRP B 10 -27.10 -18.27 -7.60
C TRP B 10 -26.65 -19.68 -7.96
N ILE B 11 -26.08 -19.84 -9.15
CA ILE B 11 -25.58 -21.13 -9.61
C ILE B 11 -24.35 -20.91 -10.48
N ASN B 12 -23.42 -21.86 -10.46
CA ASN B 12 -22.17 -21.71 -11.19
C ASN B 12 -22.41 -21.60 -12.69
N GLY B 13 -21.65 -20.73 -13.34
CA GLY B 13 -21.85 -20.43 -14.75
C GLY B 13 -21.58 -21.56 -15.71
N ASP B 14 -21.08 -22.69 -15.21
CA ASP B 14 -20.83 -23.85 -16.06
C ASP B 14 -21.97 -24.87 -15.96
N LYS B 15 -23.03 -24.51 -15.24
CA LYS B 15 -24.23 -25.33 -15.14
C LYS B 15 -25.32 -24.78 -16.07
N GLY B 16 -26.47 -25.45 -16.09
CA GLY B 16 -27.54 -25.08 -16.99
C GLY B 16 -28.49 -24.05 -16.40
N TYR B 17 -28.04 -22.79 -16.32
CA TYR B 17 -28.85 -21.75 -15.69
C TYR B 17 -29.98 -21.25 -16.58
N ASN B 18 -29.83 -21.41 -17.90
CA ASN B 18 -30.91 -21.09 -18.81
C ASN B 18 -32.02 -22.13 -18.62
N GLY B 19 -31.62 -23.39 -18.51
CA GLY B 19 -32.55 -24.47 -18.26
C GLY B 19 -33.25 -24.31 -16.93
N LEU B 20 -32.53 -23.79 -15.94
CA LEU B 20 -33.09 -23.57 -14.61
C LEU B 20 -34.03 -22.37 -14.61
N ALA B 21 -33.61 -21.28 -15.26
CA ALA B 21 -34.40 -20.07 -15.31
C ALA B 21 -35.77 -20.33 -15.93
N GLU B 22 -35.83 -21.28 -16.86
CA GLU B 22 -37.10 -21.70 -17.45
C GLU B 22 -38.02 -22.26 -16.38
N VAL B 23 -37.48 -23.12 -15.52
CA VAL B 23 -38.25 -23.69 -14.41
C VAL B 23 -38.79 -22.57 -13.54
N GLY B 24 -38.04 -21.47 -13.47
CA GLY B 24 -38.45 -20.31 -12.71
C GLY B 24 -39.52 -19.48 -13.40
N LYS B 25 -39.82 -19.83 -14.65
CA LYS B 25 -40.89 -19.17 -15.41
C LYS B 25 -42.18 -19.96 -15.22
N LYS B 26 -42.07 -21.28 -15.25
CA LYS B 26 -43.19 -22.15 -14.92
C LYS B 26 -43.62 -21.89 -13.48
N PHE B 27 -42.66 -21.48 -12.65
CA PHE B 27 -42.94 -21.16 -11.26
C PHE B 27 -43.69 -19.84 -11.17
N GLU B 28 -43.21 -18.82 -11.88
CA GLU B 28 -43.88 -17.52 -11.91
C GLU B 28 -45.25 -17.64 -12.56
N LYS B 29 -45.40 -18.64 -13.43
CA LYS B 29 -46.67 -18.89 -14.11
C LYS B 29 -47.74 -19.36 -13.15
N ASP B 30 -47.38 -20.29 -12.27
CA ASP B 30 -48.35 -20.92 -11.36
C ASP B 30 -48.38 -20.27 -9.98
N THR B 31 -47.42 -19.38 -9.72
CA THR B 31 -47.24 -18.81 -8.37
C THR B 31 -47.21 -17.29 -8.41
N GLY B 32 -46.91 -16.72 -9.58
CA GLY B 32 -46.89 -15.28 -9.74
C GLY B 32 -45.64 -14.65 -9.15
N ILE B 33 -44.65 -15.48 -8.86
CA ILE B 33 -43.43 -15.05 -8.19
C ILE B 33 -42.22 -15.13 -9.12
N LYS B 34 -41.62 -13.98 -9.40
CA LYS B 34 -40.42 -13.91 -10.23
C LYS B 34 -39.26 -14.72 -9.64
N VAL B 35 -38.47 -15.31 -10.52
CA VAL B 35 -37.32 -16.12 -10.11
C VAL B 35 -36.12 -15.76 -10.97
N THR B 36 -35.34 -14.79 -10.52
CA THR B 36 -34.13 -14.39 -11.22
C THR B 36 -32.99 -15.35 -10.89
N VAL B 37 -32.37 -15.89 -11.94
CA VAL B 37 -31.21 -16.75 -11.79
C VAL B 37 -29.94 -15.97 -12.16
N GLU B 38 -29.03 -15.84 -11.22
CA GLU B 38 -27.74 -15.20 -11.46
C GLU B 38 -26.61 -16.23 -11.43
N HIS B 39 -25.47 -15.87 -11.99
CA HIS B 39 -24.30 -16.74 -11.97
C HIS B 39 -23.01 -15.91 -11.88
N PRO B 40 -22.82 -15.23 -10.74
CA PRO B 40 -21.60 -14.43 -10.56
C PRO B 40 -20.38 -15.32 -10.45
N ASP B 41 -19.20 -14.77 -10.70
CA ASP B 41 -17.96 -15.52 -10.52
C ASP B 41 -17.63 -15.57 -9.04
N LYS B 42 -17.07 -16.70 -8.60
CA LYS B 42 -16.68 -16.87 -7.20
C LYS B 42 -17.88 -16.70 -6.26
N LEU B 43 -19.06 -17.17 -6.68
CA LEU B 43 -20.26 -17.03 -5.86
C LEU B 43 -20.07 -17.78 -4.55
N GLU B 44 -19.39 -18.91 -4.61
CA GLU B 44 -19.19 -19.74 -3.43
C GLU B 44 -18.30 -19.04 -2.40
N GLU B 45 -17.47 -18.12 -2.86
CA GLU B 45 -16.69 -17.26 -1.97
C GLU B 45 -17.56 -16.10 -1.48
N LYS B 46 -18.26 -15.46 -2.41
CA LYS B 46 -19.07 -14.30 -2.11
C LYS B 46 -20.20 -14.60 -1.12
N PHE B 47 -20.78 -15.80 -1.24
CA PHE B 47 -21.97 -16.14 -0.45
C PHE B 47 -21.76 -16.00 1.06
N PRO B 48 -20.74 -16.67 1.62
CA PRO B 48 -20.52 -16.52 3.07
C PRO B 48 -20.24 -15.08 3.51
N GLN B 49 -19.70 -14.25 2.62
CA GLN B 49 -19.47 -12.85 2.93
C GLN B 49 -20.79 -12.08 3.08
N VAL B 50 -21.61 -12.13 2.04
CA VAL B 50 -22.88 -11.40 2.04
C VAL B 50 -23.92 -12.06 2.93
N ALA B 51 -23.85 -13.38 3.06
CA ALA B 51 -24.83 -14.11 3.88
C ALA B 51 -24.63 -13.79 5.36
N ALA B 52 -23.39 -13.53 5.75
CA ALA B 52 -23.07 -13.18 7.13
C ALA B 52 -23.73 -11.88 7.54
N THR B 53 -23.93 -10.98 6.58
CA THR B 53 -24.56 -9.69 6.85
C THR B 53 -26.08 -9.76 6.71
N GLY B 54 -26.59 -10.95 6.39
CA GLY B 54 -28.02 -11.16 6.23
C GLY B 54 -28.52 -10.80 4.84
N ASP B 55 -27.67 -10.99 3.84
CA ASP B 55 -28.00 -10.68 2.46
C ASP B 55 -27.75 -11.90 1.58
N GLY B 56 -27.66 -11.68 0.26
CA GLY B 56 -27.36 -12.75 -0.67
C GLY B 56 -28.60 -13.30 -1.36
N PRO B 57 -28.46 -14.46 -2.01
CA PRO B 57 -29.58 -15.11 -2.69
C PRO B 57 -30.44 -15.91 -1.72
N ASP B 58 -31.61 -16.34 -2.16
CA ASP B 58 -32.47 -17.17 -1.34
C ASP B 58 -32.01 -18.61 -1.39
N ILE B 59 -31.54 -19.02 -2.56
CA ILE B 59 -31.08 -20.39 -2.80
C ILE B 59 -29.70 -20.35 -3.41
N ILE B 60 -28.82 -21.24 -2.97
CA ILE B 60 -27.49 -21.35 -3.54
C ILE B 60 -27.22 -22.76 -4.04
N PHE B 61 -26.68 -22.85 -5.26
CA PHE B 61 -26.31 -24.12 -5.85
C PHE B 61 -24.79 -24.25 -5.88
N TRP B 62 -24.30 -25.36 -5.33
CA TRP B 62 -22.89 -25.72 -5.43
C TRP B 62 -22.75 -27.19 -5.09
N ALA B 63 -21.57 -27.76 -5.35
CA ALA B 63 -21.28 -29.11 -4.89
C ALA B 63 -21.33 -29.12 -3.36
N HIS B 64 -21.71 -30.26 -2.80
CA HIS B 64 -22.00 -30.36 -1.37
C HIS B 64 -20.79 -30.03 -0.48
N ASP B 65 -19.59 -30.12 -1.03
CA ASP B 65 -18.38 -30.02 -0.22
C ASP B 65 -18.18 -28.64 0.42
N ARG B 66 -18.95 -27.65 0.00
CA ARG B 66 -18.83 -26.31 0.55
C ARG B 66 -19.93 -25.98 1.56
N PHE B 67 -20.74 -26.96 1.92
CA PHE B 67 -21.96 -26.70 2.69
C PHE B 67 -21.81 -26.87 4.20
N GLY B 68 -20.90 -27.74 4.63
CA GLY B 68 -20.60 -27.83 6.05
C GLY B 68 -20.05 -26.52 6.57
N GLY B 69 -19.19 -25.89 5.76
CA GLY B 69 -18.67 -24.58 6.07
C GLY B 69 -19.77 -23.55 6.27
N TYR B 70 -20.71 -23.48 5.33
CA TYR B 70 -21.83 -22.55 5.44
C TYR B 70 -22.67 -22.86 6.69
N ALA B 71 -22.93 -24.15 6.88
CA ALA B 71 -23.70 -24.62 8.03
C ALA B 71 -23.01 -24.30 9.36
N GLN B 72 -21.69 -24.49 9.41
CA GLN B 72 -20.94 -24.19 10.63
C GLN B 72 -21.12 -22.74 11.03
N SER B 73 -21.20 -21.86 10.04
CA SER B 73 -21.27 -20.42 10.28
C SER B 73 -22.71 -19.91 10.48
N GLY B 74 -23.69 -20.81 10.39
CA GLY B 74 -25.08 -20.45 10.60
C GLY B 74 -25.72 -19.74 9.42
N LEU B 75 -25.31 -20.10 8.21
CA LEU B 75 -25.74 -19.40 7.00
C LEU B 75 -26.84 -20.12 6.25
N LEU B 76 -27.10 -21.37 6.61
CA LEU B 76 -28.09 -22.18 5.91
C LEU B 76 -29.33 -22.46 6.76
N ALA B 77 -30.48 -22.34 6.11
CA ALA B 77 -31.75 -22.73 6.74
C ALA B 77 -31.82 -24.24 6.75
N GLU B 78 -32.50 -24.79 7.73
CA GLU B 78 -32.64 -26.23 7.86
C GLU B 78 -33.72 -26.71 6.90
N ILE B 79 -33.38 -27.63 6.01
CA ILE B 79 -34.37 -28.21 5.11
C ILE B 79 -35.08 -29.36 5.83
N THR B 80 -36.35 -29.55 5.51
CA THR B 80 -37.18 -30.51 6.25
C THR B 80 -38.20 -31.17 5.31
N PRO B 81 -37.72 -32.09 4.46
CA PRO B 81 -38.63 -32.79 3.55
C PRO B 81 -39.44 -33.86 4.25
N ASP B 82 -40.71 -34.00 3.87
CA ASP B 82 -41.55 -35.08 4.39
C ASP B 82 -40.93 -36.41 4.01
N LYS B 83 -41.26 -37.46 4.75
CA LYS B 83 -40.76 -38.80 4.46
C LYS B 83 -41.11 -39.21 3.03
N ALA B 84 -42.18 -38.61 2.52
CA ALA B 84 -42.61 -38.82 1.14
C ALA B 84 -41.50 -38.43 0.16
N PHE B 85 -41.01 -37.19 0.29
CA PHE B 85 -40.03 -36.65 -0.63
C PHE B 85 -38.68 -37.36 -0.52
N GLN B 86 -38.29 -37.72 0.69
CA GLN B 86 -36.98 -38.32 0.92
C GLN B 86 -36.80 -39.65 0.20
N ASP B 87 -37.92 -40.32 -0.07
CA ASP B 87 -37.90 -41.61 -0.76
C ASP B 87 -37.77 -41.43 -2.28
N LYS B 88 -38.27 -40.30 -2.78
CA LYS B 88 -38.14 -39.98 -4.20
C LYS B 88 -36.68 -39.95 -4.61
N LEU B 89 -35.81 -39.50 -3.70
CA LEU B 89 -34.39 -39.35 -3.97
C LEU B 89 -33.55 -40.49 -3.42
N TYR B 90 -32.45 -40.80 -4.11
CA TYR B 90 -31.52 -41.85 -3.67
C TYR B 90 -31.00 -41.58 -2.25
N PRO B 91 -30.96 -42.62 -1.40
CA PRO B 91 -30.41 -42.49 -0.04
C PRO B 91 -28.98 -41.95 0.04
N PHE B 92 -28.11 -42.36 -0.89
CA PHE B 92 -26.70 -42.01 -0.80
C PHE B 92 -26.44 -40.55 -1.19
N THR B 93 -27.42 -39.92 -1.83
CA THR B 93 -27.31 -38.50 -2.17
C THR B 93 -27.73 -37.64 -0.98
N TRP B 94 -28.63 -38.16 -0.15
CA TRP B 94 -29.03 -37.47 1.06
C TRP B 94 -27.87 -37.39 2.06
N ASP B 95 -27.00 -38.40 2.03
CA ASP B 95 -25.84 -38.43 2.90
C ASP B 95 -24.91 -37.25 2.63
N ALA B 96 -24.61 -37.02 1.35
CA ALA B 96 -23.72 -35.94 0.93
C ALA B 96 -24.13 -34.58 1.48
N VAL B 97 -25.40 -34.43 1.83
CA VAL B 97 -25.93 -33.18 2.36
C VAL B 97 -26.32 -33.30 3.84
N ARG B 98 -25.93 -34.40 4.47
CA ARG B 98 -26.18 -34.58 5.90
C ARG B 98 -24.95 -34.15 6.71
N TYR B 99 -25.19 -33.29 7.70
CA TYR B 99 -24.12 -32.70 8.49
C TYR B 99 -24.65 -32.16 9.81
N ASN B 100 -23.93 -32.47 10.90
CA ASN B 100 -24.34 -32.04 12.24
C ASN B 100 -25.77 -32.48 12.55
N GLY B 101 -26.10 -33.71 12.19
CA GLY B 101 -27.38 -34.30 12.54
C GLY B 101 -28.56 -33.80 11.73
N LYS B 102 -28.33 -32.83 10.85
CA LYS B 102 -29.39 -32.23 10.05
C LYS B 102 -29.18 -32.47 8.55
N LEU B 103 -30.17 -32.07 7.77
CA LEU B 103 -30.03 -31.92 6.34
C LEU B 103 -29.97 -30.43 6.05
N ILE B 104 -29.01 -30.03 5.21
CA ILE B 104 -28.69 -28.61 5.03
C ILE B 104 -28.87 -28.16 3.58
N ALA B 105 -29.01 -29.12 2.68
CA ALA B 105 -29.24 -28.82 1.27
C ALA B 105 -30.02 -29.94 0.59
N TYR B 106 -30.78 -29.58 -0.44
CA TYR B 106 -31.44 -30.56 -1.30
C TYR B 106 -30.47 -31.09 -2.33
N PRO B 107 -30.24 -32.41 -2.37
CA PRO B 107 -29.33 -32.94 -3.40
C PRO B 107 -30.01 -33.04 -4.76
N ILE B 108 -29.27 -32.76 -5.83
CA ILE B 108 -29.83 -32.64 -7.17
C ILE B 108 -29.23 -33.66 -8.13
N ALA B 109 -27.91 -33.71 -8.19
CA ALA B 109 -27.24 -34.53 -9.19
C ALA B 109 -25.82 -34.89 -8.79
N VAL B 110 -25.45 -36.15 -9.07
CA VAL B 110 -24.12 -36.66 -8.83
C VAL B 110 -23.26 -36.45 -10.06
N GLU B 111 -22.22 -35.62 -9.93
CA GLU B 111 -21.33 -35.29 -11.04
C GLU B 111 -19.91 -35.75 -10.73
N ALA B 112 -19.27 -36.36 -11.72
CA ALA B 112 -17.92 -36.89 -11.57
C ALA B 112 -17.17 -36.73 -12.88
N LEU B 113 -15.85 -36.58 -12.79
CA LEU B 113 -15.02 -36.42 -13.98
C LEU B 113 -14.90 -37.73 -14.74
N SER B 114 -14.78 -37.62 -16.06
CA SER B 114 -14.55 -38.78 -16.91
C SER B 114 -13.55 -38.40 -17.99
N LEU B 115 -12.96 -39.40 -18.62
CA LEU B 115 -12.08 -39.19 -19.76
C LEU B 115 -12.92 -39.05 -21.03
N ILE B 116 -12.69 -37.97 -21.76
CA ILE B 116 -13.43 -37.66 -22.99
C ILE B 116 -12.49 -37.62 -24.18
N TYR B 117 -12.61 -38.60 -25.07
CA TYR B 117 -11.66 -38.76 -26.18
C TYR B 117 -12.31 -38.59 -27.55
N ASN B 118 -11.49 -38.23 -28.52
CA ASN B 118 -11.92 -38.05 -29.91
C ASN B 118 -11.85 -39.37 -30.65
N LYS B 119 -13.01 -39.86 -31.09
CA LYS B 119 -13.12 -41.21 -31.63
C LYS B 119 -12.44 -41.37 -32.99
N ASP B 120 -12.31 -40.27 -33.71
CA ASP B 120 -11.68 -40.29 -35.04
C ASP B 120 -10.17 -40.22 -34.92
N LEU B 121 -9.68 -39.40 -34.00
CA LEU B 121 -8.25 -39.21 -33.80
C LEU B 121 -7.63 -40.31 -32.96
N LEU B 122 -8.47 -41.03 -32.22
CA LEU B 122 -8.01 -42.01 -31.26
C LEU B 122 -9.03 -43.13 -31.12
N PRO B 123 -9.05 -44.05 -32.10
CA PRO B 123 -10.01 -45.16 -32.16
C PRO B 123 -10.05 -45.98 -30.85
N ASN B 124 -8.89 -46.20 -30.25
CA ASN B 124 -8.79 -46.91 -28.98
C ASN B 124 -8.08 -46.04 -27.95
N PRO B 125 -8.82 -45.47 -26.98
CA PRO B 125 -8.17 -44.56 -26.03
C PRO B 125 -7.29 -45.30 -25.02
N PRO B 126 -6.28 -44.63 -24.46
CA PRO B 126 -5.33 -45.25 -23.53
C PRO B 126 -6.00 -45.77 -22.25
N LYS B 127 -5.44 -46.82 -21.69
CA LYS B 127 -5.92 -47.38 -20.42
C LYS B 127 -5.05 -46.93 -19.25
N THR B 128 -3.92 -46.29 -19.57
CA THR B 128 -2.97 -45.88 -18.54
C THR B 128 -2.38 -44.51 -18.86
N TRP B 129 -1.91 -43.82 -17.81
CA TRP B 129 -1.35 -42.49 -17.94
C TRP B 129 0.02 -42.50 -18.62
N GLU B 130 0.75 -43.60 -18.46
CA GLU B 130 2.16 -43.66 -18.86
C GLU B 130 2.38 -43.77 -20.37
N GLU B 131 1.30 -44.05 -21.11
CA GLU B 131 1.39 -44.22 -22.56
C GLU B 131 0.88 -42.98 -23.28
N ILE B 132 0.83 -41.86 -22.57
CA ILE B 132 0.43 -40.58 -23.15
C ILE B 132 1.63 -39.81 -23.70
N PRO B 133 2.80 -39.92 -23.06
CA PRO B 133 3.99 -39.35 -23.71
C PRO B 133 4.26 -40.05 -25.05
N ALA B 134 3.99 -41.35 -25.07
CA ALA B 134 4.12 -42.13 -26.30
C ALA B 134 3.13 -41.65 -27.35
N LEU B 135 1.97 -41.18 -26.89
CA LEU B 135 0.88 -40.82 -27.79
C LEU B 135 0.98 -39.37 -28.25
N ASP B 136 1.37 -38.47 -27.36
CA ASP B 136 1.56 -37.08 -27.72
C ASP B 136 2.71 -36.94 -28.72
N LYS B 137 3.54 -37.99 -28.81
CA LYS B 137 4.64 -38.02 -29.77
C LYS B 137 4.13 -38.37 -31.16
N GLU B 138 3.21 -39.32 -31.23
CA GLU B 138 2.59 -39.71 -32.50
C GLU B 138 1.78 -38.54 -33.05
N LEU B 139 0.89 -38.03 -32.21
CA LEU B 139 -0.05 -36.99 -32.61
C LEU B 139 0.64 -35.63 -32.76
N LYS B 140 1.87 -35.53 -32.26
CA LYS B 140 2.66 -34.30 -32.40
C LYS B 140 3.04 -34.11 -33.86
N ALA B 141 3.45 -35.21 -34.49
CA ALA B 141 3.80 -35.20 -35.91
C ALA B 141 2.57 -34.94 -36.76
N LYS B 142 1.44 -35.52 -36.35
CA LYS B 142 0.19 -35.39 -37.10
C LYS B 142 -0.44 -34.01 -36.96
N GLY B 143 0.20 -33.13 -36.20
CA GLY B 143 -0.25 -31.76 -36.06
C GLY B 143 -1.32 -31.57 -35.01
N LYS B 144 -1.30 -32.41 -33.98
CA LYS B 144 -2.26 -32.32 -32.89
C LYS B 144 -1.58 -32.50 -31.53
N SER B 145 -2.40 -32.54 -30.47
CA SER B 145 -1.93 -32.84 -29.13
C SER B 145 -2.69 -34.04 -28.60
N ALA B 146 -2.13 -34.71 -27.60
CA ALA B 146 -2.74 -35.93 -27.07
C ALA B 146 -3.77 -35.62 -25.99
N LEU B 147 -3.45 -34.68 -25.11
CA LEU B 147 -4.27 -34.43 -23.94
C LEU B 147 -4.21 -32.96 -23.50
N MET B 148 -5.39 -32.39 -23.25
CA MET B 148 -5.50 -31.05 -22.71
C MET B 148 -6.67 -30.95 -21.75
N PHE B 149 -6.41 -30.42 -20.55
CA PHE B 149 -7.46 -30.15 -19.58
C PHE B 149 -7.04 -29.05 -18.63
N ASN B 150 -7.99 -28.51 -17.88
CA ASN B 150 -7.74 -27.43 -16.94
C ASN B 150 -6.73 -27.84 -15.88
N LEU B 151 -5.70 -27.03 -15.70
CA LEU B 151 -4.66 -27.27 -14.70
C LEU B 151 -4.69 -26.22 -13.60
N GLN B 152 -5.59 -25.24 -13.74
CA GLN B 152 -5.70 -24.16 -12.77
C GLN B 152 -6.57 -24.54 -11.59
N GLU B 153 -7.43 -25.55 -11.78
CA GLU B 153 -8.30 -26.03 -10.72
C GLU B 153 -7.88 -27.45 -10.31
N PRO B 154 -7.61 -27.65 -8.99
CA PRO B 154 -7.09 -28.95 -8.55
C PRO B 154 -8.13 -30.07 -8.54
N TYR B 155 -9.39 -29.73 -8.84
CA TYR B 155 -10.42 -30.74 -9.01
C TYR B 155 -10.07 -31.66 -10.17
N PHE B 156 -9.60 -31.06 -11.27
CA PHE B 156 -9.27 -31.80 -12.47
C PHE B 156 -7.98 -32.62 -12.34
N THR B 157 -7.12 -32.20 -11.41
CA THR B 157 -5.82 -32.84 -11.22
C THR B 157 -5.84 -33.86 -10.09
N TRP B 158 -6.84 -33.75 -9.21
CA TRP B 158 -6.94 -34.61 -8.04
C TRP B 158 -7.06 -36.12 -8.35
N PRO B 159 -7.66 -36.50 -9.49
CA PRO B 159 -7.73 -37.94 -9.76
C PRO B 159 -6.36 -38.60 -9.85
N LEU B 160 -5.39 -37.89 -10.42
CA LEU B 160 -4.06 -38.43 -10.61
C LEU B 160 -3.25 -38.40 -9.32
N ILE B 161 -3.44 -37.34 -8.53
CA ILE B 161 -2.77 -37.22 -7.24
C ILE B 161 -3.29 -38.29 -6.28
N ALA B 162 -4.60 -38.54 -6.35
CA ALA B 162 -5.25 -39.45 -5.42
C ALA B 162 -5.11 -40.91 -5.82
N ALA B 163 -4.47 -41.16 -6.95
CA ALA B 163 -4.44 -42.49 -7.55
C ALA B 163 -3.56 -43.47 -6.78
N ASP B 164 -2.32 -43.08 -6.49
CA ASP B 164 -1.35 -43.99 -5.89
C ASP B 164 -1.42 -44.00 -4.36
N GLY B 165 -2.03 -42.98 -3.76
CA GLY B 165 -2.15 -42.94 -2.31
C GLY B 165 -2.61 -41.62 -1.72
N GLY B 166 -2.65 -40.56 -2.54
CA GLY B 166 -3.08 -39.26 -2.07
C GLY B 166 -4.52 -39.30 -1.57
N TYR B 167 -4.79 -38.51 -0.53
CA TYR B 167 -6.13 -38.35 0.00
C TYR B 167 -6.22 -37.01 0.71
N ALA B 168 -7.43 -36.61 1.11
CA ALA B 168 -7.62 -35.34 1.81
C ALA B 168 -7.62 -35.55 3.32
N PHE B 169 -8.61 -36.30 3.80
CA PHE B 169 -8.69 -36.66 5.21
C PHE B 169 -8.91 -38.16 5.34
N LYS B 170 -8.10 -38.81 6.18
CA LYS B 170 -8.23 -40.24 6.38
C LYS B 170 -9.61 -40.58 6.93
N TYR B 171 -10.28 -41.52 6.27
CA TYR B 171 -11.63 -41.93 6.63
C TYR B 171 -11.60 -43.34 7.20
N GLU B 172 -12.35 -43.57 8.26
CA GLU B 172 -12.38 -44.88 8.89
C GLU B 172 -13.48 -44.98 9.94
N ASN B 173 -14.17 -46.11 9.95
CA ASN B 173 -15.27 -46.37 10.87
C ASN B 173 -16.39 -45.35 10.74
N GLY B 174 -16.45 -44.70 9.59
CA GLY B 174 -17.54 -43.79 9.28
C GLY B 174 -17.32 -42.36 9.73
N LYS B 175 -16.07 -41.94 9.82
CA LYS B 175 -15.73 -40.58 10.26
C LYS B 175 -14.44 -40.09 9.62
N TYR B 176 -14.24 -38.77 9.65
CA TYR B 176 -13.04 -38.14 9.08
C TYR B 176 -12.07 -37.66 10.16
N ASP B 177 -10.80 -38.04 10.01
CA ASP B 177 -9.74 -37.57 10.90
C ASP B 177 -9.14 -36.30 10.31
N ILE B 178 -9.59 -35.15 10.80
CA ILE B 178 -9.15 -33.84 10.29
C ILE B 178 -7.68 -33.53 10.57
N LYS B 179 -7.03 -34.39 11.34
CA LYS B 179 -5.63 -34.18 11.70
C LYS B 179 -4.69 -35.04 10.85
N ASP B 180 -5.24 -36.09 10.24
CA ASP B 180 -4.49 -36.96 9.35
C ASP B 180 -4.76 -36.57 7.90
N VAL B 181 -3.91 -35.71 7.36
CA VAL B 181 -4.03 -35.23 5.98
C VAL B 181 -2.98 -35.91 5.10
N GLY B 182 -3.38 -36.28 3.88
CA GLY B 182 -2.53 -37.04 2.99
C GLY B 182 -2.20 -36.37 1.67
N VAL B 183 -1.84 -35.08 1.71
CA VAL B 183 -1.48 -34.36 0.49
C VAL B 183 0.00 -34.49 0.15
N ASP B 184 0.86 -34.54 1.17
CA ASP B 184 2.31 -34.61 0.95
C ASP B 184 2.88 -35.99 1.25
N ASN B 185 2.04 -37.03 1.10
CA ASN B 185 2.51 -38.40 1.32
C ASN B 185 3.16 -38.99 0.08
N ALA B 186 3.49 -40.28 0.15
CA ALA B 186 4.20 -40.97 -0.92
C ALA B 186 3.45 -40.92 -2.25
N GLY B 187 2.23 -41.45 -2.26
CA GLY B 187 1.44 -41.58 -3.48
C GLY B 187 1.15 -40.25 -4.15
N ALA B 188 0.75 -39.26 -3.36
CA ALA B 188 0.43 -37.93 -3.90
C ALA B 188 1.63 -37.33 -4.62
N LYS B 189 2.83 -37.58 -4.08
CA LYS B 189 4.05 -37.07 -4.69
C LYS B 189 4.33 -37.77 -6.01
N ALA B 190 3.99 -39.06 -6.09
CA ALA B 190 4.17 -39.83 -7.31
C ALA B 190 3.29 -39.28 -8.42
N GLY B 191 2.02 -39.05 -8.11
CA GLY B 191 1.06 -38.57 -9.07
C GLY B 191 1.36 -37.18 -9.61
N LEU B 192 1.71 -36.27 -8.72
CA LEU B 192 1.95 -34.88 -9.12
C LEU B 192 3.25 -34.73 -9.89
N THR B 193 4.21 -35.61 -9.63
CA THR B 193 5.46 -35.59 -10.36
C THR B 193 5.20 -35.92 -11.83
N PHE B 194 4.41 -36.96 -12.06
CA PHE B 194 4.08 -37.37 -13.42
C PHE B 194 3.46 -36.22 -14.20
N LEU B 195 2.59 -35.45 -13.56
CA LEU B 195 1.93 -34.34 -14.24
C LEU B 195 2.95 -33.28 -14.66
N VAL B 196 3.92 -33.01 -13.79
CA VAL B 196 4.93 -32.01 -14.10
C VAL B 196 5.91 -32.55 -15.14
N ASP B 197 6.11 -33.86 -15.13
CA ASP B 197 6.93 -34.51 -16.15
C ASP B 197 6.32 -34.27 -17.53
N LEU B 198 5.00 -34.39 -17.62
CA LEU B 198 4.29 -34.14 -18.87
C LEU B 198 4.51 -32.70 -19.33
N ILE B 199 4.54 -31.77 -18.38
CA ILE B 199 4.68 -30.35 -18.71
C ILE B 199 6.13 -30.02 -19.10
N LYS B 200 7.08 -30.74 -18.50
CA LYS B 200 8.49 -30.56 -18.84
C LYS B 200 8.78 -31.17 -20.20
N ASN B 201 8.23 -32.36 -20.43
CA ASN B 201 8.33 -33.03 -21.73
C ASN B 201 7.43 -32.40 -22.79
N LYS B 202 6.82 -31.27 -22.46
CA LYS B 202 6.08 -30.44 -23.40
C LYS B 202 4.78 -31.08 -23.88
N HIS B 203 4.31 -32.10 -23.16
CA HIS B 203 3.05 -32.75 -23.49
C HIS B 203 1.86 -31.91 -23.01
N MET B 204 2.11 -30.96 -22.12
CA MET B 204 1.06 -30.08 -21.61
C MET B 204 1.62 -28.71 -21.24
N ASN B 205 0.77 -27.69 -21.33
CA ASN B 205 1.11 -26.35 -20.86
C ASN B 205 0.47 -26.06 -19.52
N ALA B 206 1.27 -25.63 -18.55
CA ALA B 206 0.77 -25.25 -17.24
C ALA B 206 -0.21 -24.09 -17.36
N ASP B 207 -0.11 -23.34 -18.45
CA ASP B 207 -0.98 -22.18 -18.68
C ASP B 207 -2.39 -22.59 -19.13
N THR B 208 -2.58 -23.87 -19.42
CA THR B 208 -3.88 -24.38 -19.87
C THR B 208 -4.93 -24.26 -18.77
N ASP B 209 -6.01 -23.55 -19.07
CA ASP B 209 -7.13 -23.39 -18.14
C ASP B 209 -8.33 -24.19 -18.65
N TYR B 210 -9.54 -23.78 -18.29
CA TYR B 210 -10.74 -24.50 -18.70
C TYR B 210 -11.15 -24.17 -20.14
N SER B 211 -11.13 -22.89 -20.48
CA SER B 211 -11.50 -22.45 -21.83
C SER B 211 -10.63 -23.10 -22.89
N ILE B 212 -9.32 -22.89 -22.77
CA ILE B 212 -8.33 -23.40 -23.70
C ILE B 212 -8.53 -24.89 -24.00
N ALA B 213 -8.76 -25.68 -22.96
CA ALA B 213 -8.90 -27.12 -23.11
C ALA B 213 -10.24 -27.50 -23.75
N GLU B 214 -11.23 -26.62 -23.65
CA GLU B 214 -12.54 -26.90 -24.24
C GLU B 214 -12.49 -26.65 -25.75
N ALA B 215 -12.10 -25.45 -26.13
CA ALA B 215 -11.99 -25.09 -27.55
C ALA B 215 -11.01 -25.99 -28.27
N ALA B 216 -9.99 -26.46 -27.56
CA ALA B 216 -9.01 -27.36 -28.13
C ALA B 216 -9.69 -28.66 -28.55
N PHE B 217 -10.38 -29.30 -27.62
CA PHE B 217 -11.05 -30.56 -27.91
C PHE B 217 -12.24 -30.36 -28.84
N ASN B 218 -12.89 -29.21 -28.72
CA ASN B 218 -14.06 -28.91 -29.53
C ASN B 218 -13.73 -28.69 -31.01
N LYS B 219 -12.52 -28.21 -31.28
CA LYS B 219 -12.06 -27.99 -32.65
C LYS B 219 -11.21 -29.17 -33.13
N GLY B 220 -11.25 -30.27 -32.40
CA GLY B 220 -10.50 -31.47 -32.77
C GLY B 220 -9.00 -31.31 -32.66
N GLU B 221 -8.54 -30.25 -31.98
CA GLU B 221 -7.12 -29.98 -31.85
C GLU B 221 -6.41 -30.95 -30.89
N THR B 222 -7.18 -31.70 -30.10
CA THR B 222 -6.59 -32.61 -29.12
C THR B 222 -7.38 -33.92 -29.02
N ALA B 223 -6.65 -35.01 -28.85
CA ALA B 223 -7.25 -36.35 -28.84
C ALA B 223 -8.06 -36.62 -27.57
N MET B 224 -7.73 -35.94 -26.48
CA MET B 224 -8.37 -36.22 -25.19
C MET B 224 -8.59 -34.99 -24.33
N THR B 225 -9.41 -35.17 -23.29
CA THR B 225 -9.66 -34.15 -22.28
C THR B 225 -10.33 -34.80 -21.07
N ILE B 226 -10.25 -34.14 -19.92
CA ILE B 226 -10.90 -34.62 -18.70
C ILE B 226 -11.94 -33.60 -18.27
N ASN B 227 -13.18 -34.05 -18.11
CA ASN B 227 -14.26 -33.14 -17.77
C ASN B 227 -15.50 -33.88 -17.26
N GLY B 228 -16.53 -33.12 -16.91
CA GLY B 228 -17.75 -33.67 -16.35
C GLY B 228 -18.98 -33.47 -17.24
N PRO B 229 -20.12 -34.07 -16.83
CA PRO B 229 -21.37 -34.07 -17.61
C PRO B 229 -21.79 -32.71 -18.17
N TRP B 230 -21.61 -31.65 -17.38
CA TRP B 230 -21.97 -30.31 -17.82
C TRP B 230 -21.30 -29.91 -19.14
N ALA B 231 -20.18 -30.54 -19.45
CA ALA B 231 -19.39 -30.18 -20.63
C ALA B 231 -19.94 -30.80 -21.92
N TRP B 232 -20.81 -31.80 -21.78
CA TRP B 232 -21.27 -32.59 -22.92
C TRP B 232 -22.06 -31.79 -23.96
N SER B 233 -22.68 -30.70 -23.54
CA SER B 233 -23.49 -29.89 -24.46
C SER B 233 -22.65 -29.27 -25.56
N ASN B 234 -21.59 -28.57 -25.18
CA ASN B 234 -20.79 -27.80 -26.14
C ASN B 234 -20.04 -28.70 -27.13
N ILE B 235 -19.86 -29.96 -26.78
CA ILE B 235 -19.17 -30.89 -27.67
C ILE B 235 -20.12 -31.33 -28.78
N ASP B 236 -21.40 -31.43 -28.46
CA ASP B 236 -22.43 -31.73 -29.46
C ASP B 236 -22.52 -30.59 -30.47
N THR B 237 -22.59 -29.37 -29.96
CA THR B 237 -22.73 -28.18 -30.78
C THR B 237 -21.52 -27.97 -31.72
N SER B 238 -20.41 -28.62 -31.41
CA SER B 238 -19.22 -28.56 -32.25
C SER B 238 -19.17 -29.75 -33.22
N LYS B 239 -20.10 -30.69 -33.03
CA LYS B 239 -20.27 -31.82 -33.95
C LYS B 239 -19.14 -32.84 -33.88
N VAL B 240 -18.19 -32.65 -32.97
CA VAL B 240 -17.09 -33.60 -32.79
C VAL B 240 -17.64 -34.96 -32.38
N ASN B 241 -17.04 -36.01 -32.93
CA ASN B 241 -17.41 -37.38 -32.57
C ASN B 241 -16.62 -37.84 -31.35
N TYR B 242 -17.25 -37.80 -30.18
CA TYR B 242 -16.56 -38.06 -28.92
C TYR B 242 -17.04 -39.32 -28.19
N GLY B 243 -16.22 -39.78 -27.26
CA GLY B 243 -16.57 -40.88 -26.38
C GLY B 243 -16.32 -40.48 -24.94
N VAL B 244 -16.79 -41.30 -24.01
CA VAL B 244 -16.67 -41.02 -22.58
C VAL B 244 -16.43 -42.33 -21.83
N THR B 245 -15.21 -42.49 -21.32
CA THR B 245 -14.81 -43.76 -20.71
C THR B 245 -14.00 -43.54 -19.42
N VAL B 246 -13.67 -44.64 -18.76
CA VAL B 246 -12.93 -44.61 -17.50
C VAL B 246 -11.63 -43.83 -17.65
N LEU B 247 -11.22 -43.17 -16.58
CA LEU B 247 -9.96 -42.43 -16.57
C LEU B 247 -8.79 -43.40 -16.56
N PRO B 248 -7.67 -43.04 -17.20
CA PRO B 248 -6.54 -43.96 -17.27
C PRO B 248 -6.01 -44.30 -15.88
N THR B 249 -5.45 -45.49 -15.72
CA THR B 249 -4.88 -45.89 -14.45
C THR B 249 -3.50 -45.24 -14.26
N PHE B 250 -3.04 -45.21 -13.02
CA PHE B 250 -1.70 -44.72 -12.70
C PHE B 250 -1.00 -45.73 -11.80
N LYS B 251 0.15 -46.22 -12.27
CA LYS B 251 0.91 -47.26 -11.58
C LYS B 251 0.03 -48.49 -11.31
N GLY B 252 -0.87 -48.78 -12.25
CA GLY B 252 -1.75 -49.93 -12.14
C GLY B 252 -2.86 -49.70 -11.13
N GLN B 253 -3.23 -48.44 -10.95
CA GLN B 253 -4.24 -48.06 -9.98
C GLN B 253 -5.25 -47.14 -10.65
N PRO B 254 -6.56 -47.33 -10.38
CA PRO B 254 -7.54 -46.43 -10.99
C PRO B 254 -7.38 -44.99 -10.51
N SER B 255 -7.63 -44.02 -11.40
CA SER B 255 -7.71 -42.64 -10.99
C SER B 255 -8.96 -42.49 -10.12
N LYS B 256 -8.85 -41.69 -9.05
CA LYS B 256 -9.94 -41.53 -8.11
C LYS B 256 -10.42 -40.07 -8.09
N PRO B 257 -11.39 -39.75 -8.94
CA PRO B 257 -11.91 -38.38 -8.91
C PRO B 257 -12.71 -38.11 -7.64
N PHE B 258 -12.68 -36.88 -7.16
CA PHE B 258 -13.54 -36.48 -6.06
C PHE B 258 -14.95 -36.29 -6.61
N VAL B 259 -15.91 -37.03 -6.07
CA VAL B 259 -17.28 -37.00 -6.58
C VAL B 259 -18.09 -35.92 -5.89
N GLY B 260 -18.56 -34.96 -6.68
CA GLY B 260 -19.41 -33.89 -6.18
C GLY B 260 -20.87 -34.25 -6.30
N VAL B 261 -21.71 -33.53 -5.56
CA VAL B 261 -23.16 -33.67 -5.63
C VAL B 261 -23.73 -32.26 -5.65
N LEU B 262 -24.16 -31.82 -6.83
CA LEU B 262 -24.77 -30.50 -6.94
C LEU B 262 -25.96 -30.46 -6.01
N SER B 263 -25.97 -29.47 -5.12
CA SER B 263 -26.97 -29.37 -4.07
C SER B 263 -27.47 -27.94 -3.96
N ALA B 264 -28.73 -27.81 -3.57
CA ALA B 264 -29.33 -26.49 -3.36
C ALA B 264 -29.56 -26.26 -1.88
N GLY B 265 -29.01 -25.18 -1.37
CA GLY B 265 -29.17 -24.81 0.02
C GLY B 265 -29.92 -23.50 0.14
N ILE B 266 -30.69 -23.37 1.20
CA ILE B 266 -31.49 -22.17 1.43
C ILE B 266 -30.80 -21.26 2.44
N ASN B 267 -30.66 -19.99 2.07
CA ASN B 267 -30.14 -18.96 2.94
C ASN B 267 -30.97 -18.85 4.22
N ALA B 268 -30.30 -18.85 5.37
CA ALA B 268 -30.99 -18.76 6.66
C ALA B 268 -31.54 -17.36 6.90
N ALA B 269 -31.03 -16.39 6.15
CA ALA B 269 -31.49 -15.00 6.26
C ALA B 269 -32.75 -14.78 5.43
N SER B 270 -32.98 -15.66 4.47
CA SER B 270 -34.09 -15.51 3.53
C SER B 270 -35.46 -15.44 4.21
N PRO B 271 -36.30 -14.46 3.81
CA PRO B 271 -37.69 -14.45 4.27
C PRO B 271 -38.58 -15.38 3.45
N ASN B 272 -38.04 -15.90 2.36
CA ASN B 272 -38.80 -16.65 1.37
C ASN B 272 -38.59 -18.16 1.46
N LYS B 273 -38.49 -18.69 2.68
CA LYS B 273 -38.20 -20.10 2.87
C LYS B 273 -39.34 -21.01 2.40
N GLU B 274 -40.58 -20.54 2.56
CA GLU B 274 -41.75 -21.31 2.14
C GLU B 274 -41.74 -21.53 0.63
N LEU B 275 -41.45 -20.47 -0.11
CA LEU B 275 -41.38 -20.53 -1.57
C LEU B 275 -40.27 -21.47 -2.02
N ALA B 276 -39.09 -21.34 -1.40
CA ALA B 276 -37.92 -22.09 -1.81
C ALA B 276 -38.12 -23.59 -1.63
N LYS B 277 -38.78 -23.98 -0.54
CA LYS B 277 -39.11 -25.37 -0.31
C LYS B 277 -39.97 -25.89 -1.46
N GLU B 278 -40.94 -25.08 -1.88
CA GLU B 278 -41.84 -25.47 -2.96
C GLU B 278 -41.08 -25.59 -4.28
N PHE B 279 -40.39 -24.52 -4.66
CA PHE B 279 -39.63 -24.49 -5.90
C PHE B 279 -38.72 -25.70 -6.03
N LEU B 280 -37.87 -25.93 -5.03
CA LEU B 280 -36.93 -27.04 -5.07
C LEU B 280 -37.62 -28.41 -5.07
N GLU B 281 -38.67 -28.56 -4.27
CA GLU B 281 -39.33 -29.86 -4.14
C GLU B 281 -40.30 -30.16 -5.27
N ASN B 282 -41.13 -29.18 -5.62
CA ASN B 282 -42.27 -29.40 -6.52
C ASN B 282 -42.07 -28.90 -7.95
N TYR B 283 -40.88 -28.38 -8.26
CA TYR B 283 -40.60 -27.90 -9.61
C TYR B 283 -39.27 -28.43 -10.13
N LEU B 284 -38.18 -28.17 -9.39
CA LEU B 284 -36.87 -28.62 -9.85
C LEU B 284 -36.70 -30.13 -9.68
N LEU B 285 -36.99 -30.64 -8.49
CA LEU B 285 -36.79 -32.06 -8.21
C LEU B 285 -38.01 -32.89 -8.66
N THR B 286 -38.51 -32.53 -9.84
CA THR B 286 -39.55 -33.27 -10.52
C THR B 286 -38.90 -33.89 -11.74
N ASP B 287 -39.65 -34.68 -12.51
CA ASP B 287 -39.12 -35.28 -13.72
C ASP B 287 -38.97 -34.24 -14.82
N GLU B 288 -39.97 -33.38 -14.93
CA GLU B 288 -39.96 -32.32 -15.94
C GLU B 288 -38.88 -31.29 -15.65
N GLY B 289 -38.78 -30.90 -14.38
CA GLY B 289 -37.83 -29.88 -13.94
C GLY B 289 -36.39 -30.23 -14.23
N LEU B 290 -35.98 -31.42 -13.80
CA LEU B 290 -34.60 -31.86 -14.00
C LEU B 290 -34.29 -31.98 -15.48
N GLU B 291 -35.26 -32.46 -16.26
CA GLU B 291 -35.09 -32.59 -17.70
C GLU B 291 -34.77 -31.24 -18.33
N ALA B 292 -35.51 -30.21 -17.95
CA ALA B 292 -35.30 -28.86 -18.47
C ALA B 292 -33.87 -28.38 -18.23
N VAL B 293 -33.34 -28.62 -17.03
CA VAL B 293 -31.97 -28.23 -16.71
C VAL B 293 -31.00 -29.14 -17.45
N ASN B 294 -31.24 -30.45 -17.37
CA ASN B 294 -30.39 -31.44 -18.03
C ASN B 294 -30.25 -31.20 -19.52
N LYS B 295 -31.16 -30.42 -20.10
CA LYS B 295 -31.13 -30.08 -21.52
C LYS B 295 -30.05 -29.05 -21.81
N ASP B 296 -30.08 -27.94 -21.08
CA ASP B 296 -29.13 -26.85 -21.29
C ASP B 296 -27.72 -27.37 -21.13
N LYS B 297 -27.42 -27.92 -19.96
CA LYS B 297 -26.14 -28.59 -19.71
C LYS B 297 -26.37 -29.78 -18.79
N PRO B 298 -25.92 -30.99 -19.21
CA PRO B 298 -26.25 -32.21 -18.45
C PRO B 298 -25.76 -32.22 -17.01
N LEU B 299 -26.65 -32.68 -16.12
CA LEU B 299 -26.38 -32.71 -14.69
C LEU B 299 -25.49 -33.88 -14.28
N GLY B 300 -25.53 -34.95 -15.08
CA GLY B 300 -24.93 -36.22 -14.71
C GLY B 300 -26.01 -37.13 -14.16
N ALA B 301 -25.63 -38.07 -13.31
CA ALA B 301 -26.60 -38.98 -12.70
C ALA B 301 -27.41 -38.26 -11.63
N VAL B 302 -28.62 -37.84 -12.00
CA VAL B 302 -29.47 -37.08 -11.07
C VAL B 302 -29.82 -37.89 -9.84
N ALA B 303 -30.43 -37.24 -8.86
CA ALA B 303 -30.71 -37.85 -7.58
C ALA B 303 -32.15 -38.34 -7.49
N LEU B 304 -32.98 -37.92 -8.44
CA LEU B 304 -34.38 -38.34 -8.50
C LEU B 304 -34.48 -39.71 -9.18
N LYS B 305 -34.92 -40.71 -8.42
CA LYS B 305 -34.95 -42.09 -8.89
C LYS B 305 -35.70 -42.26 -10.21
N SER B 306 -36.86 -41.61 -10.30
CA SER B 306 -37.70 -41.72 -11.48
C SER B 306 -36.97 -41.30 -12.76
N TYR B 307 -36.51 -40.05 -12.79
CA TYR B 307 -35.83 -39.51 -13.97
C TYR B 307 -34.44 -40.10 -14.15
N GLU B 308 -33.93 -40.77 -13.12
CA GLU B 308 -32.60 -41.35 -13.17
C GLU B 308 -32.58 -42.61 -14.04
N GLU B 309 -33.58 -43.46 -13.87
CA GLU B 309 -33.71 -44.67 -14.68
C GLU B 309 -33.78 -44.31 -16.15
N GLU B 310 -34.43 -43.19 -16.45
CA GLU B 310 -34.53 -42.68 -17.81
C GLU B 310 -33.14 -42.32 -18.36
N LEU B 311 -32.39 -41.55 -17.59
CA LEU B 311 -31.05 -41.10 -18.01
C LEU B 311 -30.00 -42.20 -17.88
N ALA B 312 -30.21 -43.13 -16.96
CA ALA B 312 -29.20 -44.14 -16.63
C ALA B 312 -28.91 -45.10 -17.79
N LYS B 313 -29.67 -44.98 -18.86
CA LYS B 313 -29.43 -45.79 -20.06
C LYS B 313 -28.19 -45.29 -20.80
N ASP B 314 -28.08 -43.96 -20.91
CA ASP B 314 -26.98 -43.32 -21.63
C ASP B 314 -25.62 -43.84 -21.16
N PRO B 315 -24.82 -44.41 -22.08
CA PRO B 315 -23.50 -44.92 -21.69
C PRO B 315 -22.59 -43.82 -21.12
N ARG B 316 -22.81 -42.58 -21.53
CA ARG B 316 -22.06 -41.45 -21.01
C ARG B 316 -22.23 -41.37 -19.50
N ILE B 317 -23.46 -41.61 -19.03
CA ILE B 317 -23.78 -41.58 -17.62
C ILE B 317 -23.20 -42.80 -16.91
N ALA B 318 -23.32 -43.98 -17.53
CA ALA B 318 -22.80 -45.20 -16.93
C ALA B 318 -21.28 -45.12 -16.84
N ALA B 319 -20.68 -44.28 -17.68
CA ALA B 319 -19.25 -44.05 -17.65
C ALA B 319 -18.90 -43.12 -16.49
N THR B 320 -19.75 -42.10 -16.29
CA THR B 320 -19.66 -41.25 -15.13
C THR B 320 -19.76 -42.11 -13.86
N MET B 321 -20.80 -42.93 -13.80
CA MET B 321 -21.05 -43.77 -12.64
C MET B 321 -20.01 -44.86 -12.42
N GLU B 322 -19.04 -44.99 -13.33
CA GLU B 322 -17.95 -45.93 -13.12
C GLU B 322 -16.74 -45.23 -12.54
N ASN B 323 -16.46 -44.02 -13.05
CA ASN B 323 -15.42 -43.19 -12.48
C ASN B 323 -15.79 -42.81 -11.05
N ALA B 324 -17.05 -42.46 -10.85
CA ALA B 324 -17.56 -42.06 -9.55
C ALA B 324 -17.42 -43.19 -8.54
N GLN B 325 -17.63 -44.43 -8.98
CA GLN B 325 -17.52 -45.59 -8.10
C GLN B 325 -16.07 -45.91 -7.80
N LYS B 326 -15.18 -45.60 -8.74
CA LYS B 326 -13.76 -45.84 -8.55
C LYS B 326 -13.16 -44.82 -7.57
N GLY B 327 -13.56 -43.57 -7.74
CA GLY B 327 -13.10 -42.51 -6.86
C GLY B 327 -13.84 -42.49 -5.53
N GLU B 328 -13.81 -41.33 -4.88
CA GLU B 328 -14.42 -41.16 -3.56
C GLU B 328 -15.40 -39.99 -3.57
N ILE B 329 -16.36 -40.02 -2.67
CA ILE B 329 -17.31 -38.92 -2.52
C ILE B 329 -16.74 -37.87 -1.56
N MET B 330 -16.72 -36.61 -2.02
CA MET B 330 -16.13 -35.52 -1.26
C MET B 330 -16.69 -35.43 0.16
N PRO B 331 -15.84 -35.05 1.14
CA PRO B 331 -16.38 -34.71 2.45
C PRO B 331 -17.16 -33.41 2.39
N ASN B 332 -18.09 -33.22 3.33
CA ASN B 332 -18.81 -31.95 3.42
C ASN B 332 -18.33 -31.12 4.60
N ILE B 333 -17.35 -31.64 5.34
CA ILE B 333 -16.89 -31.00 6.56
C ILE B 333 -16.22 -29.66 6.26
N PRO B 334 -16.25 -28.71 7.22
CA PRO B 334 -15.84 -27.32 6.94
C PRO B 334 -14.37 -27.14 6.57
N GLN B 335 -13.57 -28.18 6.75
CA GLN B 335 -12.15 -28.10 6.46
C GLN B 335 -11.82 -28.15 4.97
N MET B 336 -12.84 -28.36 4.14
CA MET B 336 -12.63 -28.64 2.72
C MET B 336 -12.11 -27.45 1.90
N SER B 337 -12.67 -26.26 2.11
CA SER B 337 -12.22 -25.10 1.36
C SER B 337 -10.75 -24.82 1.64
N ALA B 338 -10.38 -24.90 2.91
CA ALA B 338 -8.98 -24.74 3.32
C ALA B 338 -8.10 -25.72 2.55
N PHE B 339 -8.55 -26.97 2.48
CA PHE B 339 -7.83 -28.00 1.76
C PHE B 339 -7.69 -27.71 0.26
N TRP B 340 -8.77 -27.27 -0.37
CA TRP B 340 -8.76 -27.00 -1.81
C TRP B 340 -7.78 -25.88 -2.16
N TYR B 341 -7.85 -24.78 -1.40
CA TYR B 341 -6.97 -23.63 -1.65
C TYR B 341 -5.50 -24.02 -1.58
N ALA B 342 -5.19 -24.93 -0.66
CA ALA B 342 -3.82 -25.40 -0.51
C ALA B 342 -3.38 -26.20 -1.74
N VAL B 343 -4.13 -27.25 -2.08
CA VAL B 343 -3.77 -28.11 -3.19
C VAL B 343 -3.74 -27.33 -4.51
N ARG B 344 -4.56 -26.29 -4.61
CA ARG B 344 -4.55 -25.44 -5.79
C ARG B 344 -3.16 -24.85 -5.98
N THR B 345 -2.69 -24.13 -4.96
CA THR B 345 -1.37 -23.50 -5.01
C THR B 345 -0.30 -24.56 -5.25
N ALA B 346 -0.48 -25.73 -4.66
CA ALA B 346 0.49 -26.82 -4.80
C ALA B 346 0.69 -27.18 -6.26
N VAL B 347 -0.41 -27.30 -6.99
CA VAL B 347 -0.39 -27.73 -8.39
C VAL B 347 0.07 -26.61 -9.31
N ILE B 348 -0.38 -25.39 -9.06
CA ILE B 348 -0.03 -24.26 -9.91
C ILE B 348 1.46 -23.93 -9.85
N ASN B 349 2.07 -24.17 -8.68
CA ASN B 349 3.49 -23.90 -8.49
C ASN B 349 4.37 -25.05 -8.99
N ALA B 350 3.91 -26.28 -8.77
CA ALA B 350 4.67 -27.46 -9.21
C ALA B 350 4.65 -27.58 -10.72
N ALA B 351 3.67 -26.93 -11.34
CA ALA B 351 3.52 -26.97 -12.79
C ALA B 351 4.30 -25.84 -13.46
N SER B 352 4.29 -24.66 -12.85
CA SER B 352 4.98 -23.50 -13.40
C SER B 352 6.46 -23.48 -13.02
N GLY B 353 6.90 -24.55 -12.36
CA GLY B 353 8.31 -24.71 -12.02
C GLY B 353 8.86 -23.64 -11.08
N ARG B 354 8.05 -23.24 -10.11
CA ARG B 354 8.47 -22.28 -9.10
C ARG B 354 8.75 -23.00 -7.78
N GLN B 355 8.26 -24.23 -7.68
CA GLN B 355 8.53 -25.08 -6.54
C GLN B 355 8.63 -26.53 -7.00
N THR B 356 9.48 -27.30 -6.35
CA THR B 356 9.53 -28.74 -6.59
C THR B 356 8.21 -29.35 -6.19
N VAL B 357 7.99 -30.60 -6.57
CA VAL B 357 6.81 -31.33 -6.13
C VAL B 357 6.88 -31.45 -4.61
N ASP B 358 8.05 -31.86 -4.12
CA ASP B 358 8.24 -32.09 -2.69
C ASP B 358 7.97 -30.83 -1.87
N ALA B 359 8.53 -29.71 -2.31
CA ALA B 359 8.32 -28.43 -1.65
C ALA B 359 6.85 -28.03 -1.66
N ALA B 360 6.28 -28.00 -2.87
CA ALA B 360 4.91 -27.53 -3.06
C ALA B 360 3.88 -28.32 -2.25
N LEU B 361 4.04 -29.64 -2.21
CA LEU B 361 3.07 -30.48 -1.50
C LEU B 361 3.23 -30.37 0.01
N ALA B 362 4.48 -30.23 0.46
CA ALA B 362 4.74 -30.01 1.88
C ALA B 362 4.16 -28.67 2.31
N ALA B 363 4.28 -27.68 1.43
CA ALA B 363 3.74 -26.35 1.69
C ALA B 363 2.22 -26.37 1.79
N ALA B 364 1.59 -27.34 1.12
CA ALA B 364 0.13 -27.43 1.09
C ALA B 364 -0.40 -28.20 2.30
N GLN B 365 0.40 -29.14 2.80
CA GLN B 365 0.03 -29.91 3.98
C GLN B 365 -0.15 -28.96 5.15
N THR B 366 0.68 -27.93 5.19
CA THR B 366 0.73 -26.99 6.29
C THR B 366 -0.39 -25.95 6.19
N ASN B 367 -0.57 -25.42 4.97
CA ASN B 367 -1.56 -24.38 4.73
C ASN B 367 -3.00 -24.89 4.84
N ALA B 368 -3.18 -26.19 4.65
CA ALA B 368 -4.48 -26.83 4.82
C ALA B 368 -4.96 -26.70 6.27
N ALA B 369 -4.00 -26.51 7.18
CA ALA B 369 -4.28 -26.41 8.59
C ALA B 369 -4.31 -24.95 9.04
N ALA B 370 -3.48 -24.13 8.39
CA ALA B 370 -3.30 -22.75 8.82
C ALA B 370 -3.04 -22.69 10.33
N LEU B 371 -1.87 -23.17 10.72
CA LEU B 371 -1.50 -23.22 12.13
C LEU B 371 -0.90 -21.89 12.54
N MET B 372 -0.49 -21.82 13.80
CA MET B 372 0.10 -20.60 14.35
C MET B 372 1.60 -20.57 14.15
N ASP B 373 2.14 -19.37 13.92
CA ASP B 373 3.57 -19.18 13.74
C ASP B 373 4.30 -19.45 15.05
N PRO B 374 5.40 -20.21 15.00
CA PRO B 374 6.11 -20.57 16.24
C PRO B 374 6.50 -19.37 17.09
N HIS B 375 6.88 -18.27 16.46
CA HIS B 375 7.31 -17.08 17.19
C HIS B 375 6.14 -16.47 17.96
N ILE B 376 4.97 -16.42 17.31
CA ILE B 376 3.78 -15.88 17.96
C ILE B 376 3.42 -16.71 19.19
N PHE B 377 3.49 -18.03 19.05
CA PHE B 377 3.22 -18.93 20.16
C PHE B 377 4.24 -18.71 21.27
N THR B 378 5.52 -18.64 20.90
CA THR B 378 6.60 -18.38 21.85
C THR B 378 6.38 -17.03 22.52
N SER B 379 6.14 -16.01 21.71
CA SER B 379 5.98 -14.64 22.21
C SER B 379 4.79 -14.47 23.15
N ASN B 380 3.75 -15.28 22.95
CA ASN B 380 2.49 -15.05 23.66
C ASN B 380 2.11 -16.08 24.72
N PHE B 381 2.66 -17.28 24.66
CA PHE B 381 2.31 -18.33 25.64
C PHE B 381 3.35 -18.47 26.74
N ASN B 382 4.29 -17.53 26.78
CA ASN B 382 5.30 -17.47 27.83
C ASN B 382 4.63 -17.18 29.16
N ASN B 383 4.76 -18.10 30.12
CA ASN B 383 4.16 -17.92 31.44
C ASN B 383 5.02 -17.05 32.36
N GLY B 384 5.76 -16.12 31.78
CA GLY B 384 6.53 -15.14 32.53
C GLY B 384 6.50 -13.76 31.88
N ILE B 385 6.34 -13.75 30.55
CA ILE B 385 6.20 -12.52 29.79
C ILE B 385 4.72 -12.29 29.46
N GLY B 386 4.20 -11.14 29.88
CA GLY B 386 2.82 -10.78 29.60
C GLY B 386 2.70 -9.83 28.42
N ARG B 387 1.64 -10.02 27.63
CA ARG B 387 1.37 -9.18 26.47
C ARG B 387 -0.02 -8.58 26.61
N HIS B 388 -0.28 -7.53 25.83
CA HIS B 388 -1.58 -6.85 25.88
C HIS B 388 -2.61 -7.47 24.94
N LYS B 389 -2.24 -8.60 24.33
CA LYS B 389 -3.14 -9.35 23.46
C LYS B 389 -3.32 -10.77 23.97
N THR B 390 -4.49 -11.34 23.73
CA THR B 390 -4.77 -12.72 24.14
C THR B 390 -4.91 -13.62 22.93
N TYR B 391 -4.44 -14.85 23.08
CA TYR B 391 -4.53 -15.87 22.05
C TYR B 391 -5.21 -17.10 22.63
N LEU B 392 -6.24 -17.58 21.94
CA LEU B 392 -6.96 -18.76 22.38
C LEU B 392 -6.76 -19.87 21.36
N CYS B 393 -6.41 -21.06 21.85
CA CYS B 393 -6.33 -22.25 21.01
C CYS B 393 -7.47 -23.15 21.45
N TYR B 394 -8.33 -23.53 20.51
CA TYR B 394 -9.54 -24.27 20.84
C TYR B 394 -9.58 -25.60 20.12
N GLU B 395 -10.37 -26.53 20.67
CA GLU B 395 -10.57 -27.83 20.04
C GLU B 395 -11.93 -28.40 20.46
N VAL B 396 -12.83 -28.51 19.50
CA VAL B 396 -14.14 -29.10 19.73
C VAL B 396 -14.11 -30.60 19.42
N GLU B 397 -14.42 -31.42 20.42
CA GLU B 397 -14.50 -32.87 20.27
C GLU B 397 -15.92 -33.34 20.53
N ARG B 398 -16.28 -34.45 19.91
CA ARG B 398 -17.56 -35.11 20.15
C ARG B 398 -17.32 -36.44 20.86
N LEU B 399 -18.24 -36.82 21.73
CA LEU B 399 -18.05 -37.97 22.61
C LEU B 399 -18.97 -39.13 22.27
N ASP B 400 -18.39 -40.31 22.13
CA ASP B 400 -19.11 -41.52 21.76
C ASP B 400 -18.82 -42.62 22.77
N THR B 403 -15.70 -43.03 23.55
CA THR B 403 -14.47 -42.46 22.98
C THR B 403 -14.71 -41.04 22.48
N SER B 404 -13.63 -40.38 22.07
CA SER B 404 -13.70 -38.99 21.60
C SER B 404 -13.33 -38.89 20.12
N PHE B 405 -13.84 -37.84 19.47
CA PHE B 405 -13.62 -37.62 18.04
C PHE B 405 -13.63 -36.12 17.75
N SER B 406 -12.63 -35.66 17.00
CA SER B 406 -12.39 -34.23 16.83
C SER B 406 -13.12 -33.63 15.64
N LEU B 407 -13.84 -32.54 15.87
CA LEU B 407 -14.63 -31.89 14.82
C LEU B 407 -13.90 -30.70 14.21
N ASP B 408 -13.34 -29.86 15.06
CA ASP B 408 -12.65 -28.67 14.61
C ASP B 408 -11.62 -28.23 15.66
N PHE B 409 -10.50 -27.71 15.19
CA PHE B 409 -9.52 -27.09 16.07
C PHE B 409 -8.90 -25.91 15.34
N GLY B 410 -8.21 -25.06 16.08
CA GLY B 410 -7.64 -23.86 15.52
C GLY B 410 -7.37 -22.88 16.63
N TYR B 411 -7.09 -21.63 16.26
CA TYR B 411 -6.80 -20.60 17.24
C TYR B 411 -7.40 -19.29 16.77
N LEU B 412 -7.55 -18.36 17.71
CA LEU B 412 -7.98 -17.02 17.38
C LEU B 412 -7.41 -16.07 18.42
N ARG B 413 -7.49 -14.77 18.15
CA ARG B 413 -6.95 -13.76 19.05
C ARG B 413 -7.93 -12.59 19.09
N ASN B 414 -7.93 -11.86 20.20
CA ASN B 414 -8.89 -10.78 20.39
C ASN B 414 -8.63 -9.65 19.38
N LYS B 415 -9.69 -9.28 18.66
CA LYS B 415 -9.54 -8.37 17.52
C LYS B 415 -10.84 -7.61 17.26
N ASN B 416 -10.69 -6.38 16.76
CA ASN B 416 -11.82 -5.52 16.44
C ASN B 416 -12.77 -5.30 17.63
N GLY B 417 -12.20 -5.23 18.83
CA GLY B 417 -12.95 -4.81 20.00
C GLY B 417 -13.39 -5.94 20.93
N CYS B 418 -13.62 -7.12 20.38
CA CYS B 418 -14.14 -8.25 21.16
C CYS B 418 -13.02 -9.11 21.72
N HIS B 419 -13.26 -9.69 22.90
CA HIS B 419 -12.32 -10.62 23.52
C HIS B 419 -12.46 -12.01 22.91
N VAL B 420 -11.37 -12.78 22.95
CA VAL B 420 -11.36 -14.12 22.37
C VAL B 420 -12.46 -15.01 22.92
N GLU B 421 -12.83 -14.78 24.17
CA GLU B 421 -13.86 -15.60 24.81
C GLU B 421 -15.22 -15.42 24.14
N LEU B 422 -15.53 -14.17 23.79
CA LEU B 422 -16.80 -13.85 23.16
C LEU B 422 -16.78 -14.12 21.65
N LEU B 423 -15.62 -14.00 21.03
CA LEU B 423 -15.45 -14.40 19.64
C LEU B 423 -15.69 -15.90 19.50
N PHE B 424 -15.30 -16.66 20.51
CA PHE B 424 -15.47 -18.10 20.46
C PHE B 424 -16.91 -18.52 20.70
N LEU B 425 -17.60 -17.80 21.59
CA LEU B 425 -19.01 -18.09 21.83
C LEU B 425 -19.82 -17.82 20.56
N ARG B 426 -19.50 -16.71 19.91
CA ARG B 426 -20.07 -16.36 18.63
C ARG B 426 -19.87 -17.48 17.61
N TYR B 427 -18.69 -18.09 17.66
CA TYR B 427 -18.32 -19.14 16.72
C TYR B 427 -19.08 -20.44 16.98
N ILE B 428 -19.25 -20.79 18.24
CA ILE B 428 -19.87 -22.07 18.59
C ILE B 428 -21.39 -21.97 18.65
N SER B 429 -21.90 -20.76 18.89
CA SER B 429 -23.33 -20.51 18.88
C SER B 429 -23.87 -20.62 17.46
N ASP B 430 -23.13 -20.08 16.50
CA ASP B 430 -23.51 -20.16 15.09
C ASP B 430 -23.56 -21.61 14.62
N TRP B 431 -22.59 -22.39 15.08
CA TRP B 431 -22.48 -23.79 14.72
C TRP B 431 -23.78 -24.53 15.07
N ASP B 432 -24.46 -24.07 16.11
CA ASP B 432 -25.75 -24.63 16.51
C ASP B 432 -25.65 -26.15 16.63
N LEU B 433 -24.69 -26.61 17.43
CA LEU B 433 -24.40 -28.03 17.55
C LEU B 433 -25.64 -28.86 17.91
N ASP B 434 -25.62 -30.12 17.49
CA ASP B 434 -26.70 -31.06 17.73
C ASP B 434 -26.92 -31.28 19.23
N PRO B 435 -28.05 -30.78 19.79
CA PRO B 435 -28.26 -30.93 21.24
C PRO B 435 -28.42 -32.38 21.68
N GLY B 436 -28.55 -33.30 20.73
CA GLY B 436 -28.69 -34.70 21.04
C GLY B 436 -27.37 -35.42 21.22
N ARG B 437 -26.26 -34.70 21.03
CA ARG B 437 -24.92 -35.25 21.21
C ARG B 437 -24.17 -34.47 22.28
N CYS B 438 -23.10 -35.07 22.80
CA CYS B 438 -22.31 -34.45 23.87
C CYS B 438 -20.92 -34.07 23.37
N TYR B 439 -20.51 -32.83 23.64
CA TYR B 439 -19.22 -32.32 23.16
C TYR B 439 -18.31 -31.84 24.29
N ARG B 440 -17.00 -32.04 24.10
CA ARG B 440 -15.99 -31.52 25.02
C ARG B 440 -15.21 -30.43 24.31
N VAL B 441 -15.29 -29.20 24.82
CA VAL B 441 -14.46 -28.10 24.32
C VAL B 441 -13.23 -27.96 25.20
N THR B 442 -12.08 -27.73 24.58
CA THR B 442 -10.83 -27.53 25.31
C THR B 442 -10.14 -26.26 24.87
N TRP B 443 -9.97 -25.32 25.79
CA TRP B 443 -9.25 -24.08 25.52
C TRP B 443 -7.82 -24.15 26.03
N PHE B 444 -6.91 -23.59 25.24
CA PHE B 444 -5.57 -23.27 25.72
C PHE B 444 -5.35 -21.78 25.49
N THR B 445 -5.67 -20.98 26.51
CA THR B 445 -5.54 -19.54 26.39
C THR B 445 -4.19 -19.06 26.97
N SER B 446 -3.72 -17.92 26.48
CA SER B 446 -2.52 -17.32 27.04
C SER B 446 -2.85 -16.59 28.34
N TRP B 447 -3.94 -15.82 28.32
CA TRP B 447 -4.45 -15.16 29.53
C TRP B 447 -5.69 -15.90 30.02
N SER B 448 -5.94 -15.84 31.31
CA SER B 448 -7.19 -16.36 31.85
C SER B 448 -8.27 -15.32 31.54
N PRO B 449 -9.55 -15.71 31.59
CA PRO B 449 -10.58 -14.77 31.10
C PRO B 449 -10.92 -13.66 32.10
N CYS B 450 -11.22 -12.48 31.58
CA CYS B 450 -11.64 -11.35 32.42
C CYS B 450 -12.96 -11.70 33.09
N TYR B 451 -13.43 -10.85 33.99
CA TYR B 451 -14.60 -11.19 34.80
C TYR B 451 -15.89 -11.29 34.00
N ASP B 452 -16.11 -10.34 33.09
CA ASP B 452 -17.34 -10.33 32.29
C ASP B 452 -17.40 -11.54 31.36
N CYS B 453 -16.32 -11.79 30.63
CA CYS B 453 -16.24 -12.95 29.76
C CYS B 453 -16.48 -14.25 30.52
N ALA B 454 -16.02 -14.30 31.77
CA ALA B 454 -16.27 -15.45 32.62
C ALA B 454 -17.76 -15.58 32.88
N ARG B 455 -18.41 -14.43 33.08
CA ARG B 455 -19.84 -14.37 33.32
C ARG B 455 -20.58 -14.96 32.13
N HIS B 456 -20.26 -14.43 30.95
CA HIS B 456 -20.84 -14.88 29.70
C HIS B 456 -20.60 -16.36 29.44
N VAL B 457 -19.35 -16.79 29.51
CA VAL B 457 -19.02 -18.20 29.28
C VAL B 457 -19.82 -19.08 30.23
N ALA B 458 -20.05 -18.59 31.45
CA ALA B 458 -20.77 -19.36 32.46
C ALA B 458 -22.25 -19.47 32.09
N ASP B 459 -22.87 -18.33 31.80
CA ASP B 459 -24.25 -18.30 31.33
C ASP B 459 -24.45 -19.22 30.13
N PHE B 460 -23.57 -19.11 29.14
CA PHE B 460 -23.64 -19.95 27.95
C PHE B 460 -23.64 -21.44 28.29
N LEU B 461 -22.75 -21.86 29.18
CA LEU B 461 -22.65 -23.27 29.55
C LEU B 461 -23.91 -23.73 30.29
N ARG B 462 -24.59 -22.79 30.94
CA ARG B 462 -25.80 -23.11 31.67
C ARG B 462 -26.91 -23.49 30.70
N GLY B 463 -26.98 -22.78 29.57
CA GLY B 463 -27.99 -23.03 28.56
C GLY B 463 -27.57 -24.03 27.48
N ASN B 464 -26.47 -24.73 27.73
CA ASN B 464 -25.96 -25.74 26.81
C ASN B 464 -25.40 -26.92 27.59
N PRO B 465 -26.26 -27.65 28.32
CA PRO B 465 -25.83 -28.70 29.25
C PRO B 465 -25.04 -29.85 28.61
N ASN B 466 -25.11 -29.96 27.28
CA ASN B 466 -24.38 -31.02 26.57
C ASN B 466 -22.92 -30.66 26.32
N LEU B 467 -22.51 -29.46 26.71
CA LEU B 467 -21.13 -29.02 26.53
C LEU B 467 -20.31 -29.12 27.81
N SER B 468 -19.09 -29.65 27.69
CA SER B 468 -18.09 -29.57 28.74
C SER B 468 -17.02 -28.61 28.28
N LEU B 469 -16.52 -27.79 29.18
CA LEU B 469 -15.43 -26.87 28.87
C LEU B 469 -14.22 -27.20 29.73
N ARG B 470 -13.03 -26.95 29.19
CA ARG B 470 -11.79 -27.13 29.92
C ARG B 470 -10.81 -26.06 29.50
N ILE B 471 -10.56 -25.10 30.38
CA ILE B 471 -9.53 -24.09 30.12
C ILE B 471 -8.20 -24.58 30.66
N PHE B 472 -7.16 -24.46 29.83
CA PHE B 472 -5.77 -24.56 30.31
C PHE B 472 -5.13 -23.22 30.00
N THR B 473 -4.80 -22.48 31.05
CA THR B 473 -4.30 -21.15 30.85
C THR B 473 -2.79 -21.07 31.14
N ALA B 474 -2.10 -20.27 30.33
CA ALA B 474 -0.68 -20.03 30.50
C ALA B 474 -0.45 -19.16 31.74
N ARG B 475 -1.09 -18.01 31.76
CA ARG B 475 -0.94 -17.05 32.84
C ARG B 475 -2.29 -16.77 33.50
N LEU B 476 -2.29 -16.27 34.72
CA LEU B 476 -3.51 -15.78 35.36
C LEU B 476 -3.65 -14.28 35.18
N TYR B 477 -4.81 -13.84 34.73
CA TYR B 477 -5.06 -12.42 34.44
C TYR B 477 -5.81 -11.71 35.57
N PHE B 478 -5.17 -10.68 36.13
CA PHE B 478 -5.75 -9.88 37.22
C PHE B 478 -6.24 -10.73 38.40
N CYS B 479 -5.56 -11.82 38.71
CA CYS B 479 -5.94 -12.65 39.83
C CYS B 479 -5.35 -12.13 41.14
N GLU B 480 -5.86 -10.99 41.58
CA GLU B 480 -5.45 -10.35 42.82
C GLU B 480 -6.72 -10.09 43.63
N ASP B 481 -6.55 -9.73 44.90
CA ASP B 481 -7.70 -9.48 45.76
C ASP B 481 -8.37 -8.15 45.45
N ARG B 482 -7.62 -7.21 44.89
CA ARG B 482 -8.16 -5.90 44.53
C ARG B 482 -8.83 -5.91 43.15
N LYS B 483 -8.88 -7.09 42.52
CA LYS B 483 -9.51 -7.26 41.22
C LYS B 483 -10.67 -8.26 41.30
N ALA B 484 -11.54 -8.22 40.30
CA ALA B 484 -12.77 -9.02 40.31
C ALA B 484 -12.58 -10.39 39.65
N GLU B 485 -11.55 -10.53 38.82
CA GLU B 485 -11.33 -11.74 38.03
C GLU B 485 -11.38 -13.05 38.82
N PRO B 486 -10.83 -13.08 40.05
CA PRO B 486 -10.86 -14.35 40.79
C PRO B 486 -12.26 -14.89 41.07
N GLU B 487 -13.21 -14.01 41.39
CA GLU B 487 -14.59 -14.45 41.59
C GLU B 487 -15.13 -15.03 40.28
N GLY B 488 -14.72 -14.44 39.17
CA GLY B 488 -15.09 -14.93 37.86
C GLY B 488 -14.66 -16.36 37.61
N LEU B 489 -13.43 -16.70 38.00
CA LEU B 489 -12.93 -18.05 37.79
C LEU B 489 -13.68 -19.04 38.67
N ARG B 490 -14.22 -18.56 39.78
CA ARG B 490 -14.98 -19.41 40.69
C ARG B 490 -16.35 -19.69 40.09
N ARG B 491 -16.97 -18.66 39.52
CA ARG B 491 -18.23 -18.82 38.82
C ARG B 491 -18.08 -19.77 37.65
N LEU B 492 -16.96 -19.66 36.92
CA LEU B 492 -16.66 -20.60 35.85
C LEU B 492 -16.59 -22.01 36.43
N HIS B 493 -15.94 -22.14 37.58
CA HIS B 493 -15.78 -23.45 38.21
C HIS B 493 -17.13 -24.00 38.66
N ARG B 494 -17.97 -23.12 39.20
CA ARG B 494 -19.31 -23.51 39.65
C ARG B 494 -20.21 -23.90 38.49
N ALA B 495 -19.93 -23.37 37.30
CA ALA B 495 -20.72 -23.68 36.12
C ALA B 495 -20.36 -25.06 35.57
N GLY B 496 -19.26 -25.63 36.04
CA GLY B 496 -18.83 -26.96 35.64
C GLY B 496 -17.49 -26.95 34.91
N VAL B 497 -17.01 -25.76 34.55
CA VAL B 497 -15.74 -25.64 33.85
C VAL B 497 -14.60 -26.24 34.66
N GLN B 498 -13.71 -26.96 33.99
CA GLN B 498 -12.47 -27.42 34.58
C GLN B 498 -11.35 -26.44 34.28
N ILE B 499 -10.97 -25.61 35.26
CA ILE B 499 -9.85 -24.70 35.08
C ILE B 499 -8.57 -25.32 35.59
N ALA B 500 -7.50 -25.17 34.82
CA ALA B 500 -6.19 -25.68 35.21
C ALA B 500 -5.09 -24.85 34.57
N ILE B 501 -3.89 -24.92 35.17
CA ILE B 501 -2.73 -24.22 34.65
C ILE B 501 -1.98 -25.11 33.67
N MET B 502 -1.40 -24.50 32.63
CA MET B 502 -0.63 -25.26 31.65
C MET B 502 0.72 -25.69 32.22
N THR B 503 0.93 -27.00 32.34
CA THR B 503 2.23 -27.55 32.68
C THR B 503 2.98 -27.86 31.38
N PHE B 504 4.02 -28.67 31.44
CA PHE B 504 4.83 -28.94 30.25
C PHE B 504 4.07 -29.75 29.21
N LYS B 505 3.28 -30.71 29.67
CA LYS B 505 2.52 -31.57 28.75
C LYS B 505 1.59 -30.73 27.89
N ASP B 506 1.13 -29.61 28.43
CA ASP B 506 0.16 -28.76 27.75
C ASP B 506 0.82 -27.90 26.68
N TYR B 507 1.99 -27.34 26.98
CA TYR B 507 2.74 -26.60 25.97
C TYR B 507 3.21 -27.55 24.88
N PHE B 508 3.53 -28.78 25.26
CA PHE B 508 4.02 -29.77 24.31
C PHE B 508 2.92 -30.14 23.31
N TYR B 509 1.71 -30.37 23.84
CA TYR B 509 0.59 -30.76 23.01
C TYR B 509 0.21 -29.65 22.05
N CYS B 510 0.24 -28.41 22.54
CA CYS B 510 -0.08 -27.25 21.69
C CYS B 510 0.93 -27.12 20.56
N TRP B 511 2.21 -27.24 20.90
CA TRP B 511 3.30 -27.12 19.94
C TRP B 511 3.14 -28.12 18.79
N ASN B 512 2.54 -29.27 19.08
CA ASN B 512 2.35 -30.32 18.10
C ASN B 512 0.99 -30.25 17.41
N THR B 513 0.08 -29.45 17.95
CA THR B 513 -1.29 -29.38 17.44
C THR B 513 -1.59 -28.07 16.72
N PHE B 514 -1.30 -26.94 17.37
CA PHE B 514 -1.75 -25.63 16.90
C PHE B 514 -0.66 -24.80 16.23
N VAL B 515 0.54 -25.37 16.10
CA VAL B 515 1.72 -24.60 15.66
C VAL B 515 2.40 -25.14 14.42
N GLU B 516 2.77 -24.22 13.53
CA GLU B 516 3.57 -24.54 12.36
C GLU B 516 5.01 -24.76 12.78
N ASN B 517 5.26 -25.88 13.47
CA ASN B 517 6.53 -26.12 14.13
C ASN B 517 7.66 -26.58 13.20
N HIS B 518 7.32 -26.79 11.93
CA HIS B 518 8.29 -27.24 10.94
C HIS B 518 9.11 -28.44 11.45
N GLU B 519 8.43 -29.36 12.11
CA GLU B 519 9.01 -30.61 12.59
C GLU B 519 10.08 -30.42 13.66
N ARG B 520 10.19 -29.22 14.21
CA ARG B 520 11.19 -28.94 15.25
C ARG B 520 10.60 -29.18 16.65
N THR B 521 11.40 -29.81 17.50
CA THR B 521 10.96 -30.14 18.85
C THR B 521 10.71 -28.89 19.68
N PHE B 522 9.71 -28.96 20.55
CA PHE B 522 9.44 -27.88 21.48
C PHE B 522 10.57 -27.75 22.48
N LYS B 523 11.16 -26.55 22.53
CA LYS B 523 12.17 -26.22 23.53
C LYS B 523 11.55 -25.32 24.59
N ALA B 524 11.59 -25.75 25.84
CA ALA B 524 11.06 -24.97 26.95
C ALA B 524 11.93 -23.75 27.23
N TRP B 525 11.30 -22.58 27.29
CA TRP B 525 12.01 -21.34 27.60
C TRP B 525 12.57 -21.38 29.02
N GLU B 526 13.29 -20.33 29.39
CA GLU B 526 13.92 -20.26 30.70
C GLU B 526 12.88 -20.05 31.80
N GLY B 527 12.74 -21.05 32.67
CA GLY B 527 11.94 -20.91 33.87
C GLY B 527 10.53 -21.47 33.79
N LEU B 528 10.17 -22.07 32.66
CA LEU B 528 8.82 -22.58 32.43
C LEU B 528 8.27 -23.38 33.61
N HIS B 529 8.90 -24.51 33.91
CA HIS B 529 8.38 -25.43 34.92
C HIS B 529 8.16 -24.74 36.25
N GLU B 530 8.98 -23.73 36.54
CA GLU B 530 8.90 -23.00 37.80
C GLU B 530 7.64 -22.16 37.89
N ASN B 531 7.43 -21.28 36.90
CA ASN B 531 6.24 -20.44 36.85
C ASN B 531 4.97 -21.26 36.96
N SER B 532 5.01 -22.45 36.37
CA SER B 532 3.85 -23.33 36.33
C SER B 532 3.37 -23.75 37.72
N VAL B 533 4.30 -24.13 38.59
CA VAL B 533 3.94 -24.61 39.93
C VAL B 533 3.53 -23.43 40.82
N ARG B 534 4.17 -22.28 40.62
CA ARG B 534 3.78 -21.06 41.31
C ARG B 534 2.34 -20.73 40.96
N LEU B 535 2.10 -20.45 39.68
CA LEU B 535 0.77 -20.11 39.20
C LEU B 535 -0.25 -21.19 39.55
N SER B 536 0.17 -22.45 39.50
CA SER B 536 -0.72 -23.55 39.86
C SER B 536 -1.13 -23.47 41.31
N ARG B 537 -0.17 -23.09 42.17
CA ARG B 537 -0.44 -22.90 43.59
C ARG B 537 -1.45 -21.78 43.79
N GLN B 538 -1.19 -20.65 43.14
CA GLN B 538 -2.05 -19.48 43.24
C GLN B 538 -3.50 -19.80 42.84
N LEU B 539 -3.68 -20.50 41.72
CA LEU B 539 -5.02 -20.84 41.22
C LEU B 539 -5.76 -21.77 42.17
N ARG B 540 -5.04 -22.75 42.71
CA ARG B 540 -5.63 -23.71 43.64
C ARG B 540 -6.20 -22.98 44.86
N ARG B 541 -5.53 -21.89 45.24
CA ARG B 541 -6.00 -21.04 46.35
C ARG B 541 -7.31 -20.35 45.99
N ILE B 542 -7.42 -19.89 44.76
CA ILE B 542 -8.58 -19.12 44.31
C ILE B 542 -9.84 -19.98 44.28
N LEU B 543 -9.71 -21.25 43.91
CA LEU B 543 -10.85 -22.15 43.80
C LEU B 543 -11.10 -22.93 45.09
N LEU B 544 -10.47 -22.51 46.18
CA LEU B 544 -10.58 -23.18 47.47
C LEU B 544 -12.03 -23.21 47.98
N LYS C 1 5.92 33.49 -22.25
CA LYS C 1 6.46 34.88 -22.29
C LYS C 1 6.82 35.37 -20.89
N ILE C 2 7.29 34.45 -20.05
CA ILE C 2 7.74 34.79 -18.70
C ILE C 2 9.27 34.77 -18.65
N GLU C 3 9.87 35.90 -18.27
CA GLU C 3 11.33 36.02 -18.22
C GLU C 3 11.92 35.14 -17.12
N GLU C 4 12.99 34.43 -17.46
CA GLU C 4 13.71 33.60 -16.48
C GLU C 4 14.73 34.45 -15.72
N GLY C 5 14.99 34.06 -14.48
CA GLY C 5 15.94 34.78 -13.65
C GLY C 5 15.41 36.15 -13.27
N LYS C 6 14.13 36.20 -12.88
CA LYS C 6 13.49 37.44 -12.50
C LYS C 6 12.12 37.12 -11.90
N LEU C 7 11.70 37.93 -10.93
CA LEU C 7 10.37 37.77 -10.33
C LEU C 7 9.48 38.98 -10.58
N VAL C 8 8.40 38.76 -11.33
CA VAL C 8 7.31 39.73 -11.41
C VAL C 8 6.27 39.35 -10.36
N ILE C 9 5.75 40.34 -9.65
CA ILE C 9 4.76 40.12 -8.62
C ILE C 9 3.55 41.03 -8.80
N TRP C 10 2.36 40.47 -8.60
CA TRP C 10 1.13 41.24 -8.57
C TRP C 10 0.53 41.20 -7.16
N ILE C 11 0.25 42.37 -6.62
CA ILE C 11 -0.47 42.49 -5.36
C ILE C 11 -1.47 43.62 -5.51
N ASN C 12 -2.62 43.51 -4.85
CA ASN C 12 -3.65 44.52 -4.98
C ASN C 12 -3.19 45.86 -4.41
N GLY C 13 -3.70 46.94 -4.98
CA GLY C 13 -3.18 48.28 -4.71
C GLY C 13 -3.67 48.95 -3.45
N ASP C 14 -4.33 48.21 -2.57
CA ASP C 14 -4.70 48.74 -1.25
C ASP C 14 -3.84 48.12 -0.15
N LYS C 15 -2.99 47.17 -0.53
CA LYS C 15 -2.00 46.62 0.38
C LYS C 15 -0.73 47.47 0.30
N GLY C 16 0.22 47.21 1.20
CA GLY C 16 1.47 47.96 1.22
C GLY C 16 2.48 47.39 0.25
N TYR C 17 2.28 47.65 -1.03
CA TYR C 17 3.14 47.09 -2.07
C TYR C 17 4.53 47.72 -2.09
N ASN C 18 4.67 48.92 -1.51
CA ASN C 18 5.98 49.55 -1.38
C ASN C 18 6.82 48.81 -0.35
N GLY C 19 6.22 48.48 0.78
CA GLY C 19 6.89 47.71 1.81
C GLY C 19 7.35 46.38 1.28
N LEU C 20 6.67 45.89 0.24
CA LEU C 20 7.04 44.64 -0.41
C LEU C 20 8.16 44.90 -1.42
N ALA C 21 8.16 46.09 -2.00
CA ALA C 21 9.17 46.46 -2.99
C ALA C 21 10.55 46.47 -2.36
N GLU C 22 10.61 46.88 -1.10
CA GLU C 22 11.85 46.89 -0.33
C GLU C 22 12.39 45.47 -0.19
N VAL C 23 11.53 44.57 0.27
CA VAL C 23 11.88 43.16 0.42
C VAL C 23 12.41 42.60 -0.89
N GLY C 24 11.90 43.12 -2.01
CA GLY C 24 12.30 42.67 -3.33
C GLY C 24 13.69 43.15 -3.71
N LYS C 25 14.06 44.33 -3.21
CA LYS C 25 15.40 44.85 -3.44
C LYS C 25 16.40 44.08 -2.59
N LYS C 26 16.13 43.99 -1.29
CA LYS C 26 16.92 43.18 -0.37
C LYS C 26 17.16 41.78 -0.95
N PHE C 27 16.13 41.25 -1.59
CA PHE C 27 16.24 39.95 -2.25
C PHE C 27 17.21 40.05 -3.42
N GLU C 28 17.19 41.17 -4.13
CA GLU C 28 17.98 41.35 -5.35
C GLU C 28 19.47 41.40 -5.06
N LYS C 29 19.83 42.01 -3.94
CA LYS C 29 21.23 42.20 -3.59
C LYS C 29 21.82 40.94 -2.95
N ASP C 30 20.96 40.15 -2.31
CA ASP C 30 21.38 38.90 -1.68
C ASP C 30 21.25 37.71 -2.61
N THR C 31 20.88 37.96 -3.87
CA THR C 31 20.58 36.88 -4.82
C THR C 31 20.98 37.24 -6.25
N GLY C 32 20.89 38.51 -6.60
CA GLY C 32 21.23 38.96 -7.93
C GLY C 32 20.09 38.80 -8.93
N ILE C 33 18.89 38.55 -8.40
CA ILE C 33 17.68 38.47 -9.23
C ILE C 33 16.79 39.67 -8.95
N LYS C 34 16.43 40.40 -10.00
CA LYS C 34 15.58 41.59 -9.85
C LYS C 34 14.12 41.23 -9.55
N VAL C 35 13.52 41.94 -8.61
CA VAL C 35 12.15 41.69 -8.18
C VAL C 35 11.23 42.85 -8.56
N THR C 36 10.44 42.65 -9.62
CA THR C 36 9.47 43.63 -10.07
C THR C 36 8.12 43.41 -9.38
N VAL C 37 7.55 44.47 -8.82
CA VAL C 37 6.28 44.41 -8.10
C VAL C 37 5.27 45.39 -8.71
N GLU C 38 4.16 44.86 -9.18
CA GLU C 38 3.13 45.65 -9.86
C GLU C 38 1.80 45.53 -9.13
N HIS C 39 0.87 46.42 -9.46
CA HIS C 39 -0.48 46.36 -8.89
C HIS C 39 -1.54 46.81 -9.90
N PRO C 40 -1.75 45.99 -10.94
CA PRO C 40 -2.79 46.30 -11.94
C PRO C 40 -4.18 46.36 -11.32
N ASP C 41 -5.09 47.11 -11.93
CA ASP C 41 -6.49 47.04 -11.55
C ASP C 41 -7.05 45.72 -12.04
N LYS C 42 -7.99 45.15 -11.30
CA LYS C 42 -8.62 43.89 -11.68
C LYS C 42 -7.59 42.76 -11.88
N LEU C 43 -6.55 42.73 -11.05
CA LEU C 43 -5.49 41.73 -11.19
C LEU C 43 -6.04 40.33 -10.96
N GLU C 44 -7.02 40.22 -10.08
CA GLU C 44 -7.67 38.96 -9.79
C GLU C 44 -8.40 38.42 -11.03
N GLU C 45 -8.93 39.33 -11.82
CA GLU C 45 -9.64 38.99 -13.06
C GLU C 45 -8.65 38.74 -14.19
N LYS C 46 -7.57 39.52 -14.22
CA LYS C 46 -6.58 39.44 -15.29
C LYS C 46 -5.69 38.21 -15.20
N PHE C 47 -5.35 37.82 -13.98
CA PHE C 47 -4.46 36.67 -13.79
C PHE C 47 -4.92 35.42 -14.53
N PRO C 48 -6.16 34.96 -14.28
CA PRO C 48 -6.61 33.74 -14.96
C PRO C 48 -6.65 33.84 -16.49
N GLN C 49 -6.79 35.03 -17.03
CA GLN C 49 -6.76 35.22 -18.48
C GLN C 49 -5.35 34.98 -19.02
N VAL C 50 -4.39 35.77 -18.55
CA VAL C 50 -3.01 35.69 -19.01
C VAL C 50 -2.34 34.37 -18.64
N ALA C 51 -2.54 33.92 -17.39
CA ALA C 51 -1.89 32.72 -16.89
C ALA C 51 -2.35 31.45 -17.61
N ALA C 52 -3.46 31.55 -18.34
CA ALA C 52 -4.01 30.39 -19.05
C ALA C 52 -3.20 30.06 -20.28
N THR C 53 -2.51 31.06 -20.83
CA THR C 53 -1.74 30.90 -22.06
C THR C 53 -0.24 30.77 -21.77
N GLY C 54 0.15 31.06 -20.53
CA GLY C 54 1.52 30.90 -20.10
C GLY C 54 2.23 32.18 -19.72
N ASP C 55 1.54 33.31 -19.80
CA ASP C 55 2.08 34.58 -19.35
C ASP C 55 1.65 34.83 -17.91
N GLY C 56 1.75 36.08 -17.45
CA GLY C 56 1.35 36.44 -16.10
C GLY C 56 2.53 36.57 -15.16
N PRO C 57 2.27 37.05 -13.94
CA PRO C 57 3.31 37.24 -12.91
C PRO C 57 3.83 35.91 -12.39
N ASP C 58 4.96 35.92 -11.69
CA ASP C 58 5.48 34.71 -11.07
C ASP C 58 4.72 34.42 -9.78
N ILE C 59 4.32 35.48 -9.08
CA ILE C 59 3.60 35.36 -7.81
C ILE C 59 2.41 36.32 -7.80
N ILE C 60 1.25 35.81 -7.39
CA ILE C 60 0.06 36.64 -7.23
C ILE C 60 -0.43 36.64 -5.79
N PHE C 61 -0.62 37.85 -5.27
CA PHE C 61 -1.17 38.04 -3.93
C PHE C 61 -2.65 38.40 -4.00
N TRP C 62 -3.47 37.63 -3.31
CA TRP C 62 -4.88 37.96 -3.14
C TRP C 62 -5.40 37.15 -1.97
N ALA C 63 -6.53 37.56 -1.42
CA ALA C 63 -7.16 36.78 -0.35
C ALA C 63 -7.40 35.36 -0.85
N HIS C 64 -7.39 34.41 0.08
CA HIS C 64 -7.39 32.98 -0.28
C HIS C 64 -8.68 32.52 -0.98
N ASP C 65 -9.71 33.35 -0.96
CA ASP C 65 -11.02 32.95 -1.46
C ASP C 65 -11.04 32.67 -2.96
N ARG C 66 -9.97 33.04 -3.65
CA ARG C 66 -9.96 33.01 -5.11
C ARG C 66 -9.03 31.97 -5.73
N PHE C 67 -8.33 31.19 -4.92
CA PHE C 67 -7.30 30.30 -5.44
C PHE C 67 -7.82 28.93 -5.90
N GLY C 68 -8.84 28.41 -5.23
CA GLY C 68 -9.46 27.18 -5.68
C GLY C 68 -9.94 27.32 -7.12
N GLY C 69 -10.40 28.52 -7.45
CA GLY C 69 -10.72 28.84 -8.83
C GLY C 69 -9.51 28.66 -9.72
N TYR C 70 -8.41 29.33 -9.36
CA TYR C 70 -7.16 29.23 -10.11
C TYR C 70 -6.64 27.79 -10.14
N ALA C 71 -6.69 27.12 -8.99
CA ALA C 71 -6.24 25.74 -8.89
C ALA C 71 -7.07 24.80 -9.77
N GLN C 72 -8.38 25.01 -9.79
CA GLN C 72 -9.25 24.20 -10.62
C GLN C 72 -8.87 24.34 -12.09
N SER C 73 -8.34 25.51 -12.44
CA SER C 73 -7.96 25.83 -13.81
C SER C 73 -6.54 25.35 -14.13
N GLY C 74 -5.80 24.94 -13.11
CA GLY C 74 -4.43 24.47 -13.28
C GLY C 74 -3.45 25.60 -13.52
N LEU C 75 -3.61 26.68 -12.76
CA LEU C 75 -2.80 27.88 -12.94
C LEU C 75 -1.79 28.10 -11.81
N LEU C 76 -1.81 27.21 -10.81
CA LEU C 76 -0.95 27.34 -9.66
C LEU C 76 -0.03 26.14 -9.54
N ALA C 77 1.23 26.41 -9.18
CA ALA C 77 2.18 25.36 -8.92
C ALA C 77 1.92 24.83 -7.51
N GLU C 78 2.25 23.56 -7.28
CA GLU C 78 2.10 22.97 -5.97
C GLU C 78 3.18 23.53 -5.05
N ILE C 79 2.78 24.18 -3.97
CA ILE C 79 3.73 24.61 -2.96
C ILE C 79 4.00 23.43 -2.04
N THR C 80 5.27 23.19 -1.74
CA THR C 80 5.68 22.02 -0.99
C THR C 80 6.72 22.40 0.06
N PRO C 81 6.30 23.21 1.05
CA PRO C 81 7.22 23.63 2.11
C PRO C 81 7.49 22.50 3.08
N ASP C 82 8.75 22.33 3.47
CA ASP C 82 9.11 21.29 4.42
C ASP C 82 8.43 21.53 5.76
N LYS C 83 8.36 20.48 6.58
CA LYS C 83 7.58 20.53 7.82
C LYS C 83 8.09 21.55 8.83
N ALA C 84 9.36 21.92 8.73
CA ALA C 84 9.93 22.90 9.65
C ALA C 84 9.41 24.29 9.32
N PHE C 85 9.12 24.52 8.04
CA PHE C 85 8.58 25.80 7.60
C PHE C 85 7.09 25.89 7.93
N GLN C 86 6.40 24.76 7.81
CA GLN C 86 4.98 24.70 8.13
C GLN C 86 4.75 25.05 9.60
N ASP C 87 5.73 24.71 10.44
CA ASP C 87 5.61 24.92 11.87
C ASP C 87 5.66 26.40 12.25
N LYS C 88 6.34 27.19 11.44
CA LYS C 88 6.49 28.62 11.72
C LYS C 88 5.17 29.39 11.56
N LEU C 89 4.15 28.73 11.02
CA LEU C 89 2.87 29.38 10.67
C LEU C 89 1.69 28.70 11.35
N TYR C 90 0.63 29.48 11.59
CA TYR C 90 -0.55 28.97 12.29
C TYR C 90 -1.30 27.93 11.44
N PRO C 91 -1.87 26.89 12.10
CA PRO C 91 -2.50 25.80 11.34
C PRO C 91 -3.76 26.20 10.56
N PHE C 92 -4.56 27.12 11.09
CA PHE C 92 -5.81 27.50 10.44
C PHE C 92 -5.55 28.31 9.17
N THR C 93 -4.38 28.96 9.13
CA THR C 93 -4.00 29.74 7.96
C THR C 93 -3.57 28.81 6.83
N TRP C 94 -2.99 27.67 7.20
CA TRP C 94 -2.63 26.64 6.23
C TRP C 94 -3.87 25.93 5.73
N ASP C 95 -4.92 25.88 6.55
CA ASP C 95 -6.18 25.25 6.16
C ASP C 95 -6.82 26.05 5.03
N ALA C 96 -6.81 27.37 5.18
CA ALA C 96 -7.42 28.27 4.23
C ALA C 96 -6.87 28.10 2.81
N VAL C 97 -5.64 27.60 2.71
CA VAL C 97 -4.96 27.46 1.42
C VAL C 97 -4.80 25.99 1.01
N ARG C 98 -5.62 25.12 1.58
CA ARG C 98 -5.63 23.71 1.20
C ARG C 98 -6.80 23.46 0.23
N TYR C 99 -6.55 22.64 -0.78
CA TYR C 99 -7.55 22.36 -1.80
C TYR C 99 -7.10 21.19 -2.66
N ASN C 100 -8.04 20.32 -3.03
CA ASN C 100 -7.75 19.15 -3.86
C ASN C 100 -6.56 18.36 -3.28
N GLY C 101 -6.51 18.29 -1.95
CA GLY C 101 -5.44 17.57 -1.28
C GLY C 101 -4.17 18.39 -1.15
N LYS C 102 -3.81 19.10 -2.21
CA LYS C 102 -2.56 19.84 -2.27
C LYS C 102 -2.64 21.17 -1.53
N LEU C 103 -1.47 21.79 -1.35
CA LEU C 103 -1.38 23.18 -0.91
C LEU C 103 -1.13 24.04 -2.14
N ILE C 104 -1.84 25.15 -2.24
CA ILE C 104 -1.87 25.94 -3.47
C ILE C 104 -1.28 27.34 -3.32
N ALA C 105 -1.03 27.76 -2.08
CA ALA C 105 -0.50 29.10 -1.82
C ALA C 105 0.07 29.21 -0.41
N TYR C 106 1.01 30.15 -0.21
CA TYR C 106 1.53 30.46 1.12
C TYR C 106 0.62 31.48 1.78
N PRO C 107 0.19 31.24 3.03
CA PRO C 107 -0.59 32.26 3.73
C PRO C 107 0.28 33.36 4.34
N ILE C 108 -0.14 34.60 4.18
CA ILE C 108 0.66 35.75 4.64
C ILE C 108 0.07 36.37 5.90
N ALA C 109 -1.20 36.77 5.85
CA ALA C 109 -1.82 37.43 6.99
C ALA C 109 -3.34 37.28 6.97
N VAL C 110 -3.95 37.46 8.13
CA VAL C 110 -5.40 37.29 8.29
C VAL C 110 -6.07 38.64 8.47
N GLU C 111 -6.96 38.96 7.54
CA GLU C 111 -7.66 40.24 7.53
C GLU C 111 -9.11 40.07 7.93
N ALA C 112 -9.63 41.04 8.66
CA ALA C 112 -11.05 41.04 9.04
C ALA C 112 -11.49 42.48 9.25
N LEU C 113 -12.75 42.75 8.94
CA LEU C 113 -13.28 44.10 9.09
C LEU C 113 -13.51 44.44 10.56
N SER C 114 -13.30 45.70 10.90
CA SER C 114 -13.52 46.19 12.26
C SER C 114 -14.24 47.53 12.18
N LEU C 115 -14.76 47.98 13.31
CA LEU C 115 -15.36 49.31 13.40
C LEU C 115 -14.30 50.34 13.75
N ILE C 116 -14.30 51.45 13.03
CA ILE C 116 -13.34 52.53 13.26
C ILE C 116 -14.10 53.82 13.51
N TYR C 117 -13.88 54.41 14.69
CA TYR C 117 -14.63 55.58 15.12
C TYR C 117 -13.72 56.73 15.54
N ASN C 118 -14.27 57.94 15.48
CA ASN C 118 -13.54 59.15 15.85
C ASN C 118 -13.77 59.48 17.32
N LYS C 119 -12.73 59.26 18.14
CA LYS C 119 -12.84 59.44 19.58
C LYS C 119 -13.12 60.89 19.99
N ASP C 120 -13.00 61.81 19.03
CA ASP C 120 -13.25 63.23 19.30
C ASP C 120 -14.72 63.58 19.08
N LEU C 121 -15.37 62.87 18.17
CA LEU C 121 -16.79 63.11 17.87
C LEU C 121 -17.67 62.16 18.67
N LEU C 122 -17.09 61.08 19.19
CA LEU C 122 -17.87 60.03 19.81
C LEU C 122 -16.98 59.11 20.65
N PRO C 123 -16.80 59.43 21.94
CA PRO C 123 -15.98 58.62 22.85
C PRO C 123 -16.42 57.16 22.96
N ASN C 124 -17.71 56.93 23.22
CA ASN C 124 -18.25 55.58 23.33
C ASN C 124 -18.96 55.17 22.04
N PRO C 125 -18.40 54.22 21.29
CA PRO C 125 -19.02 53.85 20.01
C PRO C 125 -20.23 52.93 20.23
N PRO C 126 -21.30 53.09 19.42
CA PRO C 126 -22.49 52.25 19.57
C PRO C 126 -22.17 50.75 19.52
N LYS C 127 -22.76 50.00 20.43
CA LYS C 127 -22.52 48.56 20.53
C LYS C 127 -23.47 47.77 19.63
N THR C 128 -24.50 48.44 19.12
CA THR C 128 -25.51 47.77 18.28
C THR C 128 -25.83 48.61 17.06
N TRP C 129 -26.31 47.95 16.01
CA TRP C 129 -26.68 48.63 14.76
C TRP C 129 -27.91 49.49 14.94
N GLU C 130 -28.79 49.10 15.86
CA GLU C 130 -30.10 49.74 16.01
C GLU C 130 -30.05 51.15 16.61
N GLU C 131 -28.99 51.44 17.36
CA GLU C 131 -28.88 52.75 18.00
C GLU C 131 -28.11 53.75 17.14
N ILE C 132 -27.97 53.44 15.85
CA ILE C 132 -27.25 54.31 14.92
C ILE C 132 -28.17 55.32 14.24
N PRO C 133 -29.38 54.90 13.84
CA PRO C 133 -30.34 55.90 13.35
C PRO C 133 -30.57 57.04 14.33
N ALA C 134 -30.82 56.70 15.60
CA ALA C 134 -31.03 57.70 16.64
C ALA C 134 -29.77 58.54 16.83
N LEU C 135 -28.62 57.96 16.53
CA LEU C 135 -27.34 58.62 16.69
C LEU C 135 -27.03 59.55 15.51
N ASP C 136 -27.49 59.16 14.32
CA ASP C 136 -27.19 59.93 13.11
C ASP C 136 -27.92 61.27 13.09
N LYS C 137 -29.08 61.33 13.75
CA LYS C 137 -29.84 62.56 13.83
C LYS C 137 -29.08 63.62 14.63
N GLU C 138 -28.41 63.17 15.68
CA GLU C 138 -27.67 64.08 16.55
C GLU C 138 -26.54 64.80 15.83
N LEU C 139 -25.86 64.08 14.94
CA LEU C 139 -24.69 64.64 14.26
C LEU C 139 -25.06 65.41 13.00
N LYS C 140 -26.11 64.96 12.30
CA LYS C 140 -26.57 65.64 11.10
C LYS C 140 -26.88 67.10 11.42
N ALA C 141 -27.36 67.34 12.63
CA ALA C 141 -27.65 68.68 13.11
C ALA C 141 -26.38 69.52 13.23
N LYS C 142 -25.25 68.84 13.40
CA LYS C 142 -23.96 69.51 13.54
C LYS C 142 -23.24 69.62 12.19
N GLY C 143 -23.80 69.01 11.16
CA GLY C 143 -23.18 68.99 9.84
C GLY C 143 -22.20 67.85 9.70
N LYS C 144 -22.41 66.78 10.46
CA LYS C 144 -21.55 65.60 10.43
C LYS C 144 -22.37 64.35 10.18
N SER C 145 -21.72 63.32 9.64
CA SER C 145 -22.36 62.04 9.37
C SER C 145 -21.94 61.01 10.42
N ALA C 146 -22.78 60.01 10.65
CA ALA C 146 -22.53 59.00 11.67
C ALA C 146 -21.63 57.88 11.16
N LEU C 147 -21.97 57.35 9.98
CA LEU C 147 -21.26 56.20 9.43
C LEU C 147 -21.14 56.27 7.92
N MET C 148 -19.99 55.85 7.41
CA MET C 148 -19.77 55.73 5.97
C MET C 148 -18.81 54.58 5.70
N PHE C 149 -19.15 53.76 4.71
CA PHE C 149 -18.27 52.68 4.29
C PHE C 149 -18.64 52.25 2.88
N ASN C 150 -17.68 51.63 2.18
CA ASN C 150 -17.87 51.21 0.80
C ASN C 150 -19.12 50.35 0.64
N LEU C 151 -19.98 50.76 -0.28
CA LEU C 151 -21.21 50.02 -0.58
C LEU C 151 -21.21 49.53 -2.02
N GLN C 152 -20.03 49.49 -2.64
CA GLN C 152 -19.89 49.05 -4.01
C GLN C 152 -19.33 47.64 -4.08
N GLU C 153 -18.78 47.17 -2.97
CA GLU C 153 -18.21 45.82 -2.90
C GLU C 153 -18.91 45.02 -1.81
N PRO C 154 -19.42 43.82 -2.17
CA PRO C 154 -20.24 43.03 -1.24
C PRO C 154 -19.50 42.61 0.02
N TYR C 155 -18.17 42.67 -0.02
CA TYR C 155 -17.32 42.30 1.10
C TYR C 155 -17.63 43.14 2.33
N PHE C 156 -18.00 44.40 2.10
CA PHE C 156 -18.18 45.35 3.19
C PHE C 156 -19.55 45.26 3.89
N THR C 157 -20.59 44.92 3.15
CA THR C 157 -21.93 44.83 3.71
C THR C 157 -22.24 43.42 4.23
N TRP C 158 -21.41 42.46 3.86
CA TRP C 158 -21.64 41.06 4.22
C TRP C 158 -21.67 40.76 5.72
N PRO C 159 -20.83 41.44 6.52
CA PRO C 159 -20.83 41.11 7.95
C PRO C 159 -22.19 41.35 8.61
N LEU C 160 -23.00 42.19 7.98
CA LEU C 160 -24.33 42.52 8.49
C LEU C 160 -25.34 41.47 8.03
N ILE C 161 -25.24 41.08 6.75
CA ILE C 161 -26.11 40.07 6.17
C ILE C 161 -25.96 38.73 6.91
N ALA C 162 -24.71 38.33 7.13
CA ALA C 162 -24.41 37.02 7.68
C ALA C 162 -24.74 36.92 9.17
N ALA C 163 -25.02 38.06 9.80
CA ALA C 163 -25.27 38.10 11.24
C ALA C 163 -26.53 37.33 11.62
N ASP C 164 -27.66 37.70 11.02
CA ASP C 164 -28.95 37.14 11.39
C ASP C 164 -29.11 35.68 10.94
N GLY C 165 -28.26 35.24 10.02
CA GLY C 165 -28.32 33.86 9.55
C GLY C 165 -27.77 33.65 8.15
N GLY C 166 -27.40 34.74 7.47
CA GLY C 166 -26.90 34.64 6.11
C GLY C 166 -25.61 33.83 6.00
N TYR C 167 -25.51 33.05 4.93
CA TYR C 167 -24.29 32.29 4.66
C TYR C 167 -24.15 32.03 3.16
N ALA C 168 -22.91 31.76 2.72
CA ALA C 168 -22.64 31.54 1.31
C ALA C 168 -22.96 30.11 0.90
N PHE C 169 -22.34 29.17 1.60
CA PHE C 169 -22.60 27.75 1.38
C PHE C 169 -22.64 27.05 2.73
N LYS C 170 -23.69 26.26 2.96
CA LYS C 170 -23.85 25.54 4.22
C LYS C 170 -22.60 24.72 4.52
N TYR C 171 -22.02 24.96 5.69
CA TYR C 171 -20.83 24.23 6.13
C TYR C 171 -21.19 23.27 7.25
N GLU C 172 -20.93 21.99 7.03
CA GLU C 172 -21.24 20.96 8.01
C GLU C 172 -20.43 19.70 7.73
N ASN C 173 -19.94 19.07 8.80
CA ASN C 173 -19.16 17.84 8.70
C ASN C 173 -17.80 18.03 8.03
N GLY C 174 -17.45 19.28 7.71
CA GLY C 174 -16.16 19.59 7.14
C GLY C 174 -16.16 19.80 5.64
N LYS C 175 -17.34 19.70 5.01
CA LYS C 175 -17.47 19.87 3.57
C LYS C 175 -18.52 20.92 3.21
N TYR C 176 -18.26 21.68 2.16
CA TYR C 176 -19.17 22.73 1.71
C TYR C 176 -20.19 22.19 0.73
N ASP C 177 -21.47 22.37 1.05
CA ASP C 177 -22.56 21.96 0.17
C ASP C 177 -22.80 23.04 -0.88
N ILE C 178 -22.38 22.77 -2.12
CA ILE C 178 -22.43 23.76 -3.20
C ILE C 178 -23.84 23.95 -3.78
N LYS C 179 -24.82 23.25 -3.20
CA LYS C 179 -26.22 23.39 -3.60
C LYS C 179 -27.01 24.08 -2.50
N ASP C 180 -26.58 23.89 -1.25
CA ASP C 180 -27.18 24.55 -0.10
C ASP C 180 -26.61 25.96 0.04
N VAL C 181 -27.37 26.94 -0.47
CA VAL C 181 -26.95 28.34 -0.47
C VAL C 181 -27.92 29.19 0.34
N GLY C 182 -27.40 29.95 1.30
CA GLY C 182 -28.23 30.76 2.19
C GLY C 182 -28.04 32.25 1.98
N VAL C 183 -28.28 32.72 0.76
CA VAL C 183 -28.16 34.15 0.46
C VAL C 183 -29.52 34.85 0.49
N ASP C 184 -30.59 34.08 0.31
CA ASP C 184 -31.95 34.62 0.32
C ASP C 184 -32.78 34.03 1.47
N ASN C 185 -32.10 33.57 2.51
CA ASN C 185 -32.79 33.02 3.67
C ASN C 185 -33.37 34.14 4.54
N ALA C 186 -33.90 33.77 5.70
CA ALA C 186 -34.53 34.74 6.59
C ALA C 186 -33.52 35.77 7.10
N GLY C 187 -32.41 35.29 7.65
CA GLY C 187 -31.40 36.15 8.24
C GLY C 187 -30.80 37.15 7.28
N ALA C 188 -30.60 36.73 6.04
CA ALA C 188 -29.99 37.59 5.02
C ALA C 188 -30.94 38.73 4.63
N LYS C 189 -32.23 38.42 4.55
CA LYS C 189 -33.22 39.43 4.21
C LYS C 189 -33.31 40.49 5.32
N ALA C 190 -33.36 40.05 6.56
CA ALA C 190 -33.44 40.95 7.71
C ALA C 190 -32.21 41.85 7.79
N GLY C 191 -31.06 41.31 7.41
CA GLY C 191 -29.81 42.06 7.45
C GLY C 191 -29.72 43.08 6.33
N LEU C 192 -30.18 42.72 5.14
CA LEU C 192 -30.12 43.63 4.00
C LEU C 192 -31.18 44.71 4.11
N THR C 193 -32.27 44.41 4.81
CA THR C 193 -33.35 45.38 4.98
C THR C 193 -32.89 46.55 5.84
N PHE C 194 -32.30 46.25 6.99
CA PHE C 194 -31.82 47.28 7.90
C PHE C 194 -30.80 48.18 7.20
N LEU C 195 -30.15 47.67 6.16
CA LEU C 195 -29.20 48.46 5.39
C LEU C 195 -29.92 49.47 4.49
N VAL C 196 -30.87 48.99 3.71
CA VAL C 196 -31.60 49.86 2.80
C VAL C 196 -32.48 50.82 3.60
N ASP C 197 -32.82 50.43 4.82
CA ASP C 197 -33.57 51.29 5.74
C ASP C 197 -32.76 52.55 6.08
N LEU C 198 -31.45 52.38 6.22
CA LEU C 198 -30.56 53.51 6.52
C LEU C 198 -30.52 54.46 5.33
N ILE C 199 -30.54 53.89 4.12
CA ILE C 199 -30.51 54.69 2.90
C ILE C 199 -31.86 55.37 2.70
N LYS C 200 -32.94 54.67 3.06
CA LYS C 200 -34.28 55.22 2.96
C LYS C 200 -34.42 56.45 3.84
N ASN C 201 -34.10 56.29 5.12
CA ASN C 201 -34.18 57.39 6.08
C ASN C 201 -32.95 58.29 6.01
N LYS C 202 -32.18 58.16 4.93
CA LYS C 202 -31.08 59.08 4.60
C LYS C 202 -30.06 59.25 5.72
N HIS C 203 -29.62 58.14 6.30
CA HIS C 203 -28.51 58.15 7.24
C HIS C 203 -27.19 57.99 6.49
N MET C 204 -27.27 57.50 5.26
CA MET C 204 -26.11 57.42 4.38
C MET C 204 -26.52 57.32 2.92
N ASN C 205 -25.67 57.83 2.03
CA ASN C 205 -25.89 57.78 0.59
C ASN C 205 -25.66 56.37 0.05
N ALA C 206 -26.14 56.10 -1.16
CA ALA C 206 -26.09 54.75 -1.73
C ALA C 206 -24.82 54.49 -2.54
N ASP C 207 -24.40 55.49 -3.32
CA ASP C 207 -23.24 55.32 -4.21
C ASP C 207 -21.93 55.72 -3.55
N THR C 208 -21.90 55.63 -2.23
CA THR C 208 -20.67 55.86 -1.47
C THR C 208 -19.71 54.70 -1.69
N ASP C 209 -18.57 54.97 -2.32
CA ASP C 209 -17.57 53.95 -2.59
C ASP C 209 -16.43 53.98 -1.56
N TYR C 210 -15.36 53.27 -1.86
CA TYR C 210 -14.26 53.10 -0.91
C TYR C 210 -13.54 54.41 -0.63
N SER C 211 -13.18 55.14 -1.68
CA SER C 211 -12.39 56.35 -1.54
C SER C 211 -13.20 57.49 -0.92
N ILE C 212 -14.48 57.55 -1.24
CA ILE C 212 -15.36 58.58 -0.68
C ILE C 212 -15.44 58.42 0.83
N ALA C 213 -15.70 57.21 1.29
CA ALA C 213 -15.84 56.92 2.71
C ALA C 213 -14.54 57.19 3.47
N GLU C 214 -13.41 57.05 2.77
CA GLU C 214 -12.10 57.24 3.38
C GLU C 214 -11.80 58.73 3.55
N ALA C 215 -11.89 59.47 2.45
CA ALA C 215 -11.65 60.91 2.47
C ALA C 215 -12.57 61.57 3.49
N ALA C 216 -13.82 61.12 3.52
CA ALA C 216 -14.81 61.63 4.45
C ALA C 216 -14.32 61.46 5.90
N PHE C 217 -14.10 60.22 6.30
CA PHE C 217 -13.73 59.90 7.67
C PHE C 217 -12.38 60.51 8.06
N ASN C 218 -11.42 60.52 7.13
CA ASN C 218 -10.09 61.01 7.42
C ASN C 218 -10.01 62.54 7.44
N LYS C 219 -11.10 63.20 7.04
CA LYS C 219 -11.20 64.66 7.12
C LYS C 219 -12.02 65.09 8.34
N GLY C 220 -12.56 64.12 9.06
CA GLY C 220 -13.38 64.41 10.23
C GLY C 220 -14.82 64.73 9.85
N GLU C 221 -15.25 64.30 8.67
CA GLU C 221 -16.60 64.57 8.20
C GLU C 221 -17.60 63.56 8.76
N THR C 222 -17.15 62.30 8.92
CA THR C 222 -18.01 61.23 9.42
C THR C 222 -17.43 60.62 10.69
N ALA C 223 -18.30 60.10 11.54
CA ALA C 223 -17.90 59.60 12.85
C ALA C 223 -17.35 58.18 12.81
N MET C 224 -18.04 57.30 12.10
CA MET C 224 -17.66 55.88 12.03
C MET C 224 -17.34 55.44 10.61
N THR C 225 -16.73 54.26 10.51
CA THR C 225 -16.48 53.63 9.21
C THR C 225 -16.04 52.18 9.41
N ILE C 226 -16.37 51.33 8.43
CA ILE C 226 -15.98 49.93 8.46
C ILE C 226 -14.89 49.69 7.43
N ASN C 227 -13.73 49.23 7.90
CA ASN C 227 -12.62 48.94 7.02
C ASN C 227 -11.66 47.93 7.65
N GLY C 228 -10.65 47.52 6.88
CA GLY C 228 -9.65 46.58 7.35
C GLY C 228 -8.36 47.27 7.75
N PRO C 229 -7.36 46.49 8.20
CA PRO C 229 -6.04 46.98 8.63
C PRO C 229 -5.36 47.95 7.66
N TRP C 230 -5.41 47.65 6.36
CA TRP C 230 -4.77 48.49 5.35
C TRP C 230 -5.15 49.96 5.45
N ALA C 231 -6.33 50.23 6.01
CA ALA C 231 -6.84 51.59 6.12
C ALA C 231 -6.07 52.41 7.15
N TRP C 232 -5.62 51.74 8.21
CA TRP C 232 -5.05 52.41 9.38
C TRP C 232 -3.93 53.41 9.07
N SER C 233 -3.07 53.06 8.11
CA SER C 233 -1.97 53.93 7.70
C SER C 233 -2.41 55.37 7.46
N ASN C 234 -3.37 55.54 6.56
CA ASN C 234 -3.80 56.88 6.16
C ASN C 234 -4.52 57.64 7.28
N ILE C 235 -5.10 56.91 8.23
CA ILE C 235 -5.76 57.56 9.35
C ILE C 235 -4.71 58.13 10.31
N ASP C 236 -3.61 57.41 10.48
CA ASP C 236 -2.49 57.89 11.29
C ASP C 236 -1.97 59.21 10.75
N THR C 237 -1.68 59.23 9.45
CA THR C 237 -1.07 60.39 8.81
C THR C 237 -2.02 61.59 8.78
N SER C 238 -3.32 61.31 8.86
CA SER C 238 -4.31 62.38 8.92
C SER C 238 -4.40 62.94 10.33
N LYS C 239 -3.69 62.29 11.26
CA LYS C 239 -3.64 62.73 12.66
C LYS C 239 -5.04 62.86 13.26
N VAL C 240 -5.90 61.90 12.92
CA VAL C 240 -7.25 61.83 13.48
C VAL C 240 -7.23 60.89 14.67
N ASN C 241 -7.74 61.34 15.81
CA ASN C 241 -7.75 60.52 17.01
C ASN C 241 -8.80 59.42 16.91
N TYR C 242 -8.38 58.26 16.41
CA TYR C 242 -9.31 57.17 16.13
C TYR C 242 -9.14 55.98 17.07
N GLY C 243 -10.15 55.12 17.06
CA GLY C 243 -10.14 53.89 17.83
C GLY C 243 -10.68 52.75 16.98
N VAL C 244 -10.19 51.55 17.23
CA VAL C 244 -10.58 50.36 16.47
C VAL C 244 -11.24 49.35 17.40
N THR C 245 -12.57 49.29 17.34
CA THR C 245 -13.35 48.39 18.19
C THR C 245 -14.07 47.34 17.37
N VAL C 246 -14.85 46.49 18.05
CA VAL C 246 -15.61 45.43 17.38
C VAL C 246 -16.80 46.00 16.63
N LEU C 247 -17.36 45.22 15.71
CA LEU C 247 -18.48 45.67 14.90
C LEU C 247 -19.78 45.63 15.69
N PRO C 248 -20.70 46.58 15.42
CA PRO C 248 -21.98 46.61 16.15
C PRO C 248 -22.77 45.31 15.98
N THR C 249 -23.51 44.92 17.02
CA THR C 249 -24.33 43.72 16.96
C THR C 249 -25.63 44.03 16.24
N PHE C 250 -26.30 42.98 15.78
CA PHE C 250 -27.55 43.12 15.04
C PHE C 250 -28.50 42.00 15.44
N LYS C 251 -29.67 42.38 15.96
CA LYS C 251 -30.63 41.44 16.55
C LYS C 251 -29.98 40.67 17.70
N GLY C 252 -29.12 41.35 18.44
CA GLY C 252 -28.43 40.74 19.56
C GLY C 252 -27.54 39.59 19.13
N GLN C 253 -26.95 39.74 17.95
CA GLN C 253 -26.03 38.74 17.40
C GLN C 253 -24.83 39.44 16.79
N PRO C 254 -23.62 38.88 17.00
CA PRO C 254 -22.44 39.57 16.46
C PRO C 254 -22.42 39.54 14.94
N SER C 255 -21.83 40.57 14.33
CA SER C 255 -21.62 40.57 12.89
C SER C 255 -20.66 39.43 12.56
N LYS C 256 -20.92 38.77 11.43
CA LYS C 256 -20.09 37.65 10.99
C LYS C 256 -19.36 38.01 9.70
N PRO C 257 -18.28 38.81 9.82
CA PRO C 257 -17.54 39.26 8.63
C PRO C 257 -16.80 38.11 7.96
N PHE C 258 -16.84 38.05 6.64
CA PHE C 258 -16.09 37.03 5.93
C PHE C 258 -14.61 37.34 6.06
N VAL C 259 -13.86 36.40 6.62
CA VAL C 259 -12.45 36.61 6.94
C VAL C 259 -11.56 36.16 5.80
N GLY C 260 -10.74 37.08 5.31
CA GLY C 260 -9.77 36.78 4.27
C GLY C 260 -8.45 36.35 4.86
N VAL C 261 -7.65 35.67 4.06
CA VAL C 261 -6.30 35.27 4.42
C VAL C 261 -5.42 35.59 3.23
N LEU C 262 -4.86 36.80 3.23
CA LEU C 262 -3.96 37.24 2.16
C LEU C 262 -2.91 36.17 1.94
N SER C 263 -2.89 35.62 0.73
CA SER C 263 -2.01 34.50 0.39
C SER C 263 -1.17 34.85 -0.82
N ALA C 264 -0.22 33.98 -1.14
CA ALA C 264 0.63 34.14 -2.31
C ALA C 264 0.82 32.81 -3.01
N GLY C 265 0.33 32.73 -4.23
CA GLY C 265 0.41 31.50 -5.02
C GLY C 265 1.38 31.68 -6.17
N ILE C 266 1.96 30.57 -6.62
CA ILE C 266 2.97 30.60 -7.68
C ILE C 266 2.35 30.16 -9.00
N ASN C 267 2.49 31.02 -10.00
CA ASN C 267 2.06 30.73 -11.36
C ASN C 267 2.69 29.43 -11.84
N ALA C 268 1.86 28.50 -12.29
CA ALA C 268 2.32 27.18 -12.71
C ALA C 268 3.24 27.27 -13.93
N ALA C 269 3.04 28.30 -14.74
CA ALA C 269 3.80 28.47 -15.98
C ALA C 269 5.20 28.99 -15.72
N SER C 270 5.43 29.56 -14.54
CA SER C 270 6.69 30.19 -14.19
C SER C 270 7.86 29.23 -14.30
N PRO C 271 8.99 29.71 -14.88
CA PRO C 271 10.23 28.94 -14.81
C PRO C 271 10.96 29.19 -13.49
N ASN C 272 10.60 30.30 -12.84
CA ASN C 272 11.31 30.79 -11.67
C ASN C 272 10.72 30.33 -10.35
N LYS C 273 10.21 29.09 -10.33
CA LYS C 273 9.53 28.57 -9.15
C LYS C 273 10.47 28.46 -7.95
N GLU C 274 11.65 27.90 -8.17
CA GLU C 274 12.67 27.78 -7.11
C GLU C 274 12.98 29.14 -6.52
N LEU C 275 13.09 30.14 -7.40
CA LEU C 275 13.35 31.51 -6.99
C LEU C 275 12.17 32.08 -6.20
N ALA C 276 10.96 31.83 -6.69
CA ALA C 276 9.76 32.32 -6.03
C ALA C 276 9.56 31.66 -4.67
N LYS C 277 9.88 30.36 -4.60
CA LYS C 277 9.84 29.64 -3.35
C LYS C 277 10.80 30.27 -2.34
N GLU C 278 12.00 30.62 -2.80
CA GLU C 278 13.02 31.17 -1.92
C GLU C 278 12.63 32.56 -1.42
N PHE C 279 12.07 33.37 -2.31
CA PHE C 279 11.67 34.74 -1.95
C PHE C 279 10.57 34.75 -0.90
N LEU C 280 9.60 33.85 -1.06
CA LEU C 280 8.47 33.78 -0.16
C LEU C 280 8.83 33.10 1.15
N GLU C 281 9.46 31.93 1.06
CA GLU C 281 9.77 31.16 2.25
C GLU C 281 10.83 31.84 3.12
N ASN C 282 11.93 32.28 2.52
CA ASN C 282 13.05 32.80 3.29
C ASN C 282 12.97 34.30 3.61
N TYR C 283 12.56 35.12 2.64
CA TYR C 283 12.66 36.57 2.79
C TYR C 283 11.36 37.27 3.25
N LEU C 284 10.24 36.93 2.64
CA LEU C 284 8.97 37.59 2.98
C LEU C 284 8.46 37.14 4.35
N LEU C 285 8.25 35.84 4.49
CA LEU C 285 7.68 35.30 5.73
C LEU C 285 8.74 35.24 6.84
N THR C 286 9.14 36.42 7.28
CA THR C 286 10.07 36.57 8.40
C THR C 286 9.59 37.76 9.22
N ASP C 287 10.27 38.03 10.33
CA ASP C 287 9.96 39.21 11.12
C ASP C 287 10.41 40.45 10.36
N GLU C 288 11.59 40.36 9.74
CA GLU C 288 12.17 41.47 8.98
C GLU C 288 11.48 41.67 7.64
N GLY C 289 10.62 40.73 7.27
CA GLY C 289 9.89 40.80 6.02
C GLY C 289 8.52 41.44 6.20
N LEU C 290 7.73 40.89 7.11
CA LEU C 290 6.37 41.34 7.30
C LEU C 290 6.29 42.73 7.93
N GLU C 291 7.32 43.12 8.68
CA GLU C 291 7.35 44.45 9.28
C GLU C 291 7.56 45.50 8.20
N ALA C 292 8.33 45.15 7.18
CA ALA C 292 8.55 46.04 6.04
C ALA C 292 7.20 46.35 5.40
N VAL C 293 6.39 45.31 5.25
CA VAL C 293 5.08 45.45 4.63
C VAL C 293 4.07 46.04 5.60
N ASN C 294 4.18 45.70 6.88
CA ASN C 294 3.21 46.14 7.88
C ASN C 294 3.38 47.62 8.24
N LYS C 295 4.58 48.14 8.04
CA LYS C 295 4.84 49.56 8.30
C LYS C 295 4.22 50.40 7.20
N ASP C 296 4.25 49.87 5.98
CA ASP C 296 3.63 50.53 4.83
C ASP C 296 2.12 50.55 4.99
N LYS C 297 1.50 49.37 4.93
CA LYS C 297 0.08 49.20 5.20
C LYS C 297 -0.09 47.97 6.10
N PRO C 298 -0.78 48.13 7.25
CA PRO C 298 -0.97 46.98 8.15
C PRO C 298 -1.60 45.76 7.49
N LEU C 299 -0.94 44.62 7.67
CA LEU C 299 -1.38 43.34 7.11
C LEU C 299 -2.56 42.75 7.86
N GLY C 300 -2.86 43.34 9.02
CA GLY C 300 -3.76 42.71 9.97
C GLY C 300 -2.94 41.84 10.90
N ALA C 301 -3.43 40.63 11.17
CA ALA C 301 -2.68 39.67 11.98
C ALA C 301 -1.96 38.69 11.07
N VAL C 302 -0.64 38.76 11.05
CA VAL C 302 0.17 37.90 10.19
C VAL C 302 0.01 36.43 10.58
N ALA C 303 0.50 35.54 9.73
CA ALA C 303 0.38 34.11 9.93
C ALA C 303 1.62 33.57 10.64
N LEU C 304 2.74 34.25 10.46
CA LEU C 304 4.02 33.83 11.04
C LEU C 304 3.98 33.96 12.57
N LYS C 305 4.16 32.83 13.26
CA LYS C 305 4.01 32.77 14.71
C LYS C 305 4.89 33.79 15.43
N SER C 306 6.16 33.84 15.07
CA SER C 306 7.12 34.73 15.72
C SER C 306 6.67 36.18 15.72
N TYR C 307 6.55 36.77 14.53
CA TYR C 307 6.23 38.19 14.43
C TYR C 307 4.77 38.50 14.81
N GLU C 308 3.91 37.50 14.77
CA GLU C 308 2.53 37.68 15.23
C GLU C 308 2.53 37.95 16.72
N GLU C 309 3.47 37.34 17.43
CA GLU C 309 3.58 37.48 18.88
C GLU C 309 3.74 38.94 19.29
N GLU C 310 4.55 39.68 18.53
CA GLU C 310 4.80 41.09 18.82
C GLU C 310 3.56 41.94 18.52
N LEU C 311 3.03 41.80 17.31
CA LEU C 311 1.88 42.59 16.88
C LEU C 311 0.63 42.30 17.69
N ALA C 312 0.56 41.10 18.27
CA ALA C 312 -0.61 40.67 19.03
C ALA C 312 -0.90 41.60 20.20
N LYS C 313 0.13 42.28 20.70
CA LYS C 313 -0.02 43.20 21.83
C LYS C 313 -0.79 44.45 21.42
N ASP C 314 -0.89 44.70 20.11
CA ASP C 314 -1.57 45.88 19.59
C ASP C 314 -3.07 45.80 19.86
N PRO C 315 -3.65 46.85 20.48
CA PRO C 315 -5.09 46.82 20.74
C PRO C 315 -5.95 46.82 19.47
N ARG C 316 -5.43 47.36 18.37
CA ARG C 316 -6.17 47.36 17.11
C ARG C 316 -6.21 45.95 16.53
N ILE C 317 -5.03 45.33 16.43
CA ILE C 317 -4.91 43.96 15.94
C ILE C 317 -5.72 43.02 16.82
N ALA C 318 -5.87 43.40 18.09
CA ALA C 318 -6.62 42.60 19.05
C ALA C 318 -8.11 42.60 18.73
N ALA C 319 -8.58 43.67 18.09
CA ALA C 319 -9.98 43.78 17.71
C ALA C 319 -10.23 43.08 16.36
N THR C 320 -9.18 42.98 15.56
CA THR C 320 -9.28 42.31 14.27
C THR C 320 -9.48 40.81 14.46
N MET C 321 -8.88 40.26 15.52
CA MET C 321 -9.05 38.86 15.87
C MET C 321 -10.35 38.66 16.64
N GLU C 322 -10.82 39.72 17.28
CA GLU C 322 -12.09 39.68 17.99
C GLU C 322 -13.22 39.51 16.98
N ASN C 323 -13.05 40.11 15.81
CA ASN C 323 -14.07 40.07 14.75
C ASN C 323 -13.92 38.84 13.85
N ALA C 324 -12.69 38.36 13.71
CA ALA C 324 -12.43 37.18 12.91
C ALA C 324 -13.09 35.96 13.54
N GLN C 325 -12.90 35.80 14.85
CA GLN C 325 -13.49 34.69 15.59
C GLN C 325 -15.01 34.72 15.48
N LYS C 326 -15.59 35.88 15.75
CA LYS C 326 -17.04 36.05 15.70
C LYS C 326 -17.59 35.80 14.30
N GLY C 327 -16.70 35.84 13.31
CA GLY C 327 -17.08 35.61 11.93
C GLY C 327 -16.60 34.25 11.44
N GLU C 328 -16.93 33.93 10.19
CA GLU C 328 -16.50 32.71 9.55
C GLU C 328 -15.45 33.01 8.49
N ILE C 329 -14.46 32.12 8.35
CA ILE C 329 -13.44 32.26 7.33
C ILE C 329 -14.02 31.91 5.97
N MET C 330 -13.51 32.55 4.92
CA MET C 330 -14.06 32.36 3.58
C MET C 330 -13.80 30.96 3.05
N PRO C 331 -14.73 30.42 2.25
CA PRO C 331 -14.41 29.21 1.48
C PRO C 331 -13.44 29.55 0.36
N ASN C 332 -12.69 28.57 -0.14
CA ASN C 332 -11.76 28.80 -1.22
C ASN C 332 -12.20 28.15 -2.53
N ILE C 333 -13.37 27.51 -2.52
CA ILE C 333 -13.81 26.72 -3.66
C ILE C 333 -14.16 27.58 -4.87
N PRO C 334 -14.09 27.00 -6.09
CA PRO C 334 -14.27 27.75 -7.34
C PRO C 334 -15.56 28.56 -7.41
N GLN C 335 -16.63 28.06 -6.80
CA GLN C 335 -17.93 28.72 -6.87
C GLN C 335 -17.95 30.08 -6.19
N MET C 336 -16.87 30.41 -5.47
CA MET C 336 -16.83 31.64 -4.68
C MET C 336 -16.91 32.92 -5.51
N SER C 337 -16.31 32.93 -6.68
CA SER C 337 -16.28 34.14 -7.51
C SER C 337 -17.66 34.42 -8.09
N ALA C 338 -18.31 33.38 -8.60
CA ALA C 338 -19.68 33.47 -9.07
C ALA C 338 -20.58 33.98 -7.95
N PHE C 339 -20.34 33.47 -6.75
CA PHE C 339 -21.05 33.92 -5.56
C PHE C 339 -20.81 35.41 -5.32
N TRP C 340 -19.55 35.83 -5.36
CA TRP C 340 -19.20 37.23 -5.06
C TRP C 340 -19.79 38.22 -6.07
N TYR C 341 -19.67 37.89 -7.36
CA TYR C 341 -20.22 38.75 -8.41
C TYR C 341 -21.73 38.93 -8.26
N ALA C 342 -22.39 37.88 -7.77
CA ALA C 342 -23.84 37.90 -7.60
C ALA C 342 -24.24 38.83 -6.47
N VAL C 343 -23.77 38.52 -5.26
CA VAL C 343 -24.13 39.29 -4.07
C VAL C 343 -23.81 40.77 -4.25
N ARG C 344 -22.85 41.09 -5.11
CA ARG C 344 -22.53 42.48 -5.41
C ARG C 344 -23.72 43.16 -6.08
N THR C 345 -24.15 42.60 -7.22
CA THR C 345 -25.28 43.14 -7.98
C THR C 345 -26.50 43.33 -7.08
N ALA C 346 -26.72 42.36 -6.18
CA ALA C 346 -27.84 42.42 -5.25
C ALA C 346 -27.77 43.69 -4.40
N VAL C 347 -26.67 43.85 -3.68
CA VAL C 347 -26.50 44.97 -2.75
C VAL C 347 -26.57 46.32 -3.47
N ILE C 348 -26.07 46.37 -4.70
CA ILE C 348 -26.16 47.59 -5.51
C ILE C 348 -27.62 47.92 -5.82
N ASN C 349 -28.30 46.99 -6.48
CA ASN C 349 -29.67 47.21 -6.94
C ASN C 349 -30.66 47.46 -5.80
N ALA C 350 -30.39 46.86 -4.64
CA ALA C 350 -31.26 47.06 -3.49
C ALA C 350 -31.05 48.44 -2.87
N ALA C 351 -29.84 48.98 -3.02
CA ALA C 351 -29.49 50.27 -2.45
C ALA C 351 -29.86 51.43 -3.38
N SER C 352 -30.03 51.14 -4.66
CA SER C 352 -30.52 52.13 -5.62
C SER C 352 -32.03 52.00 -5.81
N GLY C 353 -32.60 50.92 -5.28
CA GLY C 353 -34.03 50.69 -5.36
C GLY C 353 -34.46 49.93 -6.61
N ARG C 354 -33.51 49.67 -7.50
CA ARG C 354 -33.81 49.01 -8.78
C ARG C 354 -34.35 47.59 -8.58
N GLN C 355 -34.34 47.11 -7.34
CA GLN C 355 -34.97 45.85 -6.97
C GLN C 355 -35.45 45.95 -5.53
N THR C 356 -36.05 44.87 -5.03
CA THR C 356 -36.38 44.77 -3.61
C THR C 356 -35.39 43.82 -2.95
N VAL C 357 -35.31 43.90 -1.62
CA VAL C 357 -34.47 42.99 -0.84
C VAL C 357 -34.81 41.54 -1.16
N ASP C 358 -36.10 41.24 -1.22
CA ASP C 358 -36.56 39.88 -1.45
C ASP C 358 -36.21 39.42 -2.87
N ALA C 359 -36.43 40.30 -3.83
CA ALA C 359 -36.19 40.00 -5.23
C ALA C 359 -34.70 39.87 -5.54
N ALA C 360 -33.91 40.77 -4.97
CA ALA C 360 -32.47 40.83 -5.23
C ALA C 360 -31.76 39.57 -4.74
N LEU C 361 -31.98 39.19 -3.49
CA LEU C 361 -31.36 38.01 -2.92
C LEU C 361 -31.80 36.75 -3.65
N ALA C 362 -32.98 36.81 -4.28
CA ALA C 362 -33.48 35.70 -5.07
C ALA C 362 -32.77 35.65 -6.43
N ALA C 363 -32.54 36.83 -7.01
CA ALA C 363 -31.79 36.93 -8.26
C ALA C 363 -30.34 36.49 -8.05
N ALA C 364 -29.78 36.88 -6.90
CA ALA C 364 -28.40 36.55 -6.56
C ALA C 364 -28.19 35.03 -6.56
N GLN C 365 -28.96 34.34 -5.74
CA GLN C 365 -28.89 32.89 -5.61
C GLN C 365 -28.91 32.19 -6.96
N THR C 366 -29.64 32.79 -7.86
CA THR C 366 -29.76 32.24 -9.18
C THR C 366 -28.55 32.47 -10.05
N ASN C 367 -28.01 33.69 -10.02
CA ASN C 367 -26.85 34.02 -10.85
C ASN C 367 -25.56 33.40 -10.33
N ALA C 368 -25.55 33.03 -9.06
CA ALA C 368 -24.39 32.39 -8.45
C ALA C 368 -24.18 31.00 -9.04
N ALA C 369 -25.29 30.35 -9.41
CA ALA C 369 -25.23 29.02 -10.00
C ALA C 369 -25.07 29.10 -11.51
N ALA C 370 -24.45 28.08 -12.09
CA ALA C 370 -24.26 28.02 -13.54
C ALA C 370 -25.52 27.50 -14.21
N LEU C 371 -26.50 28.39 -14.38
CA LEU C 371 -27.78 28.01 -14.97
C LEU C 371 -27.95 28.60 -16.36
N MET C 372 -28.67 27.88 -17.22
CA MET C 372 -28.90 28.33 -18.59
C MET C 372 -30.33 28.83 -18.77
N ASP C 373 -30.52 29.67 -19.78
CA ASP C 373 -31.84 30.16 -20.18
C ASP C 373 -32.79 28.99 -20.47
N PRO C 374 -34.06 29.09 -20.01
CA PRO C 374 -35.04 28.03 -20.30
C PRO C 374 -35.21 27.72 -21.77
N HIS C 375 -35.26 28.76 -22.60
CA HIS C 375 -35.54 28.58 -24.02
C HIS C 375 -34.40 27.87 -24.73
N ILE C 376 -33.18 28.08 -24.26
CA ILE C 376 -32.01 27.38 -24.80
C ILE C 376 -32.10 25.89 -24.49
N PHE C 377 -32.51 25.55 -23.27
CA PHE C 377 -32.64 24.16 -22.86
C PHE C 377 -33.69 23.40 -23.69
N THR C 378 -34.92 23.92 -23.70
CA THR C 378 -36.02 23.28 -24.38
C THR C 378 -35.71 23.11 -25.87
N SER C 379 -35.08 24.13 -26.43
CA SER C 379 -34.70 24.12 -27.84
C SER C 379 -33.74 22.98 -28.14
N ASN C 380 -32.72 22.83 -27.30
CA ASN C 380 -31.62 21.90 -27.57
C ASN C 380 -31.79 20.48 -26.99
N PHE C 381 -32.64 20.32 -25.99
CA PHE C 381 -32.81 19.00 -25.35
C PHE C 381 -34.09 18.27 -25.78
N ASN C 382 -34.74 18.78 -26.82
CA ASN C 382 -35.89 18.09 -27.39
C ASN C 382 -35.44 16.84 -28.15
N ASN C 383 -35.81 15.66 -27.65
CA ASN C 383 -35.37 14.42 -28.27
C ASN C 383 -35.97 14.15 -29.65
N GLY C 384 -36.85 15.05 -30.10
CA GLY C 384 -37.46 14.93 -31.41
C GLY C 384 -36.82 15.87 -32.41
N ILE C 385 -36.38 17.03 -31.92
CA ILE C 385 -35.79 18.06 -32.77
C ILE C 385 -34.28 18.14 -32.55
N GLY C 386 -33.52 17.94 -33.62
CA GLY C 386 -32.07 18.07 -33.57
C GLY C 386 -31.61 19.47 -33.92
N ARG C 387 -30.45 19.85 -33.38
CA ARG C 387 -29.81 21.11 -33.72
C ARG C 387 -28.36 20.81 -34.07
N HIS C 388 -27.69 21.77 -34.70
CA HIS C 388 -26.29 21.61 -35.06
C HIS C 388 -25.38 21.88 -33.87
N LYS C 389 -25.90 22.63 -32.89
CA LYS C 389 -25.19 22.86 -31.65
C LYS C 389 -25.33 21.65 -30.73
N THR C 390 -24.38 21.48 -29.83
CA THR C 390 -24.47 20.46 -28.79
C THR C 390 -24.24 21.12 -27.43
N TYR C 391 -25.10 20.81 -26.48
CA TYR C 391 -24.93 21.23 -25.10
C TYR C 391 -24.60 20.04 -24.22
N LEU C 392 -23.79 20.28 -23.20
CA LEU C 392 -23.44 19.25 -22.24
C LEU C 392 -23.58 19.82 -20.84
N CYS C 393 -24.48 19.24 -20.05
CA CYS C 393 -24.58 19.56 -18.63
C CYS C 393 -23.79 18.48 -17.91
N TYR C 394 -23.00 18.89 -16.93
CA TYR C 394 -22.17 17.95 -16.20
C TYR C 394 -22.29 18.16 -14.69
N GLU C 395 -22.08 17.08 -13.95
CA GLU C 395 -21.93 17.16 -12.51
C GLU C 395 -20.75 16.28 -12.13
N VAL C 396 -19.83 16.85 -11.35
CA VAL C 396 -18.66 16.13 -10.86
C VAL C 396 -18.85 15.88 -9.36
N GLU C 397 -18.69 14.62 -8.97
CA GLU C 397 -18.93 14.21 -7.59
C GLU C 397 -17.77 13.37 -7.08
N ARG C 398 -17.45 13.52 -5.80
CA ARG C 398 -16.46 12.67 -5.16
C ARG C 398 -17.16 11.49 -4.52
N LEU C 399 -16.58 10.31 -4.67
CA LEU C 399 -17.09 9.12 -4.00
C LEU C 399 -16.43 9.02 -2.62
N ASP C 400 -16.99 9.76 -1.67
CA ASP C 400 -16.54 9.71 -0.28
C ASP C 400 -16.80 8.32 0.32
N SER C 401 -16.47 8.17 1.59
CA SER C 401 -16.60 6.89 2.28
C SER C 401 -17.98 6.26 2.08
N ALA C 402 -18.98 6.78 2.79
CA ALA C 402 -20.33 6.23 2.72
C ALA C 402 -21.05 6.66 1.45
N THR C 403 -21.31 7.96 1.35
CA THR C 403 -22.08 8.51 0.23
C THR C 403 -21.21 9.35 -0.69
N SER C 404 -21.87 10.12 -1.55
CA SER C 404 -21.18 11.00 -2.50
C SER C 404 -21.33 12.45 -2.08
N PHE C 405 -20.63 13.33 -2.78
CA PHE C 405 -20.59 14.74 -2.43
C PHE C 405 -20.08 15.53 -3.63
N SER C 406 -20.87 16.53 -4.05
CA SER C 406 -20.63 17.23 -5.31
C SER C 406 -19.58 18.34 -5.20
N LEU C 407 -18.66 18.35 -6.16
CA LEU C 407 -17.60 19.35 -6.23
C LEU C 407 -17.98 20.48 -7.18
N ASP C 408 -18.55 20.11 -8.33
CA ASP C 408 -18.91 21.09 -9.34
C ASP C 408 -20.05 20.59 -10.21
N PHE C 409 -20.88 21.53 -10.66
CA PHE C 409 -21.81 21.26 -11.76
C PHE C 409 -21.87 22.50 -12.63
N GLY C 410 -22.27 22.31 -13.88
CA GLY C 410 -22.36 23.39 -14.84
C GLY C 410 -22.67 22.84 -16.21
N TYR C 411 -22.67 23.71 -17.21
CA TYR C 411 -22.94 23.30 -18.58
C TYR C 411 -22.02 24.02 -19.55
N LEU C 412 -21.75 23.38 -20.68
CA LEU C 412 -20.99 24.02 -21.75
C LEU C 412 -21.54 23.55 -23.09
N ARG C 413 -21.41 24.40 -24.10
CA ARG C 413 -21.79 24.06 -25.47
C ARG C 413 -20.54 24.07 -26.34
N ASN C 414 -20.64 23.51 -27.53
CA ASN C 414 -19.50 23.47 -28.44
C ASN C 414 -19.09 24.89 -28.83
N LYS C 415 -17.79 25.09 -29.05
CA LYS C 415 -17.24 26.43 -29.20
C LYS C 415 -15.98 26.44 -30.06
N ASN C 416 -16.03 27.24 -31.13
CA ASN C 416 -14.86 27.49 -31.96
C ASN C 416 -14.29 26.24 -32.63
N GLY C 417 -15.16 25.38 -33.12
CA GLY C 417 -14.74 24.15 -33.78
C GLY C 417 -14.48 23.01 -32.82
N CYS C 418 -14.25 23.35 -31.56
CA CYS C 418 -13.99 22.35 -30.53
C CYS C 418 -15.30 21.76 -30.02
N HIS C 419 -15.38 20.43 -29.99
CA HIS C 419 -16.56 19.73 -29.50
C HIS C 419 -16.64 19.77 -27.97
N VAL C 420 -17.84 19.60 -27.44
CA VAL C 420 -18.08 19.71 -26.00
C VAL C 420 -17.36 18.65 -25.18
N GLU C 421 -17.23 17.44 -25.70
CA GLU C 421 -16.58 16.37 -24.97
C GLU C 421 -15.12 16.71 -24.71
N LEU C 422 -14.42 17.14 -25.76
CA LEU C 422 -13.03 17.54 -25.64
C LEU C 422 -12.89 18.74 -24.70
N LEU C 423 -13.86 19.64 -24.75
CA LEU C 423 -13.87 20.79 -23.86
C LEU C 423 -14.00 20.34 -22.41
N PHE C 424 -14.71 19.24 -22.18
CA PHE C 424 -14.85 18.73 -20.82
C PHE C 424 -13.57 18.05 -20.33
N LEU C 425 -12.90 17.33 -21.23
CA LEU C 425 -11.64 16.68 -20.88
C LEU C 425 -10.60 17.72 -20.49
N ARG C 426 -10.56 18.82 -21.23
CA ARG C 426 -9.62 19.90 -20.96
C ARG C 426 -9.89 20.48 -19.58
N TYR C 427 -11.17 20.65 -19.27
CA TYR C 427 -11.60 21.25 -18.01
C TYR C 427 -11.23 20.38 -16.81
N ILE C 428 -11.37 19.06 -16.94
CA ILE C 428 -11.12 18.17 -15.81
C ILE C 428 -9.67 17.72 -15.75
N SER C 429 -8.96 17.81 -16.88
CA SER C 429 -7.53 17.54 -16.89
C SER C 429 -6.78 18.60 -16.10
N ASP C 430 -7.12 19.87 -16.34
CA ASP C 430 -6.46 20.98 -15.67
C ASP C 430 -6.74 20.96 -14.18
N TRP C 431 -7.90 20.43 -13.81
CA TRP C 431 -8.28 20.30 -12.40
C TRP C 431 -7.26 19.40 -11.70
N ASP C 432 -6.82 18.37 -12.41
CA ASP C 432 -5.88 17.38 -11.89
C ASP C 432 -6.35 16.88 -10.52
N LEU C 433 -7.39 16.07 -10.54
CA LEU C 433 -8.01 15.59 -9.30
C LEU C 433 -7.10 14.60 -8.59
N ASP C 434 -7.15 14.63 -7.26
CA ASP C 434 -6.34 13.75 -6.42
C ASP C 434 -6.65 12.28 -6.74
N PRO C 435 -5.69 11.56 -7.36
CA PRO C 435 -5.98 10.16 -7.69
C PRO C 435 -6.15 9.27 -6.47
N GLY C 436 -5.89 9.81 -5.28
CA GLY C 436 -6.07 9.06 -4.05
C GLY C 436 -7.51 8.95 -3.63
N ARG C 437 -8.38 9.75 -4.26
CA ARG C 437 -9.82 9.67 -4.05
C ARG C 437 -10.49 9.18 -5.34
N CYS C 438 -11.78 8.88 -5.25
CA CYS C 438 -12.54 8.40 -6.40
C CYS C 438 -13.64 9.38 -6.73
N TYR C 439 -13.87 9.60 -8.03
CA TYR C 439 -14.91 10.53 -8.48
C TYR C 439 -15.81 9.90 -9.53
N ARG C 440 -17.01 10.44 -9.64
CA ARG C 440 -17.97 10.04 -10.66
C ARG C 440 -18.38 11.27 -11.45
N VAL C 441 -18.29 11.17 -12.78
CA VAL C 441 -18.75 12.25 -13.65
C VAL C 441 -20.05 11.83 -14.32
N THR C 442 -21.00 12.77 -14.37
CA THR C 442 -22.28 12.55 -15.05
C THR C 442 -22.52 13.61 -16.10
N TRP C 443 -22.66 13.19 -17.35
CA TRP C 443 -23.05 14.09 -18.43
C TRP C 443 -24.54 13.96 -18.75
N PHE C 444 -25.14 15.08 -19.14
CA PHE C 444 -26.46 15.09 -19.74
C PHE C 444 -26.35 15.78 -21.09
N THR C 445 -25.95 15.05 -22.13
CA THR C 445 -25.70 15.66 -23.44
C THR C 445 -26.91 15.64 -24.37
N SER C 446 -27.02 16.69 -25.17
CA SER C 446 -28.12 16.82 -26.13
C SER C 446 -27.88 15.96 -27.36
N TRP C 447 -26.63 15.55 -27.57
CA TRP C 447 -26.27 14.59 -28.60
C TRP C 447 -25.36 13.54 -27.99
N SER C 448 -25.20 12.41 -28.66
CA SER C 448 -24.19 11.43 -28.24
C SER C 448 -22.86 11.85 -28.88
N PRO C 449 -21.73 11.41 -28.31
CA PRO C 449 -20.45 11.87 -28.84
C PRO C 449 -20.11 11.30 -30.23
N CYS C 450 -19.35 12.05 -31.01
CA CYS C 450 -18.90 11.58 -32.32
C CYS C 450 -17.85 10.48 -32.14
N TYR C 451 -17.47 9.82 -33.23
CA TYR C 451 -16.56 8.68 -33.14
C TYR C 451 -15.18 9.07 -32.61
N ASP C 452 -14.64 10.17 -33.11
CA ASP C 452 -13.34 10.65 -32.66
C ASP C 452 -13.38 10.98 -31.17
N CYS C 453 -14.41 11.73 -30.77
CA CYS C 453 -14.58 12.10 -29.37
C CYS C 453 -14.80 10.87 -28.49
N ALA C 454 -15.42 9.84 -29.05
CA ALA C 454 -15.63 8.60 -28.31
C ALA C 454 -14.28 7.98 -27.91
N ARG C 455 -13.31 8.04 -28.83
CA ARG C 455 -11.98 7.52 -28.57
C ARG C 455 -11.30 8.30 -27.47
N HIS C 456 -11.32 9.62 -27.60
CA HIS C 456 -10.64 10.51 -26.68
C HIS C 456 -11.15 10.41 -25.24
N VAL C 457 -12.45 10.18 -25.07
CA VAL C 457 -13.02 10.02 -23.73
C VAL C 457 -12.69 8.63 -23.18
N ALA C 458 -12.47 7.66 -24.08
CA ALA C 458 -12.11 6.31 -23.66
C ALA C 458 -10.66 6.27 -23.19
N ASP C 459 -9.78 6.95 -23.92
CA ASP C 459 -8.38 7.05 -23.55
C ASP C 459 -8.23 7.67 -22.18
N PHE C 460 -8.81 8.84 -22.01
CA PHE C 460 -8.74 9.58 -20.76
C PHE C 460 -9.24 8.75 -19.58
N LEU C 461 -10.23 7.90 -19.83
CA LEU C 461 -10.80 7.07 -18.77
C LEU C 461 -9.90 5.90 -18.41
N ARG C 462 -9.12 5.42 -19.37
CA ARG C 462 -8.17 4.33 -19.12
C ARG C 462 -7.00 4.85 -18.29
N GLY C 463 -6.73 6.15 -18.41
CA GLY C 463 -5.65 6.79 -17.69
C GLY C 463 -6.07 7.41 -16.36
N ASN C 464 -7.33 7.18 -15.97
CA ASN C 464 -7.85 7.67 -14.70
C ASN C 464 -8.79 6.65 -14.05
N PRO C 465 -8.27 5.48 -13.67
CA PRO C 465 -9.08 4.40 -13.08
C PRO C 465 -10.00 4.84 -11.95
N ASN C 466 -9.75 5.99 -11.34
CA ASN C 466 -10.57 6.47 -10.23
C ASN C 466 -11.75 7.32 -10.70
N LEU C 467 -12.03 7.29 -12.01
CA LEU C 467 -13.15 8.02 -12.59
C LEU C 467 -14.22 7.09 -13.15
N SER C 468 -15.47 7.33 -12.72
CA SER C 468 -16.63 6.68 -13.29
C SER C 468 -17.38 7.70 -14.15
N LEU C 469 -17.74 7.31 -15.37
CA LEU C 469 -18.48 8.20 -16.26
C LEU C 469 -19.89 7.68 -16.58
N ARG C 470 -20.84 8.59 -16.54
CA ARG C 470 -22.23 8.29 -16.87
C ARG C 470 -22.76 9.28 -17.89
N ILE C 471 -23.03 8.81 -19.09
CA ILE C 471 -23.64 9.63 -20.14
C ILE C 471 -25.14 9.37 -20.21
N PHE C 472 -25.92 10.45 -20.12
CA PHE C 472 -27.35 10.40 -20.41
C PHE C 472 -27.62 11.31 -21.60
N THR C 473 -27.92 10.72 -22.76
CA THR C 473 -28.09 11.49 -23.97
C THR C 473 -29.55 11.69 -24.36
N ALA C 474 -29.85 12.84 -24.96
CA ALA C 474 -31.20 13.16 -25.40
C ALA C 474 -31.46 12.58 -26.78
N ARG C 475 -30.50 12.74 -27.68
CA ARG C 475 -30.60 12.22 -29.03
C ARG C 475 -29.39 11.37 -29.37
N LEU C 476 -29.48 10.59 -30.44
CA LEU C 476 -28.36 9.79 -30.91
C LEU C 476 -27.75 10.40 -32.17
N TYR C 477 -26.47 10.76 -32.08
CA TYR C 477 -25.77 11.37 -33.20
C TYR C 477 -25.20 10.33 -34.17
N PHE C 478 -25.54 10.48 -35.45
CA PHE C 478 -25.03 9.61 -36.52
C PHE C 478 -25.02 8.11 -36.20
N CYS C 479 -26.11 7.60 -35.62
CA CYS C 479 -26.20 6.18 -35.33
C CYS C 479 -26.94 5.41 -36.43
N GLU C 480 -26.23 5.20 -37.54
CA GLU C 480 -26.73 4.43 -38.66
C GLU C 480 -25.76 3.28 -38.90
N ASP C 481 -25.85 2.65 -40.07
CA ASP C 481 -24.98 1.54 -40.42
C ASP C 481 -23.82 2.00 -41.29
N ARG C 482 -24.01 3.12 -41.99
CA ARG C 482 -22.96 3.68 -42.83
C ARG C 482 -22.08 4.65 -42.05
N LYS C 483 -22.41 4.87 -40.79
CA LYS C 483 -21.60 5.70 -39.91
C LYS C 483 -20.84 4.80 -38.94
N ALA C 484 -19.87 5.35 -38.23
CA ALA C 484 -19.10 4.55 -37.28
C ALA C 484 -19.38 4.91 -35.82
N GLU C 485 -20.15 5.98 -35.60
CA GLU C 485 -20.49 6.44 -34.26
C GLU C 485 -20.98 5.34 -33.33
N PRO C 486 -21.76 4.38 -33.84
CA PRO C 486 -22.16 3.27 -32.97
C PRO C 486 -20.96 2.53 -32.35
N GLU C 487 -19.92 2.28 -33.15
CA GLU C 487 -18.75 1.57 -32.66
C GLU C 487 -18.07 2.35 -31.54
N GLY C 488 -18.12 3.67 -31.65
CA GLY C 488 -17.58 4.54 -30.62
C GLY C 488 -18.32 4.36 -29.30
N LEU C 489 -19.64 4.16 -29.38
CA LEU C 489 -20.45 3.97 -28.19
C LEU C 489 -20.17 2.62 -27.56
N ARG C 490 -19.92 1.62 -28.40
CA ARG C 490 -19.55 0.29 -27.91
C ARG C 490 -18.23 0.34 -27.16
N ARG C 491 -17.33 1.21 -27.61
CA ARG C 491 -16.01 1.36 -26.99
C ARG C 491 -16.10 2.06 -25.65
N LEU C 492 -16.88 3.15 -25.58
CA LEU C 492 -17.12 3.84 -24.32
C LEU C 492 -17.69 2.88 -23.30
N HIS C 493 -18.51 1.95 -23.77
CA HIS C 493 -19.14 0.98 -22.90
C HIS C 493 -18.11 0.00 -22.36
N ARG C 494 -17.25 -0.50 -23.24
CA ARG C 494 -16.16 -1.39 -22.84
C ARG C 494 -15.21 -0.66 -21.90
N ALA C 495 -15.02 0.63 -22.14
CA ALA C 495 -14.17 1.47 -21.29
C ALA C 495 -14.74 1.55 -19.87
N GLY C 496 -16.05 1.33 -19.74
CA GLY C 496 -16.72 1.30 -18.45
C GLY C 496 -17.76 2.39 -18.26
N VAL C 497 -18.07 3.10 -19.34
CA VAL C 497 -19.05 4.18 -19.28
C VAL C 497 -20.47 3.65 -19.37
N GLN C 498 -21.36 4.22 -18.57
CA GLN C 498 -22.79 3.87 -18.61
C GLN C 498 -23.53 4.83 -19.54
N ILE C 499 -23.95 4.31 -20.69
CA ILE C 499 -24.72 5.11 -21.65
C ILE C 499 -26.20 4.78 -21.55
N ALA C 500 -27.04 5.81 -21.59
CA ALA C 500 -28.48 5.64 -21.48
C ALA C 500 -29.21 6.82 -22.11
N ILE C 501 -30.39 6.57 -22.66
CA ILE C 501 -31.21 7.63 -23.24
C ILE C 501 -31.96 8.37 -22.13
N MET C 502 -32.05 9.68 -22.24
CA MET C 502 -32.77 10.48 -21.25
C MET C 502 -34.26 10.16 -21.28
N THR C 503 -34.80 9.87 -20.09
CA THR C 503 -36.22 9.64 -19.91
C THR C 503 -36.77 10.84 -19.17
N PHE C 504 -38.07 10.84 -18.88
CA PHE C 504 -38.69 11.99 -18.25
C PHE C 504 -38.03 12.31 -16.92
N LYS C 505 -37.66 11.27 -16.17
CA LYS C 505 -37.01 11.45 -14.89
C LYS C 505 -35.71 12.25 -15.07
N ASP C 506 -35.04 12.01 -16.20
CA ASP C 506 -33.77 12.67 -16.50
C ASP C 506 -33.96 14.15 -16.87
N TYR C 507 -34.90 14.42 -17.77
CA TYR C 507 -35.15 15.81 -18.18
C TYR C 507 -35.63 16.62 -16.99
N PHE C 508 -36.47 16.00 -16.15
CA PHE C 508 -37.02 16.66 -14.98
C PHE C 508 -35.91 17.05 -14.00
N TYR C 509 -34.90 16.19 -13.89
CA TYR C 509 -33.76 16.46 -13.02
C TYR C 509 -32.94 17.62 -13.58
N CYS C 510 -32.62 17.56 -14.87
CA CYS C 510 -31.87 18.62 -15.53
C CYS C 510 -32.59 19.95 -15.44
N TRP C 511 -33.91 19.92 -15.52
CA TRP C 511 -34.70 21.15 -15.51
C TRP C 511 -34.60 21.86 -14.16
N ASN C 512 -34.49 21.08 -13.10
CA ASN C 512 -34.39 21.62 -11.75
C ASN C 512 -32.96 21.99 -11.40
N THR C 513 -32.01 21.27 -11.97
CA THR C 513 -30.60 21.41 -11.62
C THR C 513 -29.86 22.47 -12.45
N PHE C 514 -29.90 22.32 -13.77
CA PHE C 514 -29.06 23.12 -14.66
C PHE C 514 -29.75 24.31 -15.32
N VAL C 515 -31.04 24.50 -15.06
CA VAL C 515 -31.82 25.50 -15.79
C VAL C 515 -32.33 26.61 -14.90
N GLU C 516 -32.33 27.83 -15.44
CA GLU C 516 -32.86 29.00 -14.76
C GLU C 516 -34.37 29.09 -15.04
N ASN C 517 -35.14 28.29 -14.33
CA ASN C 517 -36.54 28.03 -14.69
C ASN C 517 -37.58 28.96 -14.08
N HIS C 518 -37.16 29.85 -13.18
CA HIS C 518 -38.07 30.75 -12.50
C HIS C 518 -39.14 29.96 -11.74
N GLU C 519 -38.71 28.88 -11.11
CA GLU C 519 -39.57 28.03 -10.29
C GLU C 519 -40.68 27.31 -11.05
N ARG C 520 -40.83 27.62 -12.35
CA ARG C 520 -41.85 26.97 -13.16
C ARG C 520 -41.62 25.47 -13.22
N THR C 521 -42.65 24.74 -13.66
CA THR C 521 -42.62 23.30 -13.70
C THR C 521 -42.11 22.83 -15.06
N PHE C 522 -41.46 21.67 -15.08
CA PHE C 522 -41.08 21.06 -16.35
C PHE C 522 -42.31 20.46 -16.99
N LYS C 523 -42.61 20.90 -18.21
CA LYS C 523 -43.71 20.34 -19.00
C LYS C 523 -43.13 19.59 -20.18
N ALA C 524 -43.31 18.28 -20.19
CA ALA C 524 -42.84 17.46 -21.30
C ALA C 524 -43.42 17.96 -22.61
N TRP C 525 -42.68 17.74 -23.70
CA TRP C 525 -43.11 18.18 -25.03
C TRP C 525 -43.84 17.05 -25.74
N GLU C 526 -44.51 17.38 -26.84
CA GLU C 526 -45.20 16.39 -27.63
C GLU C 526 -44.22 15.34 -28.15
N GLY C 527 -44.36 14.11 -27.67
CA GLY C 527 -43.60 12.99 -28.19
C GLY C 527 -42.37 12.63 -27.38
N LEU C 528 -42.24 13.20 -26.19
CA LEU C 528 -41.07 12.94 -25.35
C LEU C 528 -40.95 11.45 -25.06
N HIS C 529 -41.96 10.87 -24.41
CA HIS C 529 -41.91 9.46 -24.02
C HIS C 529 -41.73 8.56 -25.24
N GLU C 530 -42.39 8.90 -26.35
CA GLU C 530 -42.31 8.09 -27.56
C GLU C 530 -40.88 8.07 -28.11
N ASN C 531 -40.33 9.26 -28.33
CA ASN C 531 -38.95 9.38 -28.83
C ASN C 531 -37.96 8.69 -27.90
N SER C 532 -38.18 8.85 -26.60
CA SER C 532 -37.32 8.24 -25.59
C SER C 532 -37.33 6.72 -25.70
N VAL C 533 -38.53 6.15 -25.75
CA VAL C 533 -38.70 4.70 -25.89
C VAL C 533 -38.04 4.19 -27.17
N ARG C 534 -38.25 4.92 -28.27
CA ARG C 534 -37.71 4.53 -29.57
C ARG C 534 -36.19 4.43 -29.50
N LEU C 535 -35.57 5.52 -29.06
CA LEU C 535 -34.12 5.65 -29.04
C LEU C 535 -33.45 4.62 -28.15
N SER C 536 -34.08 4.27 -27.03
CA SER C 536 -33.54 3.26 -26.13
C SER C 536 -33.37 1.95 -26.89
N ARG C 537 -34.36 1.62 -27.71
CA ARG C 537 -34.32 0.41 -28.52
C ARG C 537 -33.10 0.43 -29.44
N GLN C 538 -32.90 1.56 -30.11
CA GLN C 538 -31.77 1.73 -31.02
C GLN C 538 -30.46 1.50 -30.28
N LEU C 539 -30.28 2.20 -29.17
CA LEU C 539 -29.07 2.10 -28.36
C LEU C 539 -28.87 0.69 -27.80
N ARG C 540 -29.96 0.06 -27.40
CA ARG C 540 -29.91 -1.29 -26.83
C ARG C 540 -29.34 -2.24 -27.87
N ARG C 541 -29.79 -2.09 -29.12
CA ARG C 541 -29.35 -2.95 -30.21
C ARG C 541 -27.87 -2.73 -30.50
N ILE C 542 -27.43 -1.49 -30.34
CA ILE C 542 -26.03 -1.13 -30.58
C ILE C 542 -25.08 -1.78 -29.58
N LEU C 543 -25.41 -1.71 -28.30
CA LEU C 543 -24.53 -2.19 -27.26
C LEU C 543 -24.63 -3.70 -27.02
N LEU C 544 -25.48 -4.37 -27.79
CA LEU C 544 -25.64 -5.82 -27.67
C LEU C 544 -24.30 -6.51 -27.94
N PRO C 545 -23.87 -7.40 -27.01
CA PRO C 545 -22.53 -7.97 -27.11
C PRO C 545 -22.35 -8.87 -28.33
#